data_9NFR
#
_entry.id   9NFR
#
_cell.length_a   143.599
_cell.length_b   143.599
_cell.length_c   367.636
_cell.angle_alpha   90.000
_cell.angle_beta   90.000
_cell.angle_gamma   120.000
#
_symmetry.space_group_name_H-M   'P 61 2 2'
#
loop_
_entity.id
_entity.type
_entity.pdbx_description
1 polymer 'DNA damage-binding protein 1'
2 polymer 'Protein cereblon'
3 polymer 'Proto-oncogene vav'
4 non-polymer 'ZINC ION'
5 non-polymer "(3R)-3-{2-chloro-4'-[(1-methyl-1H-pyrazol-3-yl)methoxy][1,1'-biphenyl]-3-yl}piperidine-2,6-dione"
#
loop_
_entity_poly.entity_id
_entity_poly.type
_entity_poly.pdbx_seq_one_letter_code
_entity_poly.pdbx_strand_id
1 'polypeptide(L)'
;MSYNYVVTAQKPTAVNGCVTGHFTSAEDLNLLIAKNTRLEIYVVTAEGLRPVKEVGMYGKIAVMELFRPKGESKDLLFIL
TAKYNACILEYKQSGESIDIITRAHGNVQDRIGRPSETGIIGIIDPECRMIGLRLYDGLFKVIPLDRDNKELKAFNIRLE
ELHVIDVKFLYGCQAPTICFVYQDPQGRHVKTYEVSLREKEFNKGPWKQENVEAEASMVIAVPEPFGGAIIIGQESITYH
NGDKYLAIAPPIIKQSTIVCHNRVDPNGSRYLLGDMEGRLFMLLLEKEEQMDGTVTLKDLRVELLGETSIAECLTYLDNG
VVFVGSRLGDSQLVKLNVDSNEQGSYVVAMETFTNLGPIVDMCVVDLERQGQGQLVTCSGAFKEGSLRIIRNGIGIHEHA
SIDLPGIKGLWPLRSDPNRETDDTLVLSFVGQTRVLMLNGEEVEETELMGFVDDQQTFFCGNVAHQQLIQITSASVRLVS
QEPKALVSEWKEPQAKNISVASCNSSQVVVAVGRALYYLQIHPQELRQISHTEMEHEVACLDITPLGDSNGLSPLCAIGL
WTDISARILKLPSFELLHKEMLGGEIIPRSILMTTFESSHYLLCALGDGALFYFGLNIETGLLSDRKKVTLGTQPTVLRT
FRSLSTTNVFACSDRPTVIYSSNHKLVFSNVNLKEVNYMCPLNSDGYPDSLALANNSTLTIGTIDEIQKLHIRTVPLYES
PRKICYQEVSQCFGVLSSRIEVQDTSGGTTALRPSASTQALSSSVSSSKLFSSSTAPHETSFGEEVEVHNLLIIDQHTFE
VLHAHQFLQNEYALSLVSCKLGKDPNTYFIVGTAMVYPEEAEPKQGRIVVFQYSDGKLQTVAEKEVKGAVYSMVEFNGKL
LASINSTVRLYEWTTEKELRTECNHYNNIMALYLKTKGDFILVGDLMRSVLLLAYKPMEGNFEEIARDFNPNWMSAVEIL
DDDNFLGAENAFNLFVCQKDSAATTDEERQHLQEVGLFHLGEFVNVFCHGSLVMQNLGETSTPTQGSVLFGTVNGMIGLV
TSLSESWYNLLLDMQNRLNKVIKSVGKIEHSFWRSFHTERKTEPATGFIDGDLIESFLDISRPKMQEVVANLQYDDGSGM
KREATADDLIKVVEELTRIH
;
A
2 'polypeptide(L)'
;MAGEGDQQDAAHNMGNHLPLLPAESEEEDEMEVEDQDSKEAKKPNIINFDTSLPTSHTYLGADMEEFHGRTLHDDDSCQV
IPVLPQVMMILIPGQTLPLQLFHPQEVSMVRNLIQKDRTFAVLAYSNVQEREAQFGTTAEIYAYREEQDFGIEIVKVKAI
GRQRFKVLELRTQSDGIQQAKVQILPECVLPSTMSAVQLESLNKCQIFPSKPVSREDQCSYKWWQKYQKRKFHCANLTSW
PRWLYSLYDAETLMDRIKKQLREWDENLKDDSLPSNPIDFSYRVAACLPIDDVLRIQLLKIGSAIQRLRCELDIMNKCTS
LCCKQCQETEITTKNEIFSLSLCGPMAAYVNPHGYVHETLTVYKACNLNLIGRPSTEHSWFPGYAWTVAQCKICASHIGW
KFTATKKDMSPQKFWGLTRSALLPTIPDTEDEISPDKVILCL
;
B
3 'polypeptide(L)' GKYFGTAKARYDFCARDRSELSLKEGDIIKILNKKGQQGWWRGEIYGRVGWFPANYVEE C
#
# COMPACT_ATOMS: atom_id res chain seq x y z
N SER A 2 -0.99 16.18 -18.41
CA SER A 2 -0.37 15.20 -17.53
C SER A 2 0.24 14.08 -18.38
N TYR A 3 -0.54 13.02 -18.70
CA TYR A 3 -0.13 11.87 -19.47
C TYR A 3 1.12 11.24 -18.86
N ASN A 4 0.93 10.20 -18.03
CA ASN A 4 2.04 9.54 -17.35
C ASN A 4 2.09 8.05 -17.68
N TYR A 5 3.29 7.46 -17.67
CA TYR A 5 3.52 6.04 -17.97
C TYR A 5 4.04 5.39 -16.70
N VAL A 6 3.46 4.25 -16.31
CA VAL A 6 3.84 3.59 -15.05
C VAL A 6 4.12 2.09 -15.27
N VAL A 7 5.33 1.65 -14.90
CA VAL A 7 5.76 0.26 -15.09
C VAL A 7 6.36 -0.30 -13.79
N THR A 8 6.32 -1.63 -13.62
CA THR A 8 6.82 -2.31 -12.42
C THR A 8 8.31 -2.65 -12.57
N ALA A 9 9.16 -2.04 -11.74
CA ALA A 9 10.60 -2.31 -11.74
C ALA A 9 10.91 -3.61 -10.98
N GLN A 10 10.19 -3.88 -9.88
CA GLN A 10 10.36 -5.10 -9.08
C GLN A 10 8.97 -5.59 -8.68
N LYS A 11 8.63 -6.84 -9.03
CA LYS A 11 7.32 -7.43 -8.73
C LYS A 11 7.06 -7.51 -7.19
N PRO A 12 5.78 -7.51 -6.71
CA PRO A 12 5.58 -7.61 -5.25
C PRO A 12 6.15 -8.90 -4.69
N THR A 13 6.88 -8.80 -3.59
CA THR A 13 7.54 -9.95 -2.98
C THR A 13 6.82 -10.47 -1.73
N ALA A 14 6.01 -9.63 -1.06
CA ALA A 14 5.31 -10.05 0.15
C ALA A 14 4.30 -11.15 -0.17
N VAL A 15 4.25 -12.19 0.67
CA VAL A 15 3.37 -13.34 0.50
C VAL A 15 2.08 -13.15 1.30
N ASN A 16 0.91 -13.29 0.66
CA ASN A 16 -0.38 -13.14 1.33
C ASN A 16 -1.30 -14.34 1.04
N GLY A 17 -0.78 -15.52 1.27
CA GLY A 17 -1.51 -16.77 1.05
C GLY A 17 -0.65 -17.85 0.44
N CYS A 18 -0.72 -19.07 0.99
CA CYS A 18 0.02 -20.22 0.48
C CYS A 18 -0.76 -21.51 0.79
N VAL A 19 -0.91 -22.39 -0.23
CA VAL A 19 -1.65 -23.66 -0.11
C VAL A 19 -0.85 -24.83 -0.71
N THR A 20 -1.16 -26.06 -0.27
CA THR A 20 -0.53 -27.28 -0.76
C THR A 20 -1.64 -28.19 -1.31
N GLY A 21 -1.35 -28.85 -2.42
CA GLY A 21 -2.29 -29.76 -3.05
C GLY A 21 -1.69 -30.46 -4.25
N HIS A 22 -2.52 -30.76 -5.25
CA HIS A 22 -2.09 -31.44 -6.47
C HIS A 22 -2.70 -30.74 -7.67
N PHE A 23 -2.37 -29.46 -7.83
CA PHE A 23 -2.89 -28.62 -8.90
C PHE A 23 -2.35 -28.97 -10.30
N THR A 24 -1.04 -29.22 -10.42
CA THR A 24 -0.44 -29.52 -11.72
C THR A 24 -0.73 -30.96 -12.18
N SER A 25 -0.47 -31.93 -11.30
CA SER A 25 -0.69 -33.35 -11.58
C SER A 25 -1.20 -34.04 -10.32
N ALA A 26 -1.91 -35.16 -10.47
CA ALA A 26 -2.45 -35.90 -9.34
C ALA A 26 -1.36 -36.45 -8.41
N GLU A 27 -0.14 -36.67 -8.92
CA GLU A 27 0.98 -37.21 -8.15
C GLU A 27 1.89 -36.12 -7.59
N ASP A 28 2.10 -35.03 -8.35
CA ASP A 28 2.98 -33.94 -7.93
C ASP A 28 2.43 -33.13 -6.76
N LEU A 29 3.16 -33.10 -5.62
CA LEU A 29 2.74 -32.29 -4.48
C LEU A 29 3.15 -30.86 -4.82
N ASN A 30 2.19 -29.94 -4.86
CA ASN A 30 2.46 -28.55 -5.24
C ASN A 30 2.38 -27.58 -4.07
N LEU A 31 2.98 -26.39 -4.26
CA LEU A 31 2.94 -25.28 -3.32
C LEU A 31 2.56 -24.06 -4.16
N LEU A 32 1.42 -23.43 -3.85
CA LEU A 32 0.99 -22.22 -4.55
C LEU A 32 1.17 -21.04 -3.63
N ILE A 33 1.74 -19.95 -4.14
CA ILE A 33 2.02 -18.74 -3.35
C ILE A 33 1.34 -17.56 -4.03
N ALA A 34 0.67 -16.69 -3.24
CA ALA A 34 -0.01 -15.50 -3.75
C ALA A 34 0.79 -14.25 -3.39
N LYS A 35 1.57 -13.71 -4.34
CA LYS A 35 2.35 -12.49 -4.12
C LYS A 35 1.52 -11.30 -4.61
N ASN A 36 0.40 -11.04 -3.91
CA ASN A 36 -0.54 -9.95 -4.18
C ASN A 36 -1.19 -10.05 -5.59
N THR A 37 -0.62 -9.44 -6.66
CA THR A 37 -1.19 -9.54 -8.01
C THR A 37 -0.46 -10.59 -8.86
N ARG A 38 0.15 -11.61 -8.22
CA ARG A 38 0.91 -12.65 -8.90
C ARG A 38 0.68 -14.00 -8.24
N LEU A 39 0.73 -15.08 -9.03
CA LEU A 39 0.54 -16.43 -8.55
C LEU A 39 1.74 -17.29 -8.93
N GLU A 40 2.40 -17.91 -7.94
CA GLU A 40 3.57 -18.75 -8.16
C GLU A 40 3.19 -20.22 -7.97
N ILE A 41 3.63 -21.09 -8.88
CA ILE A 41 3.37 -22.53 -8.86
C ILE A 41 4.71 -23.27 -8.76
N TYR A 42 4.84 -24.13 -7.73
CA TYR A 42 6.06 -24.90 -7.46
C TYR A 42 5.73 -26.39 -7.23
N VAL A 43 6.76 -27.27 -7.28
CA VAL A 43 6.61 -28.70 -7.00
C VAL A 43 7.55 -29.05 -5.84
N VAL A 44 7.04 -29.78 -4.84
CA VAL A 44 7.83 -30.17 -3.66
C VAL A 44 8.72 -31.37 -4.00
N THR A 45 10.05 -31.16 -3.94
CA THR A 45 11.07 -32.18 -4.20
C THR A 45 12.00 -32.27 -2.96
N ALA A 46 12.83 -33.32 -2.89
CA ALA A 46 13.77 -33.50 -1.78
C ALA A 46 14.76 -32.32 -1.68
N GLU A 47 15.11 -31.68 -2.81
CA GLU A 47 16.02 -30.55 -2.82
C GLU A 47 15.31 -29.29 -2.30
N GLY A 48 14.11 -29.02 -2.81
CA GLY A 48 13.34 -27.86 -2.39
C GLY A 48 12.07 -27.67 -3.20
N LEU A 49 12.03 -26.60 -4.04
CA LEU A 49 10.87 -26.30 -4.88
C LEU A 49 11.29 -26.05 -6.32
N ARG A 50 10.70 -26.79 -7.26
CA ARG A 50 10.98 -26.62 -8.69
C ARG A 50 9.98 -25.58 -9.25
N PRO A 51 10.41 -24.38 -9.69
CA PRO A 51 9.43 -23.44 -10.27
C PRO A 51 8.90 -23.92 -11.61
N VAL A 52 7.57 -23.91 -11.77
CA VAL A 52 6.91 -24.40 -12.98
C VAL A 52 6.23 -23.27 -13.75
N LYS A 53 5.35 -22.50 -13.09
CA LYS A 53 4.65 -21.41 -13.76
C LYS A 53 4.40 -20.25 -12.80
N GLU A 54 4.38 -19.03 -13.35
CA GLU A 54 4.13 -17.80 -12.61
C GLU A 54 3.24 -16.96 -13.51
N VAL A 55 2.04 -16.59 -13.04
CA VAL A 55 1.10 -15.83 -13.88
C VAL A 55 0.67 -14.51 -13.24
N GLY A 56 0.32 -13.56 -14.10
CA GLY A 56 -0.13 -12.24 -13.68
C GLY A 56 -1.63 -12.16 -13.54
N MET A 57 -2.12 -12.06 -12.30
CA MET A 57 -3.54 -11.96 -12.02
C MET A 57 -3.94 -10.49 -12.02
N TYR A 58 -5.09 -10.18 -12.62
CA TYR A 58 -5.60 -8.81 -12.73
C TYR A 58 -6.44 -8.46 -11.49
N GLY A 59 -5.82 -8.55 -10.33
CA GLY A 59 -6.48 -8.25 -9.07
C GLY A 59 -5.70 -8.76 -7.86
N LYS A 60 -5.84 -8.09 -6.72
CA LYS A 60 -5.17 -8.51 -5.50
C LYS A 60 -5.83 -9.78 -5.01
N ILE A 61 -5.10 -10.90 -4.94
CA ILE A 61 -5.68 -12.17 -4.53
C ILE A 61 -6.12 -12.12 -3.06
N ALA A 62 -7.44 -12.06 -2.82
CA ALA A 62 -8.01 -12.02 -1.47
C ALA A 62 -8.14 -13.43 -0.88
N VAL A 63 -8.65 -14.40 -1.68
CA VAL A 63 -8.79 -15.79 -1.25
C VAL A 63 -8.15 -16.71 -2.30
N MET A 64 -7.52 -17.80 -1.84
CA MET A 64 -6.87 -18.78 -2.70
C MET A 64 -7.05 -20.15 -2.05
N GLU A 65 -7.73 -21.09 -2.74
CA GLU A 65 -8.01 -22.42 -2.20
C GLU A 65 -8.06 -23.48 -3.31
N LEU A 66 -7.68 -24.72 -2.98
CA LEU A 66 -7.69 -25.85 -3.92
C LEU A 66 -8.78 -26.85 -3.54
N PHE A 67 -9.34 -27.54 -4.54
CA PHE A 67 -10.41 -28.52 -4.33
C PHE A 67 -10.55 -29.45 -5.56
N ARG A 68 -10.96 -30.72 -5.34
CA ARG A 68 -11.16 -31.67 -6.44
C ARG A 68 -12.56 -32.32 -6.37
N PRO A 69 -13.57 -31.81 -7.10
CA PRO A 69 -14.91 -32.43 -7.04
C PRO A 69 -15.05 -33.75 -7.82
N LYS A 70 -16.25 -34.35 -7.82
CA LYS A 70 -16.55 -35.59 -8.55
C LYS A 70 -16.19 -35.43 -10.04
N GLY A 71 -15.60 -36.48 -10.62
CA GLY A 71 -15.22 -36.48 -12.02
C GLY A 71 -14.11 -35.51 -12.37
N GLU A 72 -13.09 -35.39 -11.51
CA GLU A 72 -11.95 -34.51 -11.75
C GLU A 72 -10.67 -35.24 -11.34
N SER A 73 -9.73 -35.37 -12.29
CA SER A 73 -8.47 -36.08 -12.07
C SER A 73 -7.49 -35.33 -11.16
N LYS A 74 -7.51 -33.99 -11.17
CA LYS A 74 -6.59 -33.19 -10.36
C LYS A 74 -7.27 -31.96 -9.75
N ASP A 75 -6.62 -31.32 -8.77
CA ASP A 75 -7.16 -30.15 -8.08
C ASP A 75 -7.39 -28.94 -8.98
N LEU A 76 -8.50 -28.22 -8.73
CA LEU A 76 -8.86 -26.99 -9.41
C LEU A 76 -8.64 -25.84 -8.41
N LEU A 77 -8.19 -24.68 -8.89
CA LEU A 77 -7.88 -23.56 -8.02
C LEU A 77 -8.92 -22.46 -8.06
N PHE A 78 -9.55 -22.18 -6.90
CA PHE A 78 -10.53 -21.10 -6.78
C PHE A 78 -9.77 -19.86 -6.28
N ILE A 79 -9.96 -18.71 -6.94
CA ILE A 79 -9.34 -17.45 -6.53
C ILE A 79 -10.39 -16.34 -6.65
N LEU A 80 -10.44 -15.47 -5.63
CA LEU A 80 -11.33 -14.31 -5.58
C LEU A 80 -10.44 -13.09 -5.32
N THR A 81 -10.63 -12.00 -6.09
CA THR A 81 -9.80 -10.80 -5.97
C THR A 81 -10.49 -9.69 -5.15
N ALA A 82 -9.76 -8.59 -4.81
CA ALA A 82 -10.28 -7.45 -4.07
C ALA A 82 -11.51 -6.83 -4.72
N LYS A 83 -11.58 -6.81 -6.07
CA LYS A 83 -12.75 -6.30 -6.79
C LYS A 83 -13.85 -7.38 -7.00
N TYR A 84 -13.84 -8.45 -6.16
CA TYR A 84 -14.80 -9.55 -6.14
C TYR A 84 -14.93 -10.29 -7.47
N ASN A 85 -13.79 -10.71 -8.06
CA ASN A 85 -13.78 -11.47 -9.31
C ASN A 85 -13.51 -12.94 -9.02
N ALA A 86 -14.56 -13.76 -8.94
CA ALA A 86 -14.43 -15.19 -8.68
C ALA A 86 -13.95 -15.93 -9.93
N CYS A 87 -13.19 -17.02 -9.75
CA CYS A 87 -12.68 -17.81 -10.87
C CYS A 87 -12.25 -19.22 -10.44
N ILE A 88 -12.40 -20.20 -11.34
CA ILE A 88 -11.98 -21.58 -11.14
C ILE A 88 -10.98 -21.84 -12.26
N LEU A 89 -9.69 -21.95 -11.92
CA LEU A 89 -8.63 -22.11 -12.91
C LEU A 89 -8.17 -23.56 -12.99
N GLU A 90 -7.84 -24.02 -14.21
CA GLU A 90 -7.36 -25.37 -14.46
C GLU A 90 -5.97 -25.31 -15.11
N TYR A 91 -5.04 -26.12 -14.58
CA TYR A 91 -3.69 -26.24 -15.11
C TYR A 91 -3.73 -27.27 -16.23
N LYS A 92 -3.15 -26.96 -17.40
CA LYS A 92 -3.13 -27.91 -18.52
C LYS A 92 -1.80 -27.81 -19.27
N GLN A 93 -0.89 -28.77 -19.03
CA GLN A 93 0.42 -28.81 -19.67
C GLN A 93 0.39 -29.77 -20.85
N SER A 94 0.51 -29.24 -22.07
CA SER A 94 0.53 -30.04 -23.30
C SER A 94 1.97 -30.02 -23.83
N GLY A 95 2.75 -31.02 -23.46
CA GLY A 95 4.14 -31.12 -23.86
C GLY A 95 4.99 -30.13 -23.10
N GLU A 96 5.97 -29.50 -23.77
CA GLU A 96 6.82 -28.50 -23.10
C GLU A 96 6.15 -27.11 -22.97
N SER A 97 4.88 -26.96 -23.40
CA SER A 97 4.11 -25.72 -23.30
C SER A 97 3.11 -25.80 -22.14
N ILE A 98 3.08 -24.77 -21.27
CA ILE A 98 2.19 -24.73 -20.11
C ILE A 98 1.14 -23.63 -20.31
N ASP A 99 -0.12 -23.91 -19.93
CA ASP A 99 -1.22 -22.96 -20.07
C ASP A 99 -2.18 -23.06 -18.88
N ILE A 100 -2.63 -21.90 -18.37
CA ILE A 100 -3.59 -21.81 -17.27
C ILE A 100 -4.91 -21.39 -17.93
N ILE A 101 -5.91 -22.28 -17.97
CA ILE A 101 -7.19 -21.98 -18.61
C ILE A 101 -8.29 -21.72 -17.58
N THR A 102 -9.28 -20.91 -17.94
CA THR A 102 -10.37 -20.53 -17.05
C THR A 102 -11.57 -21.45 -17.26
N ARG A 103 -11.89 -22.29 -16.26
CA ARG A 103 -13.05 -23.19 -16.33
C ARG A 103 -14.34 -22.39 -16.14
N ALA A 104 -14.36 -21.48 -15.15
CA ALA A 104 -15.53 -20.65 -14.85
C ALA A 104 -15.10 -19.30 -14.30
N HIS A 105 -15.85 -18.23 -14.63
CA HIS A 105 -15.53 -16.89 -14.14
C HIS A 105 -16.79 -16.03 -13.95
N GLY A 106 -16.74 -15.08 -13.04
CA GLY A 106 -17.87 -14.20 -12.77
C GLY A 106 -17.58 -13.22 -11.66
N ASN A 107 -18.17 -12.02 -11.74
CA ASN A 107 -18.01 -10.98 -10.73
C ASN A 107 -19.12 -11.14 -9.69
N VAL A 108 -18.77 -11.30 -8.41
CA VAL A 108 -19.73 -11.53 -7.33
C VAL A 108 -19.95 -10.28 -6.46
N GLN A 109 -19.77 -9.08 -7.03
CA GLN A 109 -19.95 -7.83 -6.29
C GLN A 109 -21.44 -7.50 -6.18
N ASP A 110 -21.92 -7.17 -4.98
CA ASP A 110 -23.32 -6.82 -4.76
C ASP A 110 -23.65 -5.42 -5.30
N ARG A 111 -24.95 -5.13 -5.50
CA ARG A 111 -25.39 -3.82 -6.00
C ARG A 111 -25.10 -2.78 -4.89
N ILE A 112 -25.55 -3.06 -3.65
CA ILE A 112 -25.35 -2.21 -2.49
C ILE A 112 -24.87 -3.12 -1.35
N GLY A 113 -23.70 -2.83 -0.79
CA GLY A 113 -23.15 -3.61 0.30
C GLY A 113 -22.05 -2.90 1.04
N ARG A 114 -22.02 -3.05 2.37
CA ARG A 114 -21.01 -2.45 3.24
C ARG A 114 -19.92 -3.50 3.50
N PRO A 115 -18.67 -3.37 2.98
CA PRO A 115 -17.67 -4.42 3.24
C PRO A 115 -17.41 -4.66 4.72
N SER A 116 -17.28 -5.94 5.10
CA SER A 116 -17.10 -6.32 6.49
C SER A 116 -15.77 -5.86 7.08
N GLU A 117 -15.73 -5.69 8.41
CA GLU A 117 -14.53 -5.25 9.14
C GLU A 117 -13.40 -6.27 9.06
N THR A 118 -13.73 -7.56 9.14
CA THR A 118 -12.71 -8.62 9.08
C THR A 118 -12.45 -9.08 7.64
N GLY A 119 -12.45 -8.15 6.69
CA GLY A 119 -12.18 -8.41 5.28
C GLY A 119 -13.08 -9.42 4.61
N ILE A 120 -12.52 -10.16 3.65
CA ILE A 120 -13.22 -11.18 2.87
C ILE A 120 -12.78 -12.55 3.39
N ILE A 121 -13.73 -13.44 3.72
CA ILE A 121 -13.42 -14.80 4.18
C ILE A 121 -14.12 -15.77 3.22
N GLY A 122 -13.33 -16.55 2.49
CA GLY A 122 -13.85 -17.55 1.56
C GLY A 122 -13.38 -18.93 1.94
N ILE A 123 -14.31 -19.90 1.98
CA ILE A 123 -14.05 -21.28 2.41
C ILE A 123 -14.81 -22.28 1.51
N ILE A 124 -14.23 -23.48 1.32
CA ILE A 124 -14.83 -24.52 0.46
C ILE A 124 -15.25 -25.73 1.30
N ASP A 125 -16.38 -26.34 0.93
CA ASP A 125 -16.94 -27.53 1.61
C ASP A 125 -16.02 -28.76 1.38
N PRO A 126 -15.85 -29.70 2.34
CA PRO A 126 -14.97 -30.86 2.08
C PRO A 126 -15.33 -31.70 0.85
N GLU A 127 -16.62 -32.00 0.64
CA GLU A 127 -17.06 -32.77 -0.52
C GLU A 127 -17.11 -31.93 -1.83
N CYS A 128 -16.62 -30.66 -1.80
CA CYS A 128 -16.61 -29.74 -2.94
C CYS A 128 -18.02 -29.50 -3.47
N ARG A 129 -18.97 -29.28 -2.56
CA ARG A 129 -20.38 -29.06 -2.92
C ARG A 129 -20.72 -27.58 -3.06
N MET A 130 -19.97 -26.68 -2.39
CA MET A 130 -20.26 -25.24 -2.43
C MET A 130 -19.09 -24.39 -1.93
N ILE A 131 -19.11 -23.08 -2.26
CA ILE A 131 -18.10 -22.12 -1.80
C ILE A 131 -18.83 -21.07 -0.96
N GLY A 132 -18.46 -20.98 0.32
CA GLY A 132 -19.05 -20.02 1.24
C GLY A 132 -18.22 -18.77 1.38
N LEU A 133 -18.72 -17.63 0.87
CA LEU A 133 -18.03 -16.35 0.96
C LEU A 133 -18.71 -15.44 1.98
N ARG A 134 -17.92 -14.54 2.59
CA ARG A 134 -18.40 -13.57 3.57
C ARG A 134 -17.77 -12.24 3.16
N LEU A 135 -18.39 -11.56 2.19
CA LEU A 135 -17.88 -10.31 1.66
C LEU A 135 -18.37 -9.11 2.46
N TYR A 136 -19.68 -9.08 2.79
CA TYR A 136 -20.32 -7.97 3.49
C TYR A 136 -20.88 -8.39 4.86
N ASP A 137 -21.16 -7.41 5.73
CA ASP A 137 -21.69 -7.67 7.06
C ASP A 137 -23.11 -8.23 7.02
N GLY A 138 -23.33 -9.36 7.70
CA GLY A 138 -24.63 -9.99 7.75
C GLY A 138 -25.12 -10.65 6.47
N LEU A 139 -24.22 -10.85 5.49
CA LEU A 139 -24.58 -11.47 4.20
C LEU A 139 -23.55 -12.55 3.84
N PHE A 140 -23.99 -13.82 3.81
CA PHE A 140 -23.15 -14.96 3.50
C PHE A 140 -23.53 -15.53 2.13
N LYS A 141 -22.71 -15.26 1.10
CA LYS A 141 -22.97 -15.71 -0.26
C LYS A 141 -22.46 -17.13 -0.49
N VAL A 142 -23.21 -17.95 -1.25
CA VAL A 142 -22.86 -19.33 -1.54
C VAL A 142 -22.88 -19.54 -3.05
N ILE A 143 -21.77 -20.05 -3.63
CA ILE A 143 -21.68 -20.30 -5.07
C ILE A 143 -22.03 -21.79 -5.28
N PRO A 144 -23.04 -22.17 -6.09
CA PRO A 144 -23.32 -23.62 -6.27
C PRO A 144 -22.25 -24.33 -7.10
N LEU A 145 -21.45 -25.21 -6.45
CA LEU A 145 -20.41 -25.95 -7.15
C LEU A 145 -21.00 -27.15 -7.89
N ASP A 146 -21.20 -27.00 -9.21
CA ASP A 146 -21.72 -28.05 -10.09
C ASP A 146 -21.05 -27.92 -11.47
N ARG A 147 -21.00 -29.00 -12.25
CA ARG A 147 -20.39 -28.99 -13.58
C ARG A 147 -21.39 -28.42 -14.60
N ASP A 148 -21.71 -27.12 -14.45
CA ASP A 148 -22.66 -26.39 -15.29
C ASP A 148 -22.62 -24.86 -15.05
N ASN A 149 -22.41 -24.42 -13.80
CA ASN A 149 -22.35 -23.01 -13.45
C ASN A 149 -21.05 -22.35 -13.98
N LYS A 150 -21.08 -21.92 -15.26
CA LYS A 150 -19.92 -21.32 -15.92
C LYS A 150 -19.77 -19.83 -15.57
N GLU A 151 -20.88 -19.09 -15.56
CA GLU A 151 -20.86 -17.66 -15.24
C GLU A 151 -20.75 -17.36 -13.73
N LEU A 152 -20.82 -18.40 -12.86
CA LEU A 152 -20.74 -18.29 -11.41
C LEU A 152 -21.83 -17.40 -10.81
N LYS A 153 -23.10 -17.70 -11.15
CA LYS A 153 -24.23 -16.99 -10.58
C LYS A 153 -24.42 -17.54 -9.17
N ALA A 154 -24.25 -16.69 -8.15
CA ALA A 154 -24.37 -17.09 -6.76
C ALA A 154 -25.54 -16.38 -6.06
N PHE A 155 -26.04 -16.97 -4.96
CA PHE A 155 -27.15 -16.44 -4.18
C PHE A 155 -26.67 -15.92 -2.82
N ASN A 156 -27.23 -14.79 -2.36
CA ASN A 156 -26.86 -14.19 -1.09
C ASN A 156 -27.92 -14.56 -0.03
N ILE A 157 -27.48 -14.93 1.19
CA ILE A 157 -28.38 -15.33 2.27
C ILE A 157 -28.30 -14.29 3.40
N ARG A 158 -29.45 -13.94 4.00
CA ARG A 158 -29.52 -12.97 5.09
C ARG A 158 -29.11 -13.64 6.41
N LEU A 159 -27.89 -13.33 6.89
CA LEU A 159 -27.35 -13.87 8.14
C LEU A 159 -27.63 -12.86 9.26
N GLU A 160 -28.32 -13.30 10.33
CA GLU A 160 -28.64 -12.41 11.47
C GLU A 160 -27.37 -11.94 12.18
N GLU A 161 -26.35 -12.81 12.29
CA GLU A 161 -25.09 -12.44 12.93
C GLU A 161 -24.35 -11.50 11.97
N LEU A 162 -23.95 -10.32 12.45
CA LEU A 162 -23.30 -9.31 11.61
C LEU A 162 -21.78 -9.30 11.80
N HIS A 163 -21.31 -9.36 13.06
CA HIS A 163 -19.89 -9.32 13.38
C HIS A 163 -19.29 -10.72 13.52
N VAL A 164 -19.06 -11.41 12.39
CA VAL A 164 -18.47 -12.74 12.38
C VAL A 164 -16.94 -12.59 12.30
N ILE A 165 -16.22 -13.17 13.27
CA ILE A 165 -14.76 -13.08 13.30
C ILE A 165 -14.12 -14.05 12.30
N ASP A 166 -14.43 -15.36 12.40
CA ASP A 166 -13.87 -16.39 11.53
C ASP A 166 -14.90 -17.51 11.33
N VAL A 167 -14.84 -18.19 10.17
CA VAL A 167 -15.79 -19.25 9.81
C VAL A 167 -15.11 -20.30 8.94
N LYS A 168 -15.35 -21.60 9.21
CA LYS A 168 -14.81 -22.72 8.45
C LYS A 168 -15.88 -23.80 8.25
N PHE A 169 -15.89 -24.48 7.09
CA PHE A 169 -16.84 -25.57 6.83
C PHE A 169 -16.44 -26.76 7.70
N LEU A 170 -17.33 -27.23 8.58
CA LEU A 170 -17.00 -28.33 9.47
C LEU A 170 -16.90 -29.69 8.75
N TYR A 171 -15.81 -30.42 8.98
CA TYR A 171 -15.60 -31.74 8.39
C TYR A 171 -16.47 -32.79 9.10
N GLY A 172 -16.74 -33.91 8.43
CA GLY A 172 -17.53 -35.00 9.00
C GLY A 172 -18.92 -34.58 9.38
N CYS A 173 -19.81 -34.45 8.40
CA CYS A 173 -21.19 -34.03 8.60
C CYS A 173 -22.11 -34.66 7.55
N GLN A 174 -23.40 -34.77 7.87
CA GLN A 174 -24.38 -35.33 6.93
C GLN A 174 -24.66 -34.30 5.83
N ALA A 175 -24.89 -33.03 6.21
CA ALA A 175 -25.16 -31.92 5.30
C ALA A 175 -24.01 -30.87 5.34
N PRO A 176 -23.84 -29.97 4.34
CA PRO A 176 -22.76 -28.96 4.44
C PRO A 176 -22.97 -28.01 5.62
N THR A 177 -22.18 -28.19 6.68
CA THR A 177 -22.27 -27.41 7.92
C THR A 177 -21.16 -26.36 7.98
N ILE A 178 -21.45 -25.21 8.61
CA ILE A 178 -20.47 -24.12 8.80
C ILE A 178 -20.39 -23.77 10.29
N CYS A 179 -19.16 -23.74 10.82
CA CYS A 179 -18.88 -23.41 12.22
C CYS A 179 -18.22 -22.03 12.26
N PHE A 180 -18.69 -21.14 13.14
CA PHE A 180 -18.13 -19.79 13.19
C PHE A 180 -18.18 -19.18 14.59
N VAL A 181 -17.25 -18.24 14.85
CA VAL A 181 -17.17 -17.50 16.10
C VAL A 181 -17.58 -16.06 15.77
N TYR A 182 -18.60 -15.54 16.46
CA TYR A 182 -19.09 -14.18 16.23
C TYR A 182 -19.11 -13.37 17.53
N GLN A 183 -19.08 -12.04 17.39
CA GLN A 183 -19.11 -11.14 18.54
C GLN A 183 -20.38 -10.30 18.53
N ASP A 184 -20.95 -10.11 19.72
CA ASP A 184 -22.16 -9.30 19.94
C ASP A 184 -21.98 -8.52 21.28
N PRO A 185 -22.85 -7.55 21.65
CA PRO A 185 -22.63 -6.83 22.92
C PRO A 185 -22.47 -7.70 24.18
N GLN A 186 -23.01 -8.92 24.16
CA GLN A 186 -22.91 -9.85 25.29
C GLN A 186 -21.50 -10.46 25.40
N GLY A 187 -20.98 -11.00 24.31
CA GLY A 187 -19.66 -11.61 24.28
C GLY A 187 -19.41 -12.45 23.04
N ARG A 188 -18.20 -13.03 22.94
CA ARG A 188 -17.85 -13.87 21.79
C ARG A 188 -18.41 -15.28 22.00
N HIS A 189 -19.09 -15.84 20.98
CA HIS A 189 -19.70 -17.17 21.05
C HIS A 189 -19.46 -17.96 19.75
N VAL A 190 -19.56 -19.30 19.83
CA VAL A 190 -19.40 -20.20 18.68
C VAL A 190 -20.77 -20.77 18.31
N LYS A 191 -21.13 -20.72 17.02
CA LYS A 191 -22.42 -21.19 16.52
C LYS A 191 -22.24 -22.04 15.24
N THR A 192 -23.23 -22.90 14.94
CA THR A 192 -23.19 -23.78 13.76
C THR A 192 -24.53 -23.71 13.00
N TYR A 193 -24.46 -23.81 11.66
CA TYR A 193 -25.63 -23.81 10.78
C TYR A 193 -25.46 -24.82 9.64
N GLU A 194 -26.57 -25.35 9.13
CA GLU A 194 -26.56 -26.26 7.98
C GLU A 194 -26.98 -25.44 6.76
N VAL A 195 -26.19 -25.51 5.67
CA VAL A 195 -26.46 -24.74 4.46
C VAL A 195 -27.16 -25.62 3.42
N SER A 196 -28.44 -25.35 3.16
CA SER A 196 -29.22 -26.10 2.19
C SER A 196 -29.22 -25.36 0.86
N LEU A 197 -28.81 -26.01 -0.23
CA LEU A 197 -28.80 -25.38 -1.56
C LEU A 197 -30.24 -25.25 -2.10
N ARG A 198 -31.06 -26.27 -1.86
CA ARG A 198 -32.46 -26.31 -2.30
C ARG A 198 -33.28 -25.18 -1.65
N GLU A 199 -33.27 -25.08 -0.31
CA GLU A 199 -34.05 -24.08 0.41
C GLU A 199 -33.38 -22.69 0.50
N LYS A 200 -32.04 -22.64 0.52
CA LYS A 200 -31.26 -21.39 0.63
C LYS A 200 -31.49 -20.69 1.98
N GLU A 201 -31.37 -21.45 3.08
CA GLU A 201 -31.57 -20.92 4.44
C GLU A 201 -30.72 -21.68 5.47
N PHE A 202 -30.55 -21.11 6.68
CA PHE A 202 -29.74 -21.71 7.74
C PHE A 202 -30.54 -22.52 8.75
N ASN A 203 -30.55 -23.85 8.60
CA ASN A 203 -31.23 -24.73 9.56
C ASN A 203 -30.31 -24.94 10.79
N LYS A 204 -30.86 -25.50 11.89
CA LYS A 204 -30.09 -25.72 13.12
C LYS A 204 -28.86 -26.61 12.88
N GLY A 205 -27.74 -26.26 13.50
CA GLY A 205 -26.49 -26.99 13.36
C GLY A 205 -26.38 -28.22 14.25
N PRO A 206 -25.22 -28.92 14.29
CA PRO A 206 -25.13 -30.13 15.13
C PRO A 206 -25.14 -29.88 16.63
N TRP A 207 -24.48 -28.81 17.12
CA TRP A 207 -24.44 -28.53 18.56
C TRP A 207 -24.89 -27.09 18.91
N LYS A 208 -25.32 -26.91 20.17
CA LYS A 208 -25.82 -25.64 20.70
C LYS A 208 -24.76 -24.53 20.70
N GLN A 209 -25.20 -23.27 20.82
CA GLN A 209 -24.28 -22.13 20.87
C GLN A 209 -23.52 -22.21 22.20
N GLU A 210 -22.19 -22.05 22.16
CA GLU A 210 -21.34 -22.12 23.35
C GLU A 210 -20.50 -20.85 23.49
N ASN A 211 -20.19 -20.46 24.74
CA ASN A 211 -19.39 -19.27 25.01
C ASN A 211 -17.91 -19.56 24.87
N VAL A 212 -17.13 -18.58 24.36
CA VAL A 212 -15.68 -18.70 24.17
C VAL A 212 -14.96 -17.46 24.78
N GLU A 213 -13.63 -17.55 24.95
CA GLU A 213 -12.78 -16.48 25.53
C GLU A 213 -13.07 -15.10 24.89
N ALA A 214 -12.88 -14.03 25.66
CA ALA A 214 -13.09 -12.67 25.16
C ALA A 214 -12.09 -12.29 24.04
N GLU A 215 -10.93 -12.97 23.97
CA GLU A 215 -9.93 -12.74 22.93
C GLU A 215 -9.77 -13.97 22.02
N ALA A 216 -10.84 -14.76 21.81
CA ALA A 216 -10.83 -15.93 20.93
C ALA A 216 -11.05 -15.45 19.50
N SER A 217 -10.12 -15.72 18.57
CA SER A 217 -10.28 -15.23 17.19
C SER A 217 -9.72 -16.17 16.10
N MET A 218 -9.98 -17.47 16.20
CA MET A 218 -9.53 -18.43 15.18
C MET A 218 -10.37 -19.71 15.23
N VAL A 219 -10.74 -20.24 14.06
CA VAL A 219 -11.54 -21.47 13.92
C VAL A 219 -10.75 -22.44 13.04
N ILE A 220 -10.65 -23.71 13.46
CA ILE A 220 -9.96 -24.74 12.68
C ILE A 220 -10.94 -25.87 12.39
N ALA A 221 -11.21 -26.14 11.10
CA ALA A 221 -12.08 -27.25 10.71
C ALA A 221 -11.28 -28.52 10.91
N VAL A 222 -11.59 -29.29 11.95
CA VAL A 222 -10.85 -30.51 12.24
C VAL A 222 -11.35 -31.67 11.35
N PRO A 223 -10.49 -32.31 10.53
CA PRO A 223 -10.97 -33.44 9.70
C PRO A 223 -11.16 -34.75 10.47
N GLU A 224 -11.68 -35.79 9.78
CA GLU A 224 -11.92 -37.10 10.39
C GLU A 224 -10.58 -37.74 10.85
N PRO A 225 -10.56 -38.62 11.90
CA PRO A 225 -11.66 -39.13 12.71
C PRO A 225 -12.09 -38.27 13.91
N PHE A 226 -11.32 -37.22 14.24
CA PHE A 226 -11.63 -36.40 15.41
C PHE A 226 -12.92 -35.57 15.23
N GLY A 227 -12.98 -34.77 14.18
CA GLY A 227 -14.13 -33.90 13.93
C GLY A 227 -14.17 -32.70 14.85
N GLY A 228 -15.21 -31.88 14.72
CA GLY A 228 -15.37 -30.70 15.55
C GLY A 228 -14.46 -29.56 15.16
N ALA A 229 -14.22 -28.62 16.08
CA ALA A 229 -13.37 -27.45 15.81
C ALA A 229 -12.52 -27.02 17.01
N ILE A 230 -11.40 -26.32 16.76
CA ILE A 230 -10.49 -25.81 17.79
C ILE A 230 -10.58 -24.27 17.73
N ILE A 231 -10.73 -23.62 18.89
CA ILE A 231 -10.82 -22.17 19.01
C ILE A 231 -9.56 -21.66 19.71
N ILE A 232 -8.73 -20.87 19.01
CA ILE A 232 -7.50 -20.32 19.57
C ILE A 232 -7.74 -18.89 20.04
N GLY A 233 -7.22 -18.56 21.22
CA GLY A 233 -7.31 -17.22 21.80
C GLY A 233 -5.98 -16.72 22.31
N GLN A 234 -6.00 -15.65 23.10
CA GLN A 234 -4.77 -15.06 23.65
C GLN A 234 -4.15 -15.98 24.71
N GLU A 235 -4.99 -16.50 25.64
CA GLU A 235 -4.53 -17.38 26.71
C GLU A 235 -5.09 -18.80 26.64
N SER A 236 -6.33 -18.98 26.17
CA SER A 236 -6.97 -20.30 26.13
C SER A 236 -7.10 -20.89 24.72
N ILE A 237 -7.11 -22.24 24.64
CA ILE A 237 -7.29 -23.00 23.40
C ILE A 237 -8.35 -24.05 23.75
N THR A 238 -9.55 -23.95 23.16
CA THR A 238 -10.65 -24.88 23.45
C THR A 238 -11.02 -25.77 22.26
N TYR A 239 -11.68 -26.91 22.55
CA TYR A 239 -12.14 -27.88 21.55
C TYR A 239 -13.66 -28.01 21.67
N HIS A 240 -14.36 -28.11 20.53
CA HIS A 240 -15.83 -28.20 20.52
C HIS A 240 -16.35 -29.33 19.64
N ASN A 241 -16.91 -30.38 20.26
CA ASN A 241 -17.51 -31.52 19.54
C ASN A 241 -18.83 -31.90 20.21
N GLY A 242 -19.64 -30.90 20.56
CA GLY A 242 -20.94 -31.10 21.20
C GLY A 242 -20.83 -31.51 22.65
N ASP A 243 -20.61 -32.80 22.89
CA ASP A 243 -20.49 -33.34 24.24
C ASP A 243 -19.18 -32.92 24.91
N LYS A 244 -18.05 -33.04 24.19
CA LYS A 244 -16.74 -32.71 24.71
C LYS A 244 -16.43 -31.22 24.66
N TYR A 245 -15.83 -30.69 25.74
CA TYR A 245 -15.36 -29.31 25.84
C TYR A 245 -14.04 -29.32 26.60
N LEU A 246 -12.92 -29.52 25.88
CA LEU A 246 -11.59 -29.58 26.46
C LEU A 246 -10.94 -28.20 26.33
N ALA A 247 -10.25 -27.72 27.37
CA ALA A 247 -9.62 -26.40 27.33
C ALA A 247 -8.31 -26.39 28.11
N ILE A 248 -7.29 -25.67 27.59
CA ILE A 248 -5.97 -25.54 28.22
C ILE A 248 -5.52 -24.08 28.14
N ALA A 249 -4.79 -23.61 29.18
CA ALA A 249 -4.24 -22.26 29.22
C ALA A 249 -2.72 -22.36 29.48
N PRO A 250 -1.91 -22.76 28.47
CA PRO A 250 -0.46 -22.89 28.72
C PRO A 250 0.24 -21.54 28.86
N PRO A 251 1.30 -21.42 29.69
CA PRO A 251 1.98 -20.12 29.82
C PRO A 251 2.88 -19.73 28.65
N ILE A 252 3.28 -20.70 27.82
CA ILE A 252 4.19 -20.46 26.69
C ILE A 252 3.55 -19.64 25.54
N ILE A 253 2.21 -19.44 25.55
CA ILE A 253 1.52 -18.72 24.47
C ILE A 253 1.06 -17.28 24.84
N LYS A 254 1.12 -16.89 26.12
CA LYS A 254 0.66 -15.56 26.53
C LYS A 254 1.60 -14.43 26.05
N GLN A 255 2.89 -14.72 25.80
CA GLN A 255 3.84 -13.70 25.35
C GLN A 255 3.44 -13.03 24.02
N SER A 256 2.81 -13.75 23.09
CA SER A 256 2.41 -13.19 21.81
C SER A 256 1.10 -13.79 21.27
N THR A 257 0.37 -13.00 20.48
CA THR A 257 -0.90 -13.42 19.88
C THR A 257 -0.65 -14.36 18.69
N ILE A 258 -1.35 -15.51 18.66
CA ILE A 258 -1.22 -16.47 17.55
C ILE A 258 -2.00 -15.88 16.36
N VAL A 259 -1.40 -15.92 15.14
CA VAL A 259 -2.01 -15.30 13.95
C VAL A 259 -2.19 -16.24 12.73
N CYS A 260 -1.53 -17.41 12.68
CA CYS A 260 -1.67 -18.31 11.53
C CYS A 260 -1.60 -19.79 11.94
N HIS A 261 -2.15 -20.66 11.08
CA HIS A 261 -2.19 -22.10 11.33
C HIS A 261 -2.17 -22.92 10.04
N ASN A 262 -1.72 -24.19 10.15
CA ASN A 262 -1.72 -25.12 9.02
C ASN A 262 -1.67 -26.57 9.52
N ARG A 263 -2.27 -27.49 8.75
CA ARG A 263 -2.35 -28.90 9.09
C ARG A 263 -1.10 -29.64 8.63
N VAL A 264 -0.61 -30.60 9.44
CA VAL A 264 0.57 -31.41 9.11
C VAL A 264 0.08 -32.80 8.67
N ASP A 265 -0.73 -33.47 9.52
CA ASP A 265 -1.26 -34.81 9.23
C ASP A 265 -2.62 -34.68 8.52
N PRO A 266 -3.02 -35.59 7.60
CA PRO A 266 -4.36 -35.46 7.00
C PRO A 266 -5.48 -35.62 8.03
N ASN A 267 -5.29 -36.54 8.99
CA ASN A 267 -6.26 -36.77 10.07
C ASN A 267 -6.41 -35.56 11.01
N GLY A 268 -5.33 -34.80 11.22
CA GLY A 268 -5.36 -33.60 12.06
C GLY A 268 -4.78 -33.79 13.45
N SER A 269 -3.83 -34.72 13.61
CA SER A 269 -3.20 -34.96 14.91
C SER A 269 -2.22 -33.86 15.31
N ARG A 270 -1.69 -33.09 14.34
CA ARG A 270 -0.73 -32.03 14.60
C ARG A 270 -1.03 -30.80 13.73
N TYR A 271 -0.74 -29.61 14.26
CA TYR A 271 -0.98 -28.34 13.57
C TYR A 271 0.15 -27.36 13.92
N LEU A 272 0.66 -26.62 12.92
CA LEU A 272 1.70 -25.63 13.15
C LEU A 272 1.05 -24.27 13.38
N LEU A 273 1.47 -23.54 14.43
CA LEU A 273 0.91 -22.21 14.72
C LEU A 273 2.04 -21.19 14.77
N GLY A 274 1.80 -20.00 14.24
CA GLY A 274 2.76 -18.90 14.24
C GLY A 274 2.21 -17.70 14.97
N ASP A 275 3.08 -16.90 15.60
CA ASP A 275 2.67 -15.72 16.35
C ASP A 275 3.32 -14.42 15.83
N MET A 276 2.88 -13.26 16.34
CA MET A 276 3.41 -11.96 15.92
C MET A 276 4.91 -11.81 16.19
N GLU A 277 5.43 -12.36 17.31
CA GLU A 277 6.87 -12.27 17.61
C GLU A 277 7.76 -13.21 16.75
N GLY A 278 7.17 -13.95 15.82
CA GLY A 278 7.93 -14.85 14.94
C GLY A 278 8.34 -16.16 15.58
N ARG A 279 7.41 -16.82 16.28
CA ARG A 279 7.67 -18.12 16.90
C ARG A 279 6.88 -19.21 16.17
N LEU A 280 7.35 -20.45 16.26
CA LEU A 280 6.68 -21.59 15.64
C LEU A 280 6.31 -22.57 16.74
N PHE A 281 5.04 -23.01 16.77
CA PHE A 281 4.53 -23.93 17.80
C PHE A 281 3.89 -25.16 17.17
N MET A 282 3.79 -26.25 17.97
CA MET A 282 3.18 -27.52 17.56
C MET A 282 1.98 -27.80 18.47
N LEU A 283 0.78 -27.81 17.89
CA LEU A 283 -0.46 -28.10 18.61
C LEU A 283 -0.77 -29.57 18.35
N LEU A 284 -0.62 -30.41 19.38
CA LEU A 284 -0.81 -31.85 19.27
C LEU A 284 -2.11 -32.35 19.87
N LEU A 285 -2.98 -32.95 19.04
CA LEU A 285 -4.25 -33.53 19.49
C LEU A 285 -3.98 -34.97 19.88
N GLU A 286 -3.82 -35.25 21.18
CA GLU A 286 -3.55 -36.62 21.64
C GLU A 286 -4.81 -37.47 21.46
N LYS A 287 -4.66 -38.73 21.00
CA LYS A 287 -5.80 -39.61 20.71
C LYS A 287 -5.90 -40.84 21.62
N GLU A 288 -7.04 -40.98 22.31
CA GLU A 288 -7.30 -42.13 23.18
C GLU A 288 -7.92 -43.24 22.34
N GLU A 289 -7.53 -44.49 22.59
CA GLU A 289 -8.03 -45.63 21.82
C GLU A 289 -9.30 -46.23 22.42
N GLN A 290 -10.48 -45.68 22.06
CA GLN A 290 -11.76 -46.21 22.51
C GLN A 290 -12.09 -47.41 21.62
N MET A 291 -12.38 -48.57 22.22
CA MET A 291 -12.60 -49.83 21.47
C MET A 291 -13.77 -49.85 20.48
N ASP A 292 -14.67 -48.85 20.47
CA ASP A 292 -15.80 -48.85 19.53
C ASP A 292 -15.45 -48.30 18.12
N GLY A 293 -14.23 -48.53 17.65
CA GLY A 293 -13.79 -48.05 16.35
C GLY A 293 -13.40 -46.59 16.37
N THR A 294 -14.36 -45.71 16.68
CA THR A 294 -14.10 -44.27 16.75
C THR A 294 -13.21 -43.95 17.96
N VAL A 295 -12.43 -42.86 17.86
CA VAL A 295 -11.50 -42.43 18.92
C VAL A 295 -11.92 -41.08 19.51
N THR A 296 -11.46 -40.80 20.74
CA THR A 296 -11.75 -39.57 21.46
C THR A 296 -10.47 -38.78 21.74
N LEU A 297 -10.61 -37.46 21.93
CA LEU A 297 -9.46 -36.59 22.22
C LEU A 297 -9.04 -36.74 23.68
N LYS A 298 -7.78 -37.12 23.92
CA LYS A 298 -7.26 -37.29 25.27
C LYS A 298 -6.93 -35.92 25.88
N ASP A 299 -6.09 -35.11 25.20
CA ASP A 299 -5.67 -33.78 25.68
C ASP A 299 -4.92 -33.00 24.60
N LEU A 300 -4.94 -31.66 24.69
CA LEU A 300 -4.23 -30.77 23.76
C LEU A 300 -2.88 -30.41 24.40
N ARG A 301 -1.80 -30.47 23.61
CA ARG A 301 -0.44 -30.19 24.09
C ARG A 301 0.24 -29.18 23.16
N VAL A 302 0.83 -28.12 23.74
CA VAL A 302 1.52 -27.07 22.98
C VAL A 302 3.02 -27.18 23.26
N GLU A 303 3.86 -27.09 22.21
CA GLU A 303 5.31 -27.16 22.31
C GLU A 303 5.95 -26.09 21.42
N LEU A 304 7.00 -25.40 21.90
CA LEU A 304 7.69 -24.38 21.11
C LEU A 304 8.77 -25.05 20.27
N LEU A 305 8.71 -24.88 18.95
CA LEU A 305 9.68 -25.49 18.05
C LEU A 305 10.91 -24.58 17.88
N GLY A 306 10.69 -23.30 17.59
CA GLY A 306 11.79 -22.36 17.42
C GLY A 306 11.38 -20.99 16.95
N GLU A 307 12.34 -20.24 16.40
CA GLU A 307 12.12 -18.90 15.89
C GLU A 307 12.14 -18.91 14.36
N THR A 308 11.12 -18.30 13.75
CA THR A 308 10.96 -18.16 12.30
C THR A 308 10.67 -16.67 11.96
N SER A 309 10.63 -16.30 10.67
CA SER A 309 10.26 -14.94 10.27
C SER A 309 8.80 -14.68 10.67
N ILE A 310 8.39 -13.39 10.78
CA ILE A 310 7.01 -13.06 11.17
C ILE A 310 6.09 -13.50 10.02
N ALA A 311 5.47 -14.68 10.19
CA ALA A 311 4.65 -15.31 9.17
C ALA A 311 3.20 -14.92 9.15
N GLU A 312 2.73 -14.49 7.97
CA GLU A 312 1.31 -14.21 7.75
C GLU A 312 0.58 -15.55 7.55
N CYS A 313 1.22 -16.51 6.84
CA CYS A 313 0.67 -17.84 6.58
C CYS A 313 1.79 -18.88 6.62
N LEU A 314 1.44 -20.10 7.07
CA LEU A 314 2.37 -21.24 7.16
C LEU A 314 1.84 -22.40 6.32
N THR A 315 2.72 -23.33 5.93
CA THR A 315 2.33 -24.54 5.19
C THR A 315 3.37 -25.66 5.34
N TYR A 316 2.94 -26.84 5.80
CA TYR A 316 3.82 -27.99 5.96
C TYR A 316 3.94 -28.65 4.58
N LEU A 317 5.17 -28.86 4.11
CA LEU A 317 5.38 -29.49 2.80
C LEU A 317 5.57 -31.02 2.98
N ASP A 318 6.73 -31.49 3.49
CA ASP A 318 6.96 -32.92 3.77
C ASP A 318 8.37 -33.15 4.35
N ASN A 319 8.53 -34.18 5.20
CA ASN A 319 9.80 -34.54 5.84
C ASN A 319 10.35 -33.40 6.71
N GLY A 320 9.50 -32.80 7.52
CA GLY A 320 9.88 -31.69 8.39
C GLY A 320 10.11 -30.37 7.67
N VAL A 321 10.05 -30.35 6.33
CA VAL A 321 10.26 -29.15 5.53
C VAL A 321 8.96 -28.31 5.56
N VAL A 322 9.06 -27.05 6.03
CA VAL A 322 7.93 -26.13 6.17
C VAL A 322 8.23 -24.81 5.46
N PHE A 323 7.27 -24.30 4.65
CA PHE A 323 7.45 -22.99 4.01
C PHE A 323 6.82 -21.93 4.92
N VAL A 324 7.51 -20.80 5.10
CA VAL A 324 7.10 -19.70 5.98
C VAL A 324 6.86 -18.46 5.10
N GLY A 325 5.61 -18.22 4.73
CA GLY A 325 5.23 -17.07 3.91
C GLY A 325 5.08 -15.82 4.74
N SER A 326 6.06 -14.90 4.65
CA SER A 326 6.08 -13.68 5.46
C SER A 326 5.71 -12.40 4.71
N ARG A 327 5.04 -11.46 5.43
CA ARG A 327 4.65 -10.15 4.90
C ARG A 327 5.68 -9.10 5.31
N LEU A 328 6.17 -9.16 6.56
CA LEU A 328 7.12 -8.19 7.09
C LEU A 328 8.56 -8.51 6.69
N GLY A 329 8.99 -9.74 6.91
CA GLY A 329 10.35 -10.16 6.62
C GLY A 329 10.50 -11.08 5.43
N ASP A 330 11.71 -11.61 5.26
CA ASP A 330 12.02 -12.52 4.17
C ASP A 330 11.25 -13.81 4.36
N SER A 331 10.58 -14.29 3.31
CA SER A 331 9.89 -15.59 3.38
C SER A 331 11.01 -16.64 3.39
N GLN A 332 10.85 -17.71 4.18
CA GLN A 332 11.92 -18.71 4.29
C GLN A 332 11.42 -20.15 4.26
N LEU A 333 12.35 -21.07 3.97
CA LEU A 333 12.10 -22.50 3.92
C LEU A 333 12.83 -23.06 5.12
N VAL A 334 12.10 -23.68 6.07
CA VAL A 334 12.72 -24.22 7.30
C VAL A 334 12.59 -25.74 7.39
N LYS A 335 13.47 -26.35 8.21
CA LYS A 335 13.52 -27.78 8.45
C LYS A 335 13.35 -28.03 9.93
N LEU A 336 12.42 -28.91 10.31
CA LEU A 336 12.19 -29.27 11.70
C LEU A 336 12.95 -30.57 11.93
N ASN A 337 13.88 -30.59 12.89
CA ASN A 337 14.70 -31.77 13.19
C ASN A 337 14.17 -32.56 14.39
N VAL A 338 14.57 -33.83 14.50
CA VAL A 338 14.17 -34.69 15.62
C VAL A 338 14.84 -34.14 16.89
N ASP A 339 16.16 -33.88 16.81
CA ASP A 339 16.94 -33.35 17.93
C ASP A 339 17.10 -31.84 17.79
N SER A 340 16.84 -31.09 18.87
CA SER A 340 16.97 -29.63 18.88
C SER A 340 18.44 -29.22 19.09
N ASN A 341 18.81 -27.99 18.68
CA ASN A 341 20.17 -27.49 18.85
C ASN A 341 20.45 -27.09 20.34
N GLU A 342 21.65 -26.58 20.67
CA GLU A 342 22.01 -26.17 22.05
C GLU A 342 21.01 -25.17 22.63
N GLN A 343 20.59 -24.18 21.83
CA GLN A 343 19.61 -23.17 22.26
C GLN A 343 18.20 -23.74 22.55
N GLY A 344 17.91 -24.95 22.07
CA GLY A 344 16.62 -25.59 22.25
C GLY A 344 15.65 -25.23 21.14
N SER A 345 16.12 -25.33 19.88
CA SER A 345 15.32 -25.00 18.72
C SER A 345 15.36 -26.12 17.67
N TYR A 346 14.22 -26.76 17.43
CA TYR A 346 14.07 -27.79 16.41
C TYR A 346 14.01 -27.18 14.98
N VAL A 347 13.82 -25.85 14.85
CA VAL A 347 13.73 -25.15 13.56
C VAL A 347 15.12 -24.78 13.09
N VAL A 348 15.48 -25.17 11.85
CA VAL A 348 16.77 -24.86 11.22
C VAL A 348 16.46 -24.34 9.82
N ALA A 349 16.86 -23.10 9.50
CA ALA A 349 16.59 -22.53 8.18
C ALA A 349 17.37 -23.26 7.08
N MET A 350 16.78 -23.34 5.88
CA MET A 350 17.38 -23.99 4.71
C MET A 350 17.62 -23.01 3.57
N GLU A 351 16.60 -22.20 3.22
CA GLU A 351 16.67 -21.25 2.11
C GLU A 351 15.91 -19.98 2.50
N THR A 352 16.33 -18.84 1.95
CA THR A 352 15.71 -17.54 2.25
C THR A 352 15.35 -16.84 0.94
N PHE A 353 14.08 -16.45 0.82
CA PHE A 353 13.56 -15.77 -0.37
C PHE A 353 13.41 -14.29 -0.03
N THR A 354 13.95 -13.42 -0.88
CA THR A 354 13.98 -11.98 -0.62
C THR A 354 12.60 -11.32 -0.62
N ASN A 355 12.36 -10.46 0.39
CA ASN A 355 11.16 -9.67 0.52
C ASN A 355 11.56 -8.26 0.92
N LEU A 356 11.39 -7.31 0.00
CA LEU A 356 11.76 -5.92 0.25
C LEU A 356 10.74 -5.14 1.08
N GLY A 357 9.52 -5.65 1.22
CA GLY A 357 8.45 -4.91 1.88
C GLY A 357 8.19 -5.25 3.33
N PRO A 358 7.54 -4.33 4.11
CA PRO A 358 7.05 -2.99 3.74
C PRO A 358 8.17 -1.98 3.45
N ILE A 359 8.13 -1.32 2.27
CA ILE A 359 9.11 -0.29 1.93
C ILE A 359 8.54 0.98 2.57
N VAL A 360 8.92 1.28 3.81
CA VAL A 360 8.38 2.44 4.51
C VAL A 360 9.06 3.75 4.05
N ASP A 361 10.34 3.69 3.65
CA ASP A 361 11.07 4.86 3.15
C ASP A 361 12.20 4.41 2.21
N MET A 362 12.73 5.33 1.38
CA MET A 362 13.81 4.99 0.45
C MET A 362 14.46 6.24 -0.17
N CYS A 363 15.66 6.07 -0.75
CA CYS A 363 16.40 7.14 -1.42
C CYS A 363 17.27 6.57 -2.55
N VAL A 364 17.54 7.38 -3.58
CA VAL A 364 18.36 7.00 -4.73
C VAL A 364 19.75 7.62 -4.56
N VAL A 365 20.78 6.76 -4.44
CA VAL A 365 22.17 7.21 -4.26
C VAL A 365 23.07 6.48 -5.23
N ASP A 366 23.90 7.21 -5.99
CA ASP A 366 24.89 6.60 -6.88
C ASP A 366 26.08 6.26 -5.96
N LEU A 367 25.97 5.13 -5.23
CA LEU A 367 26.94 4.73 -4.22
C LEU A 367 28.39 4.53 -4.72
N GLU A 368 28.56 3.79 -5.81
CA GLU A 368 29.89 3.54 -6.37
C GLU A 368 30.30 4.59 -7.43
N ARG A 369 29.55 5.72 -7.56
CA ARG A 369 29.79 6.75 -8.58
C ARG A 369 29.81 6.16 -10.02
N GLN A 370 29.27 4.93 -10.20
CA GLN A 370 29.23 4.20 -11.47
C GLN A 370 28.32 4.81 -12.55
N GLY A 371 27.68 5.94 -12.27
CA GLY A 371 26.73 6.57 -13.19
C GLY A 371 25.33 6.05 -12.95
N GLN A 372 25.18 4.73 -12.73
CA GLN A 372 23.91 4.09 -12.44
C GLN A 372 23.59 4.30 -10.97
N GLY A 373 22.35 4.69 -10.69
CA GLY A 373 21.90 4.90 -9.32
C GLY A 373 21.54 3.62 -8.60
N GLN A 374 21.58 3.66 -7.26
CA GLN A 374 21.21 2.54 -6.38
C GLN A 374 20.06 2.96 -5.48
N LEU A 375 19.27 2.01 -5.00
CA LEU A 375 18.12 2.32 -4.16
C LEU A 375 18.26 1.65 -2.80
N VAL A 376 18.42 2.46 -1.74
CA VAL A 376 18.54 1.95 -0.38
C VAL A 376 17.16 2.15 0.27
N THR A 377 16.56 1.08 0.81
CA THR A 377 15.21 1.13 1.36
C THR A 377 15.09 0.71 2.81
N CYS A 378 14.22 1.40 3.57
CA CYS A 378 13.88 1.02 4.94
C CYS A 378 12.86 -0.11 4.78
N SER A 379 13.30 -1.36 4.93
CA SER A 379 12.46 -2.54 4.74
C SER A 379 12.20 -3.29 6.04
N GLY A 380 11.12 -4.06 6.08
CA GLY A 380 10.79 -4.88 7.24
C GLY A 380 10.32 -4.13 8.47
N ALA A 381 9.98 -4.90 9.51
CA ALA A 381 9.53 -4.37 10.80
C ALA A 381 9.87 -5.35 11.92
N PHE A 382 10.07 -4.85 13.15
CA PHE A 382 10.38 -5.66 14.33
C PHE A 382 11.71 -6.43 14.08
N LYS A 383 11.89 -7.67 14.58
CA LYS A 383 13.10 -8.46 14.31
C LYS A 383 13.44 -8.56 12.81
N GLU A 384 12.45 -8.34 11.92
CA GLU A 384 12.64 -8.40 10.48
C GLU A 384 13.08 -7.06 9.87
N GLY A 385 13.54 -6.10 10.69
CA GLY A 385 13.99 -4.81 10.19
C GLY A 385 15.26 -4.96 9.38
N SER A 386 15.32 -4.29 8.22
CA SER A 386 16.45 -4.40 7.29
C SER A 386 16.56 -3.18 6.37
N LEU A 387 17.69 -3.08 5.65
CA LEU A 387 17.93 -2.05 4.64
C LEU A 387 18.39 -2.77 3.39
N ARG A 388 17.71 -2.56 2.25
CA ARG A 388 18.05 -3.27 1.02
C ARG A 388 18.59 -2.31 -0.03
N ILE A 389 19.70 -2.68 -0.68
CA ILE A 389 20.31 -1.89 -1.74
C ILE A 389 20.00 -2.61 -3.05
N ILE A 390 19.15 -2.01 -3.89
CA ILE A 390 18.72 -2.61 -5.15
C ILE A 390 19.37 -1.85 -6.30
N ARG A 391 19.94 -2.59 -7.28
CA ARG A 391 20.56 -1.98 -8.45
C ARG A 391 20.31 -2.82 -9.70
N ASN A 392 20.16 -2.16 -10.85
CA ASN A 392 19.92 -2.85 -12.11
C ASN A 392 21.22 -3.48 -12.63
N GLY A 393 21.09 -4.53 -13.44
CA GLY A 393 22.23 -5.19 -14.05
C GLY A 393 22.88 -6.27 -13.22
N ILE A 394 23.78 -7.02 -13.86
CA ILE A 394 24.54 -8.14 -13.27
C ILE A 394 26.00 -7.70 -13.18
N GLY A 395 26.56 -7.65 -11.98
CA GLY A 395 27.94 -7.24 -11.78
C GLY A 395 28.98 -8.24 -12.22
N ILE A 396 30.22 -7.76 -12.42
CA ILE A 396 31.38 -8.58 -12.81
C ILE A 396 32.53 -8.18 -11.87
N HIS A 397 32.96 -9.09 -10.99
CA HIS A 397 34.03 -8.82 -10.04
C HIS A 397 35.36 -9.15 -10.68
N GLU A 398 36.00 -8.15 -11.29
CA GLU A 398 37.26 -8.28 -12.03
C GLU A 398 38.43 -8.54 -11.09
N HIS A 399 39.23 -9.60 -11.37
CA HIS A 399 40.40 -9.96 -10.57
C HIS A 399 41.70 -9.74 -11.35
N ALA A 400 41.78 -10.25 -12.60
CA ALA A 400 42.96 -10.07 -13.46
C ALA A 400 42.69 -8.95 -14.48
N SER A 401 43.75 -8.31 -14.99
CA SER A 401 43.62 -7.25 -15.98
C SER A 401 44.87 -7.17 -16.85
N ILE A 402 44.97 -8.08 -17.82
CA ILE A 402 46.13 -8.15 -18.73
C ILE A 402 45.85 -7.32 -19.96
N ASP A 403 46.69 -6.32 -20.23
CA ASP A 403 46.50 -5.46 -21.41
C ASP A 403 46.96 -6.18 -22.68
N LEU A 404 46.00 -6.64 -23.51
CA LEU A 404 46.27 -7.33 -24.77
C LEU A 404 45.24 -6.85 -25.80
N PRO A 405 45.48 -5.75 -26.53
CA PRO A 405 44.47 -5.28 -27.49
C PRO A 405 44.32 -6.14 -28.74
N GLY A 406 43.09 -6.22 -29.26
CA GLY A 406 42.79 -6.94 -30.49
C GLY A 406 42.62 -8.44 -30.39
N ILE A 407 41.93 -8.93 -29.35
CA ILE A 407 41.70 -10.37 -29.19
C ILE A 407 40.48 -10.72 -30.05
N LYS A 408 40.56 -11.78 -30.89
CA LYS A 408 39.48 -12.20 -31.78
C LYS A 408 39.02 -13.64 -31.49
N GLY A 409 38.86 -13.98 -30.21
CA GLY A 409 38.44 -15.30 -29.78
C GLY A 409 39.15 -15.79 -28.53
N LEU A 410 38.42 -16.49 -27.64
CA LEU A 410 38.95 -17.02 -26.38
C LEU A 410 38.50 -18.47 -26.18
N TRP A 411 39.35 -19.35 -25.61
CA TRP A 411 38.96 -20.75 -25.38
C TRP A 411 39.67 -21.38 -24.17
N PRO A 412 38.93 -21.94 -23.17
CA PRO A 412 39.61 -22.60 -22.05
C PRO A 412 40.12 -23.99 -22.41
N LEU A 413 41.36 -24.31 -22.01
CA LEU A 413 41.99 -25.60 -22.32
C LEU A 413 42.58 -26.28 -21.07
N ARG A 414 42.80 -27.60 -21.16
CA ARG A 414 43.38 -28.42 -20.11
C ARG A 414 44.54 -29.21 -20.72
N SER A 415 45.79 -28.76 -20.54
CA SER A 415 46.94 -29.45 -21.10
C SER A 415 47.16 -30.81 -20.41
N ASP A 416 46.95 -30.86 -19.09
CA ASP A 416 47.11 -32.09 -18.32
C ASP A 416 45.73 -32.79 -18.18
N PRO A 417 45.60 -34.10 -18.48
CA PRO A 417 44.27 -34.74 -18.35
C PRO A 417 43.81 -35.02 -16.93
N ASN A 418 44.75 -35.44 -16.06
CA ASN A 418 44.46 -35.77 -14.66
C ASN A 418 43.75 -34.64 -13.89
N ARG A 419 44.14 -33.38 -14.15
CA ARG A 419 43.51 -32.24 -13.48
C ARG A 419 42.18 -31.90 -14.18
N GLU A 420 41.13 -31.72 -13.38
CA GLU A 420 39.81 -31.33 -13.91
C GLU A 420 39.77 -29.83 -14.21
N THR A 421 40.46 -29.03 -13.39
CA THR A 421 40.55 -27.58 -13.57
C THR A 421 41.26 -27.19 -14.88
N ASP A 422 41.01 -25.97 -15.36
CA ASP A 422 41.65 -25.46 -16.58
C ASP A 422 42.99 -24.83 -16.24
N ASP A 423 44.02 -25.08 -17.06
CA ASP A 423 45.35 -24.49 -16.84
C ASP A 423 45.91 -23.76 -18.08
N THR A 424 45.10 -23.58 -19.14
CA THR A 424 45.53 -22.93 -20.37
C THR A 424 44.37 -22.09 -20.92
N LEU A 425 44.69 -20.95 -21.54
CA LEU A 425 43.70 -20.07 -22.15
C LEU A 425 44.29 -19.59 -23.47
N VAL A 426 43.77 -20.12 -24.58
CA VAL A 426 44.28 -19.78 -25.92
C VAL A 426 43.56 -18.55 -26.45
N LEU A 427 44.32 -17.53 -26.86
CA LEU A 427 43.80 -16.27 -27.39
C LEU A 427 44.13 -16.16 -28.86
N SER A 428 43.15 -15.72 -29.67
CA SER A 428 43.35 -15.52 -31.11
C SER A 428 43.59 -14.03 -31.39
N PHE A 429 44.43 -13.75 -32.40
CA PHE A 429 44.77 -12.38 -32.81
C PHE A 429 44.75 -12.27 -34.35
N VAL A 430 44.76 -11.04 -34.89
CA VAL A 430 44.74 -10.83 -36.34
C VAL A 430 45.93 -11.55 -37.03
N GLY A 431 45.64 -12.66 -37.70
CA GLY A 431 46.62 -13.47 -38.39
C GLY A 431 47.62 -14.21 -37.51
N GLN A 432 47.33 -14.36 -36.20
CA GLN A 432 48.22 -15.04 -35.24
C GLN A 432 47.41 -15.64 -34.08
N THR A 433 48.05 -16.50 -33.26
CA THR A 433 47.41 -17.13 -32.11
C THR A 433 48.39 -17.24 -30.95
N ARG A 434 48.13 -16.54 -29.84
CA ARG A 434 48.98 -16.60 -28.64
C ARG A 434 48.36 -17.56 -27.63
N VAL A 435 49.20 -18.30 -26.88
CA VAL A 435 48.73 -19.26 -25.88
C VAL A 435 49.22 -18.81 -24.49
N LEU A 436 48.32 -18.81 -23.49
CA LEU A 436 48.67 -18.41 -22.12
C LEU A 436 48.55 -19.57 -21.13
N MET A 437 49.45 -19.61 -20.14
CA MET A 437 49.49 -20.62 -19.09
C MET A 437 48.90 -20.03 -17.80
N LEU A 438 48.27 -20.87 -16.96
CA LEU A 438 47.65 -20.40 -15.72
C LEU A 438 48.10 -21.19 -14.48
N ASN A 439 49.23 -20.79 -13.87
CA ASN A 439 49.74 -21.42 -12.64
C ASN A 439 49.24 -20.58 -11.47
N GLY A 440 48.00 -20.80 -11.08
CA GLY A 440 47.37 -20.03 -10.01
C GLY A 440 47.00 -18.66 -10.56
N GLU A 441 47.38 -17.60 -9.85
CA GLU A 441 47.12 -16.24 -10.33
C GLU A 441 48.17 -15.75 -11.36
N GLU A 442 49.19 -16.57 -11.69
CA GLU A 442 50.22 -16.23 -12.67
C GLU A 442 49.72 -16.54 -14.08
N VAL A 443 50.02 -15.66 -15.04
CA VAL A 443 49.66 -15.84 -16.45
C VAL A 443 50.94 -15.58 -17.26
N GLU A 444 51.45 -16.59 -17.99
CA GLU A 444 52.68 -16.47 -18.76
C GLU A 444 52.44 -16.96 -20.20
N GLU A 445 53.02 -16.26 -21.19
CA GLU A 445 52.87 -16.63 -22.59
C GLU A 445 53.71 -17.89 -22.86
N THR A 446 53.03 -19.01 -23.22
CA THR A 446 53.68 -20.30 -23.49
C THR A 446 53.28 -20.84 -24.88
N GLU A 447 53.96 -21.90 -25.35
CA GLU A 447 53.67 -22.53 -26.64
C GLU A 447 53.19 -23.96 -26.40
N LEU A 448 52.01 -24.32 -26.92
CA LEU A 448 51.47 -25.68 -26.80
C LEU A 448 51.91 -26.46 -28.05
N MET A 449 52.40 -27.69 -27.87
CA MET A 449 52.92 -28.49 -28.99
C MET A 449 51.80 -28.87 -29.97
N GLY A 450 52.14 -28.91 -31.25
CA GLY A 450 51.18 -29.23 -32.30
C GLY A 450 50.17 -28.13 -32.60
N PHE A 451 50.32 -26.94 -31.98
CA PHE A 451 49.43 -25.81 -32.16
C PHE A 451 50.15 -24.70 -32.94
N VAL A 452 49.82 -24.55 -34.23
CA VAL A 452 50.43 -23.51 -35.07
C VAL A 452 50.05 -22.12 -34.52
N ASP A 453 51.00 -21.18 -34.51
CA ASP A 453 50.79 -19.85 -33.96
C ASP A 453 50.77 -18.70 -34.97
N ASP A 454 51.21 -18.93 -36.22
CA ASP A 454 51.19 -17.87 -37.24
C ASP A 454 49.86 -17.84 -38.03
N GLN A 455 48.78 -18.46 -37.51
CA GLN A 455 47.46 -18.50 -38.15
C GLN A 455 46.37 -18.11 -37.16
N GLN A 456 45.31 -17.43 -37.63
CA GLN A 456 44.21 -17.01 -36.78
C GLN A 456 43.28 -18.19 -36.47
N THR A 457 43.08 -18.49 -35.17
CA THR A 457 42.24 -19.60 -34.72
C THR A 457 40.77 -19.20 -34.61
N PHE A 458 39.86 -20.11 -35.03
CA PHE A 458 38.41 -19.91 -34.96
C PHE A 458 37.76 -20.75 -33.85
N PHE A 459 38.43 -21.83 -33.39
CA PHE A 459 37.95 -22.67 -32.29
C PHE A 459 39.04 -23.65 -31.84
N CYS A 460 39.17 -23.91 -30.54
CA CYS A 460 40.13 -24.89 -30.02
C CYS A 460 39.67 -25.33 -28.61
N GLY A 461 39.95 -26.58 -28.27
CA GLY A 461 39.55 -27.11 -26.96
C GLY A 461 39.74 -28.59 -26.77
N ASN A 462 39.37 -29.08 -25.59
CA ASN A 462 39.48 -30.50 -25.24
C ASN A 462 38.38 -31.27 -25.95
N VAL A 463 38.73 -32.40 -26.57
CA VAL A 463 37.78 -33.23 -27.33
C VAL A 463 37.92 -34.75 -26.96
N ALA A 464 36.98 -35.59 -27.46
CA ALA A 464 36.90 -37.05 -27.21
C ALA A 464 38.22 -37.83 -27.36
N HIS A 465 38.30 -39.00 -26.68
CA HIS A 465 39.44 -39.92 -26.67
C HIS A 465 40.71 -39.29 -26.07
N GLN A 466 40.56 -38.37 -25.09
CA GLN A 466 41.68 -37.66 -24.45
C GLN A 466 42.58 -36.99 -25.49
N GLN A 467 42.00 -36.07 -26.27
CA GLN A 467 42.69 -35.36 -27.36
C GLN A 467 42.37 -33.85 -27.34
N LEU A 468 43.13 -33.04 -28.10
CA LEU A 468 42.95 -31.59 -28.20
C LEU A 468 42.77 -31.19 -29.68
N ILE A 469 41.90 -30.21 -29.96
CA ILE A 469 41.60 -29.75 -31.33
C ILE A 469 41.97 -28.27 -31.51
N GLN A 470 42.22 -27.83 -32.75
CA GLN A 470 42.53 -26.44 -33.07
C GLN A 470 42.21 -26.16 -34.55
N ILE A 471 41.13 -25.39 -34.81
CA ILE A 471 40.71 -25.02 -36.16
C ILE A 471 41.33 -23.66 -36.50
N THR A 472 42.23 -23.64 -37.48
CA THR A 472 42.91 -22.40 -37.92
C THR A 472 42.57 -22.05 -39.37
N SER A 473 42.90 -20.81 -39.79
CA SER A 473 42.69 -20.35 -41.15
C SER A 473 43.36 -21.27 -42.18
N ALA A 474 44.54 -21.81 -41.84
CA ALA A 474 45.25 -22.72 -42.72
C ALA A 474 44.63 -24.14 -42.74
N SER A 475 44.39 -24.75 -41.56
CA SER A 475 43.86 -26.12 -41.48
C SER A 475 43.36 -26.52 -40.07
N VAL A 476 42.68 -27.68 -39.95
CA VAL A 476 42.20 -28.23 -38.68
C VAL A 476 43.28 -29.17 -38.14
N ARG A 477 43.69 -28.99 -36.87
CA ARG A 477 44.75 -29.78 -36.25
C ARG A 477 44.21 -30.62 -35.08
N LEU A 478 44.83 -31.78 -34.81
CA LEU A 478 44.48 -32.66 -33.70
C LEU A 478 45.77 -33.05 -33.00
N VAL A 479 45.85 -32.80 -31.68
CA VAL A 479 47.04 -33.07 -30.87
C VAL A 479 46.71 -34.08 -29.79
N SER A 480 47.55 -35.11 -29.61
CA SER A 480 47.36 -36.10 -28.57
C SER A 480 47.72 -35.45 -27.23
N GLN A 481 46.77 -35.41 -26.29
CA GLN A 481 46.91 -34.73 -25.00
C GLN A 481 48.10 -35.19 -24.15
N GLU A 482 48.34 -36.51 -24.02
CA GLU A 482 49.41 -37.01 -23.15
C GLU A 482 50.85 -36.83 -23.77
N PRO A 483 51.20 -37.33 -25.00
CA PRO A 483 52.57 -37.09 -25.50
C PRO A 483 52.81 -35.71 -26.10
N LYS A 484 51.74 -34.89 -26.29
CA LYS A 484 51.81 -33.55 -26.88
C LYS A 484 52.47 -33.54 -28.25
N ALA A 485 51.72 -33.95 -29.29
CA ALA A 485 52.22 -33.98 -30.66
C ALA A 485 51.05 -34.01 -31.66
N LEU A 486 51.28 -33.44 -32.86
CA LEU A 486 50.26 -33.42 -33.91
C LEU A 486 50.09 -34.85 -34.43
N VAL A 487 48.87 -35.39 -34.34
CA VAL A 487 48.58 -36.77 -34.76
C VAL A 487 47.73 -36.83 -36.05
N SER A 488 46.84 -35.85 -36.28
CA SER A 488 46.01 -35.81 -37.49
C SER A 488 45.75 -34.36 -37.87
N GLU A 489 45.69 -34.07 -39.18
CA GLU A 489 45.47 -32.72 -39.68
C GLU A 489 44.68 -32.76 -40.98
N TRP A 490 43.47 -32.18 -40.99
CA TRP A 490 42.65 -32.11 -42.20
C TRP A 490 42.98 -30.81 -42.92
N LYS A 491 43.22 -30.88 -44.23
CA LYS A 491 43.50 -29.69 -45.05
C LYS A 491 42.52 -29.61 -46.22
N GLU A 492 42.30 -28.39 -46.72
CA GLU A 492 41.38 -28.14 -47.82
C GLU A 492 42.03 -28.64 -49.14
N PRO A 493 41.35 -29.44 -50.00
CA PRO A 493 42.03 -29.91 -51.22
C PRO A 493 42.71 -28.85 -52.10
N GLN A 494 42.06 -27.70 -52.32
CA GLN A 494 42.62 -26.61 -53.14
C GLN A 494 43.42 -25.59 -52.30
N ALA A 495 43.91 -26.00 -51.10
CA ALA A 495 44.68 -25.16 -50.17
C ALA A 495 44.00 -23.82 -49.82
N LYS A 496 42.65 -23.79 -49.78
CA LYS A 496 41.89 -22.59 -49.45
C LYS A 496 41.77 -22.41 -47.93
N ASN A 497 41.58 -21.16 -47.49
CA ASN A 497 41.42 -20.87 -46.07
C ASN A 497 40.02 -21.24 -45.58
N ILE A 498 39.88 -21.52 -44.28
CA ILE A 498 38.59 -21.84 -43.68
C ILE A 498 37.91 -20.51 -43.40
N SER A 499 36.66 -20.32 -43.85
CA SER A 499 35.95 -19.07 -43.64
C SER A 499 35.24 -19.06 -42.27
N VAL A 500 34.37 -20.06 -42.01
CA VAL A 500 33.60 -20.19 -40.77
C VAL A 500 33.70 -21.65 -40.29
N ALA A 501 33.77 -21.87 -38.97
CA ALA A 501 33.85 -23.22 -38.43
C ALA A 501 33.31 -23.32 -37.00
N SER A 502 32.82 -24.51 -36.63
CA SER A 502 32.29 -24.79 -35.30
C SER A 502 32.54 -26.26 -34.96
N CYS A 503 32.91 -26.56 -33.71
CA CYS A 503 33.20 -27.93 -33.28
C CYS A 503 32.67 -28.16 -31.86
N ASN A 504 32.30 -29.42 -31.58
CA ASN A 504 31.82 -29.85 -30.27
C ASN A 504 32.67 -31.07 -29.77
N SER A 505 32.32 -31.62 -28.59
CA SER A 505 33.02 -32.75 -27.97
C SER A 505 33.43 -33.90 -28.91
N SER A 506 32.57 -34.26 -29.89
CA SER A 506 32.83 -35.37 -30.80
C SER A 506 32.81 -35.06 -32.30
N GLN A 507 32.19 -33.94 -32.73
CA GLN A 507 32.08 -33.60 -34.16
C GLN A 507 32.78 -32.28 -34.50
N VAL A 508 33.19 -32.12 -35.77
CA VAL A 508 33.84 -30.92 -36.28
C VAL A 508 33.14 -30.55 -37.60
N VAL A 509 32.56 -29.34 -37.69
CA VAL A 509 31.89 -28.87 -38.91
C VAL A 509 32.57 -27.59 -39.38
N VAL A 510 33.24 -27.63 -40.55
CA VAL A 510 33.93 -26.47 -41.12
C VAL A 510 33.28 -26.08 -42.47
N ALA A 511 33.55 -24.84 -42.94
CA ALA A 511 33.01 -24.37 -44.21
C ALA A 511 33.97 -23.42 -44.91
N VAL A 512 34.09 -23.57 -46.24
CA VAL A 512 34.97 -22.76 -47.10
C VAL A 512 34.08 -22.07 -48.13
N GLY A 513 33.72 -20.83 -47.86
CA GLY A 513 32.84 -20.08 -48.75
C GLY A 513 31.45 -20.69 -48.80
N ARG A 514 31.18 -21.50 -49.83
CA ARG A 514 29.90 -22.20 -49.98
C ARG A 514 30.02 -23.70 -49.63
N ALA A 515 31.24 -24.28 -49.71
CA ALA A 515 31.46 -25.69 -49.38
C ALA A 515 31.32 -25.96 -47.88
N LEU A 516 31.02 -27.21 -47.51
CA LEU A 516 30.86 -27.64 -46.12
C LEU A 516 31.39 -29.06 -45.96
N TYR A 517 32.14 -29.32 -44.88
CA TYR A 517 32.71 -30.64 -44.63
C TYR A 517 32.44 -31.09 -43.21
N TYR A 518 31.75 -32.23 -43.05
CA TYR A 518 31.46 -32.80 -41.73
C TYR A 518 32.55 -33.81 -41.42
N LEU A 519 33.20 -33.66 -40.25
CA LEU A 519 34.27 -34.53 -39.79
C LEU A 519 33.93 -35.09 -38.40
N GLN A 520 34.55 -36.21 -38.02
CA GLN A 520 34.30 -36.84 -36.73
C GLN A 520 35.62 -37.05 -35.96
N ILE A 521 35.57 -36.91 -34.63
CA ILE A 521 36.74 -37.04 -33.77
C ILE A 521 36.91 -38.49 -33.31
N HIS A 522 38.05 -39.11 -33.68
CA HIS A 522 38.39 -40.49 -33.32
C HIS A 522 39.88 -40.58 -32.93
N PRO A 523 40.37 -41.65 -32.25
CA PRO A 523 41.80 -41.70 -31.88
C PRO A 523 42.75 -41.52 -33.05
N GLN A 524 43.52 -40.43 -33.01
CA GLN A 524 44.52 -40.03 -34.00
C GLN A 524 44.00 -39.97 -35.45
N GLU A 525 42.73 -39.55 -35.66
CA GLU A 525 42.19 -39.40 -37.01
C GLU A 525 41.00 -38.43 -37.05
N LEU A 526 40.84 -37.74 -38.19
CA LEU A 526 39.75 -36.80 -38.47
C LEU A 526 39.22 -37.19 -39.85
N ARG A 527 38.12 -37.96 -39.92
CA ARG A 527 37.61 -38.44 -41.22
C ARG A 527 36.40 -37.66 -41.74
N GLN A 528 36.47 -37.23 -43.02
CA GLN A 528 35.40 -36.50 -43.69
C GLN A 528 34.29 -37.48 -44.04
N ILE A 529 33.05 -37.15 -43.68
CA ILE A 529 31.88 -38.00 -43.90
C ILE A 529 30.96 -37.37 -44.96
N SER A 530 30.55 -36.10 -44.76
CA SER A 530 29.66 -35.41 -45.71
C SER A 530 30.36 -34.24 -46.42
N HIS A 531 29.85 -33.88 -47.60
CA HIS A 531 30.38 -32.79 -48.45
C HIS A 531 29.19 -32.15 -49.19
N THR A 532 28.74 -30.98 -48.73
CA THR A 532 27.57 -30.31 -49.29
C THR A 532 27.86 -28.85 -49.65
N GLU A 533 27.32 -28.38 -50.79
CA GLU A 533 27.45 -27.00 -51.25
C GLU A 533 26.16 -26.24 -50.90
N MET A 534 26.28 -24.97 -50.53
CA MET A 534 25.13 -24.15 -50.15
C MET A 534 24.76 -23.13 -51.23
N GLU A 535 23.54 -22.58 -51.15
CA GLU A 535 23.01 -21.59 -52.11
C GLU A 535 23.92 -20.35 -52.19
N HIS A 536 24.29 -19.76 -51.03
CA HIS A 536 25.16 -18.59 -50.93
C HIS A 536 26.31 -18.85 -49.91
N GLU A 537 27.24 -17.88 -49.73
CA GLU A 537 28.36 -18.08 -48.80
C GLU A 537 27.90 -18.17 -47.35
N VAL A 538 28.60 -18.97 -46.54
CA VAL A 538 28.29 -19.19 -45.13
C VAL A 538 28.51 -17.91 -44.32
N ALA A 539 27.62 -17.63 -43.37
CA ALA A 539 27.72 -16.46 -42.50
C ALA A 539 28.17 -16.88 -41.08
N CYS A 540 27.55 -17.95 -40.52
CA CYS A 540 27.88 -18.48 -39.19
C CYS A 540 27.49 -19.97 -39.09
N LEU A 541 28.04 -20.68 -38.09
CA LEU A 541 27.75 -22.11 -37.89
C LEU A 541 27.76 -22.49 -36.41
N ASP A 542 27.03 -23.55 -36.06
CA ASP A 542 26.98 -24.08 -34.70
C ASP A 542 26.60 -25.55 -34.71
N ILE A 543 27.15 -26.33 -33.77
CA ILE A 543 26.91 -27.77 -33.66
C ILE A 543 26.89 -28.17 -32.18
N THR A 544 26.19 -27.38 -31.34
CA THR A 544 26.10 -27.67 -29.91
C THR A 544 25.13 -28.84 -29.67
N PRO A 545 25.59 -30.00 -29.12
CA PRO A 545 24.63 -31.10 -28.89
C PRO A 545 23.67 -30.81 -27.74
N LEU A 546 22.48 -31.42 -27.80
CA LEU A 546 21.43 -31.24 -26.80
C LEU A 546 21.05 -32.60 -26.16
N GLY A 547 20.14 -32.59 -25.18
CA GLY A 547 19.75 -33.80 -24.46
C GLY A 547 18.90 -34.82 -25.20
N ASP A 548 19.14 -35.03 -26.50
CA ASP A 548 18.42 -36.04 -27.27
C ASP A 548 19.09 -37.40 -27.00
N SER A 549 20.42 -37.46 -27.17
CA SER A 549 21.22 -38.66 -26.91
C SER A 549 22.54 -38.38 -26.14
N ASN A 550 22.97 -37.09 -26.03
CA ASN A 550 24.20 -36.68 -25.35
C ASN A 550 25.44 -37.40 -25.89
N GLY A 551 25.87 -36.99 -27.07
CA GLY A 551 27.05 -37.55 -27.73
C GLY A 551 27.39 -36.75 -28.97
N LEU A 552 26.74 -37.09 -30.09
CA LEU A 552 26.90 -36.36 -31.35
C LEU A 552 25.56 -35.70 -31.69
N SER A 553 25.59 -34.41 -32.08
CA SER A 553 24.38 -33.64 -32.37
C SER A 553 23.75 -34.10 -33.70
N PRO A 554 22.45 -34.47 -33.75
CA PRO A 554 21.85 -34.85 -35.05
C PRO A 554 21.50 -33.67 -35.96
N LEU A 555 21.43 -32.43 -35.40
CA LEU A 555 21.08 -31.22 -36.16
C LEU A 555 22.24 -30.22 -36.17
N CYS A 556 22.24 -29.29 -37.15
CA CYS A 556 23.28 -28.26 -37.32
C CYS A 556 22.63 -26.94 -37.77
N ALA A 557 23.10 -25.81 -37.23
CA ALA A 557 22.57 -24.48 -37.57
C ALA A 557 23.53 -23.72 -38.48
N ILE A 558 22.99 -22.90 -39.41
CA ILE A 558 23.80 -22.14 -40.38
C ILE A 558 23.05 -20.86 -40.85
N GLY A 559 23.79 -19.92 -41.44
CA GLY A 559 23.25 -18.68 -41.99
C GLY A 559 23.85 -18.36 -43.34
N LEU A 560 23.10 -17.61 -44.19
CA LEU A 560 23.54 -17.25 -45.54
C LEU A 560 23.92 -15.78 -45.67
N TRP A 561 24.80 -15.45 -46.63
CA TRP A 561 25.21 -14.06 -46.90
C TRP A 561 24.10 -13.37 -47.72
N THR A 562 23.75 -13.92 -48.90
CA THR A 562 22.69 -13.37 -49.75
C THR A 562 21.40 -14.12 -49.37
N ASP A 563 20.25 -13.42 -49.33
CA ASP A 563 18.94 -13.99 -48.93
C ASP A 563 19.08 -14.56 -47.52
N ILE A 564 19.40 -13.68 -46.56
CA ILE A 564 19.66 -14.04 -45.15
C ILE A 564 18.58 -14.94 -44.56
N SER A 565 18.97 -16.10 -44.02
CA SER A 565 18.04 -17.07 -43.44
C SER A 565 18.76 -18.04 -42.52
N ALA A 566 18.08 -18.48 -41.45
CA ALA A 566 18.59 -19.48 -40.51
C ALA A 566 18.09 -20.84 -41.01
N ARG A 567 19.00 -21.81 -41.18
CA ARG A 567 18.65 -23.14 -41.69
C ARG A 567 19.14 -24.25 -40.74
N ILE A 568 18.41 -25.39 -40.68
CA ILE A 568 18.77 -26.55 -39.86
C ILE A 568 19.06 -27.72 -40.80
N LEU A 569 20.15 -28.47 -40.51
CA LEU A 569 20.60 -29.59 -41.36
C LEU A 569 20.85 -30.88 -40.58
N LYS A 570 20.55 -32.03 -41.21
CA LYS A 570 20.86 -33.34 -40.62
C LYS A 570 22.35 -33.57 -40.90
N LEU A 571 23.12 -34.15 -39.96
CA LEU A 571 24.56 -34.32 -40.16
C LEU A 571 24.96 -35.40 -41.22
N PRO A 572 24.45 -36.66 -41.21
CA PRO A 572 24.88 -37.63 -42.24
C PRO A 572 24.27 -37.44 -43.64
N SER A 573 23.71 -36.26 -43.96
CA SER A 573 23.08 -36.02 -45.27
C SER A 573 22.97 -34.55 -45.69
N PHE A 574 22.55 -33.66 -44.76
CA PHE A 574 22.33 -32.23 -44.94
C PHE A 574 20.95 -31.95 -45.54
N GLU A 575 19.91 -32.49 -44.87
CA GLU A 575 18.52 -32.29 -45.26
C GLU A 575 18.07 -30.94 -44.71
N LEU A 576 17.43 -30.11 -45.54
CA LEU A 576 16.99 -28.79 -45.11
C LEU A 576 15.71 -28.86 -44.29
N LEU A 577 15.84 -28.83 -42.95
CA LEU A 577 14.68 -28.85 -42.06
C LEU A 577 14.39 -27.39 -41.68
N HIS A 578 13.25 -26.84 -42.12
CA HIS A 578 12.83 -25.47 -41.81
C HIS A 578 13.85 -24.39 -42.20
N LYS A 579 13.55 -23.61 -43.26
CA LYS A 579 14.39 -22.51 -43.72
C LYS A 579 13.74 -21.19 -43.29
N GLU A 580 13.94 -20.79 -42.04
CA GLU A 580 13.36 -19.55 -41.53
C GLU A 580 14.05 -18.36 -42.19
N MET A 581 13.32 -17.66 -43.07
CA MET A 581 13.88 -16.51 -43.79
C MET A 581 13.91 -15.29 -42.86
N LEU A 582 15.03 -14.56 -42.88
CA LEU A 582 15.21 -13.35 -42.06
C LEU A 582 15.16 -12.12 -42.98
N GLY A 583 14.76 -10.98 -42.42
CA GLY A 583 14.64 -9.74 -43.17
C GLY A 583 15.74 -8.73 -42.87
N GLY A 584 16.06 -7.91 -43.87
CA GLY A 584 17.08 -6.87 -43.74
C GLY A 584 18.28 -7.08 -44.64
N GLU A 585 19.13 -6.05 -44.78
CA GLU A 585 20.34 -6.08 -45.59
C GLU A 585 21.56 -6.24 -44.66
N ILE A 586 21.46 -7.16 -43.69
CA ILE A 586 22.52 -7.39 -42.69
C ILE A 586 22.65 -8.91 -42.49
N ILE A 587 23.89 -9.44 -42.54
CA ILE A 587 24.15 -10.88 -42.44
C ILE A 587 24.25 -11.38 -40.99
N PRO A 588 23.88 -12.65 -40.68
CA PRO A 588 24.03 -13.11 -39.29
C PRO A 588 25.48 -13.38 -38.89
N ARG A 589 26.00 -12.63 -37.92
CA ARG A 589 27.39 -12.80 -37.48
C ARG A 589 27.56 -14.06 -36.62
N SER A 590 26.56 -14.41 -35.80
CA SER A 590 26.66 -15.59 -34.92
C SER A 590 25.33 -16.33 -34.81
N ILE A 591 25.40 -17.63 -34.48
CA ILE A 591 24.22 -18.51 -34.30
C ILE A 591 24.55 -19.57 -33.24
N LEU A 592 23.55 -20.00 -32.45
CA LEU A 592 23.78 -20.96 -31.37
C LEU A 592 22.53 -21.77 -31.00
N MET A 593 22.68 -23.10 -30.83
CA MET A 593 21.62 -23.99 -30.37
C MET A 593 21.87 -24.21 -28.88
N THR A 594 20.83 -24.09 -28.04
CA THR A 594 21.01 -24.24 -26.59
C THR A 594 19.76 -24.73 -25.87
N THR A 595 19.95 -25.34 -24.68
CA THR A 595 18.85 -25.82 -23.84
C THR A 595 18.61 -24.86 -22.68
N PHE A 596 17.34 -24.68 -22.30
CA PHE A 596 16.96 -23.77 -21.22
C PHE A 596 15.82 -24.37 -20.41
N GLU A 597 16.14 -24.91 -19.21
CA GLU A 597 15.22 -25.60 -18.28
C GLU A 597 14.85 -26.98 -18.83
N SER A 598 14.29 -27.02 -20.05
CA SER A 598 13.89 -28.25 -20.74
C SER A 598 13.74 -27.98 -22.25
N SER A 599 13.02 -26.91 -22.62
CA SER A 599 12.80 -26.53 -24.02
C SER A 599 14.09 -26.06 -24.68
N HIS A 600 14.31 -26.46 -25.94
CA HIS A 600 15.49 -26.09 -26.71
C HIS A 600 15.19 -24.87 -27.58
N TYR A 601 16.19 -24.01 -27.78
CA TYR A 601 16.05 -22.79 -28.56
C TYR A 601 17.18 -22.60 -29.57
N LEU A 602 16.90 -21.84 -30.64
CA LEU A 602 17.88 -21.47 -31.65
C LEU A 602 18.02 -19.96 -31.60
N LEU A 603 19.18 -19.47 -31.19
CA LEU A 603 19.46 -18.04 -31.09
C LEU A 603 20.28 -17.62 -32.29
N CYS A 604 19.88 -16.54 -32.97
CA CYS A 604 20.58 -16.04 -34.15
C CYS A 604 20.83 -14.54 -34.02
N ALA A 605 22.12 -14.15 -33.99
CA ALA A 605 22.53 -12.75 -33.84
C ALA A 605 22.96 -12.12 -35.16
N LEU A 606 22.82 -10.79 -35.29
CA LEU A 606 23.17 -10.05 -36.51
C LEU A 606 24.07 -8.84 -36.25
N GLY A 607 24.72 -8.35 -37.32
CA GLY A 607 25.61 -7.20 -37.27
C GLY A 607 25.00 -5.93 -36.74
N ASP A 608 23.70 -5.70 -37.00
CA ASP A 608 23.01 -4.52 -36.48
C ASP A 608 22.67 -4.60 -34.97
N GLY A 609 22.92 -5.74 -34.33
CA GLY A 609 22.64 -5.96 -32.91
C GLY A 609 21.30 -6.63 -32.64
N ALA A 610 20.65 -7.19 -33.67
CA ALA A 610 19.37 -7.88 -33.52
C ALA A 610 19.58 -9.34 -33.12
N LEU A 611 18.65 -9.91 -32.34
CA LEU A 611 18.75 -11.29 -31.88
C LEU A 611 17.39 -11.96 -32.00
N PHE A 612 17.33 -13.07 -32.75
CA PHE A 612 16.12 -13.87 -32.94
C PHE A 612 16.23 -15.14 -32.11
N TYR A 613 15.12 -15.59 -31.51
CA TYR A 613 15.12 -16.85 -30.76
C TYR A 613 13.84 -17.61 -31.05
N PHE A 614 13.96 -18.92 -31.31
CA PHE A 614 12.83 -19.77 -31.69
C PHE A 614 12.94 -21.11 -30.97
N GLY A 615 11.80 -21.68 -30.60
CA GLY A 615 11.77 -23.01 -29.99
C GLY A 615 12.09 -24.04 -31.06
N LEU A 616 12.94 -25.03 -30.74
CA LEU A 616 13.36 -26.03 -31.70
C LEU A 616 13.27 -27.44 -31.14
N ASN A 617 12.55 -28.34 -31.82
CA ASN A 617 12.44 -29.72 -31.37
C ASN A 617 13.67 -30.49 -31.85
N ILE A 618 14.30 -31.26 -30.96
CA ILE A 618 15.53 -32.01 -31.25
C ILE A 618 15.34 -33.16 -32.26
N GLU A 619 14.14 -33.75 -32.36
CA GLU A 619 13.92 -34.86 -33.31
C GLU A 619 13.43 -34.39 -34.69
N THR A 620 12.42 -33.50 -34.73
CA THR A 620 11.87 -33.01 -36.01
C THR A 620 12.82 -32.01 -36.67
N GLY A 621 13.32 -31.06 -35.88
CA GLY A 621 14.25 -30.04 -36.37
C GLY A 621 13.56 -28.84 -36.99
N LEU A 622 12.37 -28.47 -36.50
CA LEU A 622 11.63 -27.31 -37.01
C LEU A 622 11.49 -26.24 -35.94
N LEU A 623 11.49 -24.97 -36.38
CA LEU A 623 11.43 -23.80 -35.52
C LEU A 623 9.99 -23.38 -35.22
N SER A 624 9.80 -22.65 -34.11
CA SER A 624 8.48 -22.17 -33.70
C SER A 624 8.60 -20.91 -32.84
N ASP A 625 7.53 -20.09 -32.84
CA ASP A 625 7.45 -18.83 -32.07
C ASP A 625 8.60 -17.86 -32.37
N ARG A 626 8.56 -17.20 -33.53
CA ARG A 626 9.59 -16.23 -33.89
C ARG A 626 9.48 -15.00 -32.98
N LYS A 627 10.57 -14.65 -32.31
CA LYS A 627 10.62 -13.49 -31.42
C LYS A 627 11.96 -12.77 -31.60
N LYS A 628 11.91 -11.50 -32.02
CA LYS A 628 13.07 -10.66 -32.29
C LYS A 628 13.25 -9.64 -31.16
N VAL A 629 14.51 -9.38 -30.76
CA VAL A 629 14.81 -8.40 -29.70
C VAL A 629 16.21 -7.82 -29.93
N THR A 630 16.33 -6.47 -29.93
CA THR A 630 17.61 -5.80 -30.12
C THR A 630 18.27 -5.58 -28.77
N LEU A 631 19.57 -5.91 -28.65
CA LEU A 631 20.32 -5.74 -27.40
C LEU A 631 21.37 -4.63 -27.57
N GLY A 632 22.20 -4.74 -28.60
CA GLY A 632 23.24 -3.75 -28.89
C GLY A 632 23.13 -3.22 -30.31
N THR A 633 24.15 -2.48 -30.75
CA THR A 633 24.23 -1.94 -32.12
C THR A 633 25.39 -2.58 -32.93
N GLN A 634 26.37 -3.22 -32.25
CA GLN A 634 27.50 -3.90 -32.89
C GLN A 634 27.20 -5.42 -32.99
N PRO A 635 27.87 -6.19 -33.88
CA PRO A 635 27.59 -7.64 -33.94
C PRO A 635 27.75 -8.35 -32.59
N THR A 636 26.84 -9.28 -32.32
CA THR A 636 26.78 -9.99 -31.05
C THR A 636 27.42 -11.39 -31.17
N VAL A 637 28.15 -11.80 -30.12
CA VAL A 637 28.83 -13.09 -30.03
C VAL A 637 28.10 -13.89 -28.96
N LEU A 638 27.69 -15.13 -29.26
CA LEU A 638 26.94 -15.98 -28.34
C LEU A 638 27.77 -17.15 -27.84
N ARG A 639 28.04 -17.19 -26.52
CA ARG A 639 28.80 -18.27 -25.86
C ARG A 639 28.01 -18.77 -24.65
N THR A 640 28.24 -20.02 -24.22
CA THR A 640 27.51 -20.61 -23.11
C THR A 640 28.37 -20.74 -21.84
N PHE A 641 27.74 -20.58 -20.68
CA PHE A 641 28.39 -20.72 -19.36
C PHE A 641 27.32 -21.13 -18.32
N ARG A 642 27.67 -21.94 -17.32
CA ARG A 642 26.70 -22.36 -16.31
C ARG A 642 26.75 -21.48 -15.04
N SER A 643 27.93 -21.32 -14.43
CA SER A 643 28.18 -20.52 -13.23
C SER A 643 27.52 -21.09 -11.93
N LEU A 644 26.16 -21.16 -11.85
CA LEU A 644 25.47 -21.66 -10.66
C LEU A 644 24.39 -22.69 -11.01
N SER A 645 24.83 -23.86 -11.48
CA SER A 645 24.01 -25.03 -11.80
C SER A 645 22.84 -24.79 -12.81
N THR A 646 23.06 -23.95 -13.84
CA THR A 646 22.04 -23.68 -14.88
C THR A 646 22.72 -23.12 -16.14
N THR A 647 22.38 -23.63 -17.34
CA THR A 647 23.01 -23.14 -18.58
C THR A 647 22.50 -21.73 -18.91
N ASN A 648 23.43 -20.80 -19.15
CA ASN A 648 23.17 -19.41 -19.50
C ASN A 648 24.00 -19.04 -20.74
N VAL A 649 23.55 -18.03 -21.50
CA VAL A 649 24.26 -17.59 -22.70
C VAL A 649 24.72 -16.14 -22.49
N PHE A 650 25.98 -15.83 -22.83
CA PHE A 650 26.53 -14.47 -22.73
C PHE A 650 26.55 -13.88 -24.14
N ALA A 651 25.93 -12.71 -24.33
CA ALA A 651 25.86 -12.02 -25.60
C ALA A 651 26.78 -10.80 -25.59
N CYS A 652 27.98 -10.94 -26.17
CA CYS A 652 28.96 -9.85 -26.20
C CYS A 652 28.63 -8.87 -27.32
N SER A 653 28.38 -7.60 -26.96
CA SER A 653 28.05 -6.54 -27.92
C SER A 653 28.28 -5.14 -27.25
N ASP A 654 27.72 -4.03 -27.78
CA ASP A 654 27.85 -2.72 -27.14
C ASP A 654 27.17 -2.75 -25.76
N ARG A 655 25.99 -3.39 -25.69
CA ARG A 655 25.24 -3.59 -24.46
C ARG A 655 25.37 -5.09 -24.14
N PRO A 656 26.46 -5.56 -23.49
CA PRO A 656 26.57 -7.00 -23.20
C PRO A 656 25.46 -7.46 -22.28
N THR A 657 24.89 -8.65 -22.55
CA THR A 657 23.72 -9.15 -21.83
C THR A 657 23.76 -10.65 -21.65
N VAL A 658 23.21 -11.16 -20.54
CA VAL A 658 23.13 -12.61 -20.31
C VAL A 658 21.70 -13.06 -20.66
N ILE A 659 21.57 -13.91 -21.68
CA ILE A 659 20.28 -14.48 -22.09
C ILE A 659 20.15 -15.75 -21.25
N TYR A 660 19.23 -15.74 -20.29
CA TYR A 660 18.97 -16.88 -19.40
C TYR A 660 17.46 -17.18 -19.39
N SER A 661 17.01 -18.19 -18.61
CA SER A 661 15.59 -18.56 -18.59
C SER A 661 15.01 -18.57 -17.18
N SER A 662 13.77 -18.10 -17.05
CA SER A 662 13.03 -18.07 -15.79
C SER A 662 11.55 -18.05 -16.13
N ASN A 663 10.75 -18.97 -15.56
CA ASN A 663 9.31 -19.09 -15.84
C ASN A 663 9.09 -19.57 -17.31
N HIS A 664 9.97 -20.48 -17.78
CA HIS A 664 9.93 -21.07 -19.12
C HIS A 664 9.80 -20.03 -20.25
N LYS A 665 10.60 -18.97 -20.15
CA LYS A 665 10.70 -17.90 -21.15
C LYS A 665 12.07 -17.22 -21.01
N LEU A 666 12.64 -16.73 -22.14
CA LEU A 666 13.96 -16.12 -22.10
C LEU A 666 13.95 -14.71 -21.54
N VAL A 667 14.88 -14.43 -20.62
CA VAL A 667 15.06 -13.15 -19.93
C VAL A 667 16.37 -12.53 -20.44
N PHE A 668 16.40 -11.21 -20.64
CA PHE A 668 17.56 -10.50 -21.17
C PHE A 668 18.05 -9.41 -20.22
N SER A 669 18.80 -9.80 -19.19
CA SER A 669 19.34 -8.86 -18.19
C SER A 669 20.75 -8.43 -18.55
N ASN A 670 21.01 -7.12 -18.55
CA ASN A 670 22.32 -6.58 -18.93
C ASN A 670 23.39 -6.86 -17.88
N VAL A 671 24.67 -6.86 -18.29
CA VAL A 671 25.81 -7.00 -17.37
C VAL A 671 26.44 -5.61 -17.26
N ASN A 672 26.87 -5.21 -16.05
CA ASN A 672 27.46 -3.90 -15.83
C ASN A 672 28.90 -3.79 -16.34
N LEU A 673 29.05 -3.71 -17.66
CA LEU A 673 30.31 -3.53 -18.38
C LEU A 673 30.04 -2.68 -19.62
N LYS A 674 30.94 -1.76 -19.95
CA LYS A 674 30.72 -0.87 -21.10
C LYS A 674 30.68 -1.63 -22.43
N GLU A 675 31.68 -2.51 -22.68
CA GLU A 675 31.70 -3.30 -23.92
C GLU A 675 32.54 -4.55 -23.75
N VAL A 676 32.07 -5.67 -24.33
CA VAL A 676 32.76 -6.96 -24.38
C VAL A 676 32.68 -7.39 -25.85
N ASN A 677 33.81 -7.75 -26.46
CA ASN A 677 33.83 -8.19 -27.85
C ASN A 677 33.74 -9.72 -27.91
N TYR A 678 34.57 -10.41 -27.12
CA TYR A 678 34.61 -11.87 -27.04
C TYR A 678 34.79 -12.31 -25.59
N MET A 679 34.32 -13.52 -25.24
CA MET A 679 34.48 -14.06 -23.89
C MET A 679 34.27 -15.57 -23.84
N CYS A 680 34.67 -16.21 -22.73
CA CYS A 680 34.49 -17.66 -22.53
C CYS A 680 34.48 -17.98 -21.02
N PRO A 681 33.88 -19.09 -20.56
CA PRO A 681 33.98 -19.43 -19.13
C PRO A 681 35.37 -19.99 -18.78
N LEU A 682 35.86 -19.72 -17.57
CA LEU A 682 37.17 -20.20 -17.13
C LEU A 682 37.09 -20.80 -15.73
N ASN A 683 37.89 -21.83 -15.46
CA ASN A 683 37.89 -22.49 -14.16
C ASN A 683 39.30 -22.92 -13.76
N SER A 684 40.18 -21.95 -13.52
CA SER A 684 41.56 -22.20 -13.11
C SER A 684 41.66 -22.36 -11.58
N ASP A 685 42.85 -22.75 -11.06
CA ASP A 685 43.04 -22.89 -9.62
C ASP A 685 43.03 -21.52 -8.95
N GLY A 686 43.75 -20.57 -9.53
CA GLY A 686 43.80 -19.20 -9.04
C GLY A 686 42.53 -18.41 -9.34
N TYR A 687 41.80 -18.80 -10.42
CA TYR A 687 40.56 -18.18 -10.84
C TYR A 687 39.44 -19.25 -10.89
N PRO A 688 38.95 -19.76 -9.73
CA PRO A 688 37.91 -20.81 -9.79
C PRO A 688 36.52 -20.29 -10.13
N ASP A 689 35.87 -20.95 -11.10
CA ASP A 689 34.53 -20.62 -11.60
C ASP A 689 34.41 -19.13 -11.97
N SER A 690 35.40 -18.66 -12.75
CA SER A 690 35.47 -17.28 -13.23
C SER A 690 35.09 -17.21 -14.73
N LEU A 691 35.03 -16.00 -15.30
CA LEU A 691 34.70 -15.76 -16.70
C LEU A 691 35.82 -14.93 -17.30
N ALA A 692 36.30 -15.29 -18.48
CA ALA A 692 37.36 -14.55 -19.15
C ALA A 692 36.73 -13.63 -20.19
N LEU A 693 36.56 -12.34 -19.87
CA LEU A 693 36.00 -11.34 -20.76
C LEU A 693 37.14 -10.65 -21.53
N ALA A 694 36.86 -10.17 -22.73
CA ALA A 694 37.84 -9.46 -23.53
C ALA A 694 37.17 -8.36 -24.31
N ASN A 695 37.74 -7.15 -24.28
CA ASN A 695 37.21 -5.98 -24.98
C ASN A 695 38.28 -5.49 -26.01
N ASN A 696 38.14 -4.26 -26.53
CA ASN A 696 39.08 -3.73 -27.52
C ASN A 696 40.52 -3.63 -27.03
N SER A 697 40.74 -3.51 -25.70
CA SER A 697 42.08 -3.30 -25.16
C SER A 697 42.56 -4.27 -24.07
N THR A 698 41.67 -4.87 -23.27
CA THR A 698 42.11 -5.68 -22.13
C THR A 698 41.45 -7.04 -21.96
N LEU A 699 42.26 -8.06 -21.66
CA LEU A 699 41.81 -9.40 -21.30
C LEU A 699 41.57 -9.33 -19.78
N THR A 700 40.39 -9.70 -19.31
CA THR A 700 40.04 -9.61 -17.89
C THR A 700 39.43 -10.93 -17.41
N ILE A 701 39.85 -11.41 -16.22
CA ILE A 701 39.31 -12.64 -15.62
C ILE A 701 38.60 -12.21 -14.33
N GLY A 702 37.37 -12.67 -14.14
CA GLY A 702 36.61 -12.31 -12.95
C GLY A 702 35.35 -13.12 -12.75
N THR A 703 34.85 -13.16 -11.51
CA THR A 703 33.65 -13.90 -11.17
C THR A 703 32.39 -13.08 -11.44
N ILE A 704 31.37 -13.70 -12.07
CA ILE A 704 30.10 -13.04 -12.35
C ILE A 704 29.23 -13.04 -11.07
N ASP A 705 28.24 -12.14 -11.01
CA ASP A 705 27.31 -12.03 -9.87
C ASP A 705 26.16 -13.06 -10.03
N GLU A 706 25.11 -13.01 -9.17
CA GLU A 706 23.96 -13.92 -9.30
C GLU A 706 23.23 -13.55 -10.60
N ILE A 707 23.03 -14.52 -11.49
CA ILE A 707 22.41 -14.23 -12.79
C ILE A 707 20.91 -13.99 -12.61
N GLN A 708 20.53 -12.70 -12.53
CA GLN A 708 19.14 -12.29 -12.35
C GLN A 708 18.97 -10.79 -12.63
N LYS A 709 17.76 -10.36 -13.01
CA LYS A 709 17.49 -8.93 -13.20
C LYS A 709 17.43 -8.33 -11.78
N LEU A 710 18.13 -7.21 -11.55
CA LEU A 710 18.17 -6.52 -10.24
C LEU A 710 18.94 -7.32 -9.17
N HIS A 711 20.07 -6.75 -8.68
CA HIS A 711 20.90 -7.33 -7.62
C HIS A 711 20.55 -6.63 -6.31
N ILE A 712 20.13 -7.41 -5.30
CA ILE A 712 19.69 -6.88 -4.01
C ILE A 712 20.61 -7.33 -2.88
N ARG A 713 21.10 -6.37 -2.07
CA ARG A 713 21.95 -6.65 -0.91
C ARG A 713 21.10 -6.32 0.34
N THR A 714 21.04 -7.24 1.31
CA THR A 714 20.26 -7.06 2.53
C THR A 714 21.17 -6.79 3.73
N VAL A 715 20.81 -5.80 4.58
CA VAL A 715 21.56 -5.44 5.78
C VAL A 715 20.60 -5.62 6.98
N PRO A 716 20.70 -6.70 7.79
CA PRO A 716 19.76 -6.85 8.91
C PRO A 716 20.01 -5.91 10.07
N LEU A 717 18.94 -5.30 10.60
CA LEU A 717 19.01 -4.39 11.75
C LEU A 717 18.36 -5.00 13.01
N TYR A 718 17.40 -5.93 12.83
CA TYR A 718 16.65 -6.58 13.92
C TYR A 718 15.78 -5.57 14.72
N GLU A 719 15.36 -4.47 14.07
CA GLU A 719 14.49 -3.43 14.63
C GLU A 719 13.84 -2.63 13.49
N SER A 720 12.67 -2.01 13.75
CA SER A 720 11.94 -1.29 12.70
C SER A 720 12.60 -0.02 12.14
N PRO A 721 13.11 0.00 10.88
CA PRO A 721 13.59 1.29 10.32
C PRO A 721 12.39 2.14 9.88
N ARG A 722 12.50 3.48 9.97
CA ARG A 722 11.37 4.36 9.64
C ARG A 722 11.70 5.36 8.51
N LYS A 723 12.82 6.07 8.60
CA LYS A 723 13.23 7.05 7.58
C LYS A 723 14.70 6.88 7.20
N ILE A 724 15.07 7.36 6.01
CA ILE A 724 16.46 7.29 5.55
C ILE A 724 16.81 8.49 4.65
N CYS A 725 18.02 9.02 4.83
CA CYS A 725 18.58 10.08 4.01
C CYS A 725 20.10 9.85 3.91
N TYR A 726 20.72 10.42 2.88
CA TYR A 726 22.14 10.23 2.63
C TYR A 726 22.96 11.51 2.83
N GLN A 727 24.17 11.38 3.40
CA GLN A 727 25.09 12.49 3.64
C GLN A 727 26.39 12.18 2.91
N GLU A 728 26.54 12.70 1.69
CA GLU A 728 27.69 12.46 0.84
C GLU A 728 29.02 12.88 1.47
N VAL A 729 29.03 14.02 2.18
CA VAL A 729 30.26 14.52 2.83
C VAL A 729 30.83 13.51 3.85
N SER A 730 29.97 12.88 4.66
CA SER A 730 30.40 11.92 5.66
C SER A 730 30.42 10.45 5.16
N GLN A 731 29.93 10.20 3.93
CA GLN A 731 29.89 8.86 3.32
C GLN A 731 29.16 7.87 4.21
N CYS A 732 27.89 8.18 4.52
CA CYS A 732 27.05 7.35 5.39
C CYS A 732 25.57 7.78 5.28
N PHE A 733 24.66 6.96 5.82
CA PHE A 733 23.23 7.21 5.82
C PHE A 733 22.71 7.48 7.22
N GLY A 734 21.70 8.33 7.31
CA GLY A 734 21.00 8.62 8.55
C GLY A 734 19.72 7.82 8.51
N VAL A 735 19.50 6.94 9.51
CA VAL A 735 18.33 6.06 9.52
C VAL A 735 17.63 6.12 10.86
N LEU A 736 16.35 6.54 10.88
CA LEU A 736 15.57 6.52 12.13
C LEU A 736 15.12 5.07 12.34
N SER A 737 15.15 4.61 13.58
CA SER A 737 14.77 3.24 13.93
C SER A 737 14.07 3.18 15.28
N SER A 738 13.41 2.05 15.59
CA SER A 738 12.70 1.91 16.86
C SER A 738 12.64 0.47 17.36
N ARG A 739 13.49 0.11 18.31
CA ARG A 739 13.45 -1.22 18.93
C ARG A 739 12.33 -1.24 20.00
N ILE A 740 11.87 -2.45 20.39
CA ILE A 740 10.82 -2.57 21.39
C ILE A 740 11.40 -3.19 22.66
N GLU A 741 11.48 -2.41 23.75
CA GLU A 741 12.00 -2.89 25.03
C GLU A 741 10.85 -3.06 26.02
N VAL A 742 10.84 -4.17 26.78
CA VAL A 742 9.79 -4.42 27.76
C VAL A 742 10.05 -3.58 29.02
N GLN A 743 8.98 -3.24 29.76
CA GLN A 743 9.12 -2.47 30.98
C GLN A 743 9.64 -3.41 32.08
N ASP A 744 10.80 -3.08 32.66
CA ASP A 744 11.40 -3.93 33.69
C ASP A 744 10.80 -3.66 35.06
N THR A 745 10.82 -4.69 35.92
CA THR A 745 10.37 -4.56 37.31
C THR A 745 11.36 -3.69 38.12
N SER A 746 12.66 -3.65 37.72
CA SER A 746 13.68 -2.84 38.36
C SER A 746 13.61 -1.34 37.98
N GLY A 747 12.65 -0.93 37.15
CA GLY A 747 12.50 0.46 36.74
C GLY A 747 13.46 0.85 35.64
N GLY A 748 13.35 0.20 34.50
CA GLY A 748 14.21 0.46 33.35
C GLY A 748 13.69 -0.20 32.09
N THR A 749 14.59 -0.43 31.12
CA THR A 749 14.24 -1.05 29.84
C THR A 749 15.22 -2.17 29.49
N THR A 750 14.74 -3.21 28.81
CA THR A 750 15.54 -4.35 28.39
C THR A 750 14.98 -4.88 27.07
N ALA A 751 15.82 -4.89 26.01
CA ALA A 751 15.39 -5.35 24.69
C ALA A 751 15.13 -6.84 24.65
N LEU A 752 14.17 -7.28 23.81
CA LEU A 752 13.88 -8.70 23.64
C LEU A 752 15.03 -9.44 22.92
N ARG A 753 15.79 -8.72 22.07
CA ARG A 753 16.92 -9.27 21.31
C ARG A 753 17.94 -8.15 20.99
N PRO A 754 19.25 -8.44 20.81
CA PRO A 754 20.19 -7.36 20.44
C PRO A 754 19.92 -6.87 19.02
N SER A 755 19.93 -5.54 18.82
CA SER A 755 19.65 -4.96 17.51
C SER A 755 20.62 -3.80 17.18
N ALA A 756 20.55 -3.29 15.93
CA ALA A 756 21.41 -2.22 15.42
C ALA A 756 21.62 -1.04 16.39
N SER A 757 20.56 -0.60 17.07
CA SER A 757 20.65 0.53 18.00
C SER A 757 21.41 0.19 19.30
N THR A 758 21.39 -1.07 19.75
CA THR A 758 22.11 -1.47 20.95
C THR A 758 23.55 -1.84 20.59
N GLN A 759 23.74 -2.68 19.58
CA GLN A 759 25.06 -3.11 19.14
C GLN A 759 25.62 -2.14 18.10
N ALA A 760 26.18 -1.03 18.58
CA ALA A 760 26.77 0.02 17.74
C ALA A 760 28.20 0.32 18.20
N LEU A 761 29.02 0.91 17.33
CA LEU A 761 30.40 1.25 17.69
C LEU A 761 30.39 2.35 18.76
N SER A 762 29.60 3.40 18.50
CA SER A 762 29.46 4.54 19.41
C SER A 762 27.99 4.72 19.73
N SER A 763 27.68 5.08 20.98
CA SER A 763 26.30 5.30 21.40
C SER A 763 26.23 6.56 22.26
N SER A 764 25.09 7.24 22.21
CA SER A 764 24.87 8.46 22.98
C SER A 764 23.39 8.65 23.27
N VAL A 765 23.07 9.27 24.41
CA VAL A 765 21.69 9.55 24.77
C VAL A 765 21.41 11.03 24.58
N SER A 766 20.16 11.36 24.24
CA SER A 766 19.78 12.78 23.99
C SER A 766 19.61 13.51 25.32
N SER A 767 20.69 13.68 26.07
CA SER A 767 20.62 14.34 27.36
C SER A 767 20.21 15.79 27.10
N SER A 768 18.97 16.10 27.49
CA SER A 768 18.44 17.47 27.31
C SER A 768 17.29 17.66 28.31
N LYS A 769 17.03 18.91 28.70
CA LYS A 769 15.98 19.21 29.66
C LYS A 769 14.97 20.19 29.06
N LEU A 770 14.99 20.39 27.71
CA LEU A 770 13.99 21.27 27.09
C LEU A 770 12.57 20.89 27.43
N PHE A 771 12.38 19.62 27.81
CA PHE A 771 11.05 19.15 28.28
C PHE A 771 11.17 18.89 29.78
N SER A 772 10.30 19.50 30.60
CA SER A 772 10.36 19.34 32.05
C SER A 772 9.87 17.95 32.45
N SER A 773 10.32 17.47 33.62
CA SER A 773 9.91 16.17 34.12
C SER A 773 8.41 16.11 34.40
N SER A 774 7.84 17.19 34.98
CA SER A 774 6.41 17.27 35.29
C SER A 774 5.57 17.60 34.04
N THR A 775 5.30 16.60 33.19
CA THR A 775 4.51 16.76 31.97
C THR A 775 3.38 15.71 31.92
N ALA A 776 3.72 14.42 32.14
CA ALA A 776 2.76 13.33 32.15
C ALA A 776 3.29 12.21 33.06
N PRO A 777 2.54 11.71 34.07
CA PRO A 777 3.09 10.66 34.94
C PRO A 777 3.28 9.30 34.24
N HIS A 778 4.52 8.79 34.26
CA HIS A 778 4.86 7.50 33.64
C HIS A 778 4.22 6.36 34.46
N GLU A 779 3.03 5.91 34.03
CA GLU A 779 2.26 4.86 34.72
C GLU A 779 2.21 3.55 33.91
N THR A 780 3.34 3.10 33.35
CA THR A 780 3.36 1.86 32.58
C THR A 780 3.75 0.68 33.49
N SER A 781 2.91 -0.37 33.53
CA SER A 781 3.15 -1.57 34.35
C SER A 781 4.24 -2.48 33.74
N PHE A 782 4.59 -3.62 34.39
CA PHE A 782 5.61 -4.52 33.86
C PHE A 782 5.16 -5.15 32.53
N GLY A 783 6.13 -5.51 31.70
CA GLY A 783 5.85 -6.15 30.42
C GLY A 783 5.16 -5.31 29.36
N GLU A 784 5.18 -3.97 29.50
CA GLU A 784 4.54 -3.09 28.51
C GLU A 784 5.51 -2.84 27.36
N GLU A 785 4.98 -2.79 26.13
CA GLU A 785 5.80 -2.58 24.94
C GLU A 785 6.19 -1.09 24.82
N VAL A 786 7.44 -0.76 25.17
CA VAL A 786 7.92 0.63 25.10
C VAL A 786 8.74 0.76 23.82
N GLU A 787 8.41 1.75 22.98
CA GLU A 787 9.08 1.99 21.72
C GLU A 787 10.25 2.97 21.91
N VAL A 788 11.48 2.46 21.90
CA VAL A 788 12.70 3.27 22.09
C VAL A 788 13.21 3.76 20.74
N HIS A 789 12.90 5.02 20.42
CA HIS A 789 13.28 5.60 19.13
C HIS A 789 14.78 5.88 19.05
N ASN A 790 15.33 6.00 17.83
CA ASN A 790 16.78 6.11 17.65
C ASN A 790 17.16 6.65 16.25
N LEU A 791 18.39 7.17 16.12
CA LEU A 791 18.94 7.65 14.84
C LEU A 791 20.26 6.89 14.66
N LEU A 792 20.43 6.21 13.52
CA LEU A 792 21.62 5.42 13.25
C LEU A 792 22.45 6.06 12.15
N ILE A 793 23.77 6.04 12.32
CA ILE A 793 24.72 6.57 11.34
C ILE A 793 25.37 5.33 10.72
N ILE A 794 24.66 4.72 9.77
CA ILE A 794 25.09 3.49 9.08
C ILE A 794 26.02 3.88 7.94
N ASP A 795 27.18 3.20 7.80
CA ASP A 795 28.14 3.50 6.74
C ASP A 795 27.59 3.18 5.33
N GLN A 796 28.12 3.83 4.29
CA GLN A 796 27.63 3.60 2.92
C GLN A 796 28.39 2.52 2.13
N HIS A 797 29.54 2.06 2.61
CA HIS A 797 30.33 1.03 1.91
C HIS A 797 30.15 -0.32 2.60
N THR A 798 30.41 -0.40 3.92
CA THR A 798 30.26 -1.63 4.69
C THR A 798 28.88 -1.77 5.33
N PHE A 799 28.13 -0.66 5.49
CA PHE A 799 26.82 -0.64 6.11
C PHE A 799 26.86 -1.06 7.59
N GLU A 800 27.95 -0.72 8.28
CA GLU A 800 28.10 -1.00 9.70
C GLU A 800 27.54 0.18 10.49
N VAL A 801 26.89 -0.09 11.64
CA VAL A 801 26.31 0.97 12.45
C VAL A 801 27.45 1.69 13.18
N LEU A 802 27.77 2.90 12.73
CA LEU A 802 28.86 3.68 13.32
C LEU A 802 28.42 4.37 14.60
N HIS A 803 27.21 4.92 14.62
CA HIS A 803 26.66 5.58 15.80
C HIS A 803 25.16 5.31 15.94
N ALA A 804 24.67 5.33 17.18
CA ALA A 804 23.26 5.13 17.51
C ALA A 804 22.84 6.11 18.60
N HIS A 805 22.35 7.29 18.20
CA HIS A 805 21.91 8.30 19.16
C HIS A 805 20.47 8.05 19.55
N GLN A 806 20.24 7.69 20.82
CA GLN A 806 18.90 7.44 21.33
C GLN A 806 18.25 8.76 21.75
N PHE A 807 16.93 8.87 21.52
CA PHE A 807 16.22 10.13 21.87
C PHE A 807 15.75 10.04 23.33
N LEU A 808 14.85 10.93 23.74
CA LEU A 808 14.42 10.97 25.16
C LEU A 808 13.28 9.99 25.42
N GLN A 809 12.88 9.82 26.69
CA GLN A 809 11.76 8.93 27.03
C GLN A 809 10.46 9.48 26.41
N ASN A 810 9.65 8.59 25.81
CA ASN A 810 8.41 8.95 25.12
C ASN A 810 8.62 9.82 23.85
N GLU A 811 9.88 10.01 23.45
CA GLU A 811 10.17 10.81 22.22
C GLU A 811 10.00 9.92 20.98
N TYR A 812 9.39 10.46 19.92
CA TYR A 812 9.20 9.73 18.67
C TYR A 812 9.75 10.52 17.50
N ALA A 813 10.80 10.01 16.83
CA ALA A 813 11.38 10.69 15.67
C ALA A 813 10.48 10.45 14.45
N LEU A 814 10.01 11.53 13.79
CA LEU A 814 9.08 11.42 12.66
C LEU A 814 9.60 11.95 11.32
N SER A 815 10.70 12.72 11.32
CA SER A 815 11.25 13.26 10.07
C SER A 815 12.76 13.41 10.18
N LEU A 816 13.46 13.35 9.04
CA LEU A 816 14.91 13.43 9.00
C LEU A 816 15.39 13.91 7.64
N VAL A 817 16.31 14.90 7.63
CA VAL A 817 16.91 15.46 6.41
C VAL A 817 18.41 15.71 6.62
N SER A 818 19.16 15.77 5.50
CA SER A 818 20.60 16.04 5.50
C SER A 818 20.83 17.15 4.49
N CYS A 819 21.30 18.33 4.94
CA CYS A 819 21.51 19.48 4.05
C CYS A 819 22.35 20.57 4.71
N LYS A 820 22.92 21.47 3.89
CA LYS A 820 23.67 22.62 4.37
C LYS A 820 22.68 23.77 4.47
N LEU A 821 22.54 24.39 5.65
CA LEU A 821 21.59 25.49 5.84
C LEU A 821 22.31 26.82 5.90
N GLY A 822 21.73 27.86 5.31
CA GLY A 822 22.31 29.19 5.30
C GLY A 822 23.68 29.26 4.67
N LYS A 823 24.51 30.21 5.11
CA LYS A 823 25.88 30.36 4.61
C LYS A 823 26.87 29.51 5.45
N ASP A 824 26.41 28.36 5.98
CA ASP A 824 27.23 27.46 6.79
C ASP A 824 27.79 26.37 5.87
N PRO A 825 29.12 26.15 5.79
CA PRO A 825 29.63 25.08 4.92
C PRO A 825 29.43 23.65 5.44
N ASN A 826 29.05 23.49 6.72
CA ASN A 826 28.86 22.16 7.29
C ASN A 826 27.51 21.58 6.88
N THR A 827 27.45 20.27 6.61
CA THR A 827 26.21 19.56 6.26
C THR A 827 25.72 18.92 7.55
N TYR A 828 24.44 19.09 7.89
CA TYR A 828 23.90 18.57 9.14
C TYR A 828 22.78 17.55 8.94
N PHE A 829 22.53 16.74 9.99
CA PHE A 829 21.43 15.77 10.04
C PHE A 829 20.39 16.38 10.95
N ILE A 830 19.25 16.84 10.43
CA ILE A 830 18.21 17.48 11.26
C ILE A 830 17.05 16.50 11.45
N VAL A 831 16.60 16.35 12.70
CA VAL A 831 15.53 15.35 13.00
C VAL A 831 14.32 16.04 13.66
N GLY A 832 13.11 15.77 13.16
CA GLY A 832 11.90 16.34 13.78
C GLY A 832 11.26 15.31 14.68
N THR A 833 10.97 15.68 15.94
CA THR A 833 10.46 14.68 16.89
C THR A 833 9.11 15.11 17.46
N ALA A 834 8.51 14.24 18.28
CA ALA A 834 7.23 14.55 18.92
C ALA A 834 7.17 13.80 20.25
N MET A 835 6.71 14.45 21.32
CA MET A 835 6.59 13.81 22.63
C MET A 835 5.25 13.10 22.75
N VAL A 836 5.25 11.76 22.63
CA VAL A 836 4.06 10.93 22.68
C VAL A 836 3.91 10.25 24.03
N TYR A 837 3.00 10.74 24.88
CA TYR A 837 2.71 10.15 26.19
C TYR A 837 1.41 9.33 26.02
N PRO A 838 1.32 8.04 26.43
CA PRO A 838 0.06 7.29 26.20
C PRO A 838 -1.23 7.95 26.66
N GLU A 839 -1.19 8.61 27.84
CA GLU A 839 -2.38 9.30 28.36
C GLU A 839 -2.84 10.47 27.46
N GLU A 840 -1.90 11.18 26.80
CA GLU A 840 -2.26 12.31 25.92
C GLU A 840 -2.61 11.81 24.52
N ALA A 841 -3.73 12.27 23.97
CA ALA A 841 -4.17 11.86 22.62
C ALA A 841 -3.45 12.68 21.53
N GLU A 842 -3.40 14.03 21.68
CA GLU A 842 -2.75 14.91 20.71
C GLU A 842 -1.33 15.28 21.16
N PRO A 843 -0.31 15.32 20.26
CA PRO A 843 1.04 15.71 20.71
C PRO A 843 1.21 17.22 20.87
N LYS A 844 1.20 17.71 22.11
CA LYS A 844 1.37 19.14 22.39
C LYS A 844 2.85 19.56 22.52
N GLN A 845 3.81 18.63 22.40
CA GLN A 845 5.23 18.92 22.53
C GLN A 845 6.05 18.19 21.44
N GLY A 846 7.21 18.76 21.10
CA GLY A 846 8.08 18.16 20.07
C GLY A 846 9.28 19.09 19.92
N ARG A 847 10.26 18.70 19.13
CA ARG A 847 11.44 19.56 18.97
C ARG A 847 12.11 19.28 17.63
N ILE A 848 13.04 20.17 17.24
CA ILE A 848 13.84 19.94 16.01
C ILE A 848 15.33 19.94 16.39
N VAL A 849 16.04 18.83 16.17
CA VAL A 849 17.46 18.75 16.62
C VAL A 849 18.41 18.77 15.42
N VAL A 850 19.39 19.67 15.43
CA VAL A 850 20.39 19.73 14.37
C VAL A 850 21.62 18.96 14.88
N PHE A 851 22.09 17.97 14.11
CA PHE A 851 23.24 17.14 14.49
C PHE A 851 24.38 17.26 13.47
N GLN A 852 25.61 16.98 13.92
CA GLN A 852 26.81 17.03 13.10
C GLN A 852 27.65 15.79 13.40
N TYR A 853 27.78 14.85 12.44
CA TYR A 853 28.58 13.66 12.66
C TYR A 853 30.05 13.97 12.41
N SER A 854 30.80 14.21 13.51
CA SER A 854 32.22 14.55 13.46
C SER A 854 32.98 13.76 14.54
N ASP A 855 34.24 13.37 14.24
CA ASP A 855 35.11 12.57 15.13
C ASP A 855 34.46 11.25 15.58
N GLY A 856 33.69 10.63 14.70
CA GLY A 856 33.01 9.38 15.01
C GLY A 856 31.99 9.47 16.13
N LYS A 857 31.41 10.65 16.35
CA LYS A 857 30.41 10.87 17.38
C LYS A 857 29.43 11.95 16.92
N LEU A 858 28.14 11.69 17.08
CA LEU A 858 27.10 12.61 16.65
C LEU A 858 26.86 13.74 17.65
N GLN A 859 27.44 14.91 17.36
CA GLN A 859 27.34 16.08 18.23
C GLN A 859 26.05 16.85 17.96
N THR A 860 25.49 17.48 19.00
CA THR A 860 24.27 18.27 18.88
C THR A 860 24.66 19.73 18.69
N VAL A 861 24.23 20.34 17.59
CA VAL A 861 24.55 21.73 17.25
C VAL A 861 23.44 22.67 17.76
N ALA A 862 22.18 22.37 17.45
CA ALA A 862 21.05 23.18 17.85
C ALA A 862 19.89 22.30 18.35
N GLU A 863 19.00 22.90 19.15
CA GLU A 863 17.81 22.15 19.65
C GLU A 863 16.64 23.13 19.78
N LYS A 864 15.74 23.14 18.78
CA LYS A 864 14.60 24.10 18.80
C LYS A 864 13.32 23.37 19.27
N GLU A 865 12.82 23.71 20.45
CA GLU A 865 11.57 23.11 20.96
C GLU A 865 10.38 23.72 20.23
N VAL A 866 9.37 22.91 19.90
CA VAL A 866 8.17 23.41 19.16
C VAL A 866 6.91 22.91 19.88
N LYS A 867 5.85 23.72 19.89
CA LYS A 867 4.60 23.32 20.52
C LYS A 867 3.78 22.46 19.55
N GLY A 868 4.23 21.24 19.32
CA GLY A 868 3.56 20.31 18.43
C GLY A 868 4.50 19.26 17.84
N ALA A 869 3.94 18.33 17.06
CA ALA A 869 4.70 17.25 16.43
C ALA A 869 5.30 17.72 15.11
N VAL A 870 6.55 17.32 14.85
CA VAL A 870 7.22 17.65 13.55
C VAL A 870 7.10 16.43 12.64
N TYR A 871 6.13 16.43 11.72
CA TYR A 871 5.88 15.28 10.85
C TYR A 871 6.72 15.26 9.59
N SER A 872 7.05 16.43 9.03
CA SER A 872 7.88 16.48 7.84
C SER A 872 8.71 17.75 7.78
N MET A 873 9.89 17.66 7.15
CA MET A 873 10.84 18.76 6.95
C MET A 873 11.51 18.60 5.59
N VAL A 874 11.90 19.74 4.97
CA VAL A 874 12.57 19.75 3.67
C VAL A 874 13.54 20.95 3.58
N GLU A 875 14.59 20.81 2.75
CA GLU A 875 15.53 21.90 2.49
C GLU A 875 14.84 22.82 1.49
N PHE A 876 14.77 24.12 1.79
CA PHE A 876 14.10 25.06 0.91
C PHE A 876 14.96 26.31 0.71
N ASN A 877 15.70 26.37 -0.40
CA ASN A 877 16.56 27.50 -0.76
C ASN A 877 17.49 27.96 0.39
N GLY A 878 18.18 27.00 1.01
CA GLY A 878 19.09 27.30 2.11
C GLY A 878 18.41 27.66 3.42
N LYS A 879 17.12 27.33 3.57
CA LYS A 879 16.32 27.59 4.77
C LYS A 879 15.55 26.33 5.11
N LEU A 880 15.52 25.94 6.39
CA LEU A 880 14.83 24.71 6.81
C LEU A 880 13.33 24.93 6.91
N LEU A 881 12.55 24.19 6.13
CA LEU A 881 11.09 24.24 6.16
C LEU A 881 10.58 23.06 7.00
N ALA A 882 9.64 23.29 7.92
CA ALA A 882 9.14 22.25 8.82
C ALA A 882 7.63 22.38 9.11
N SER A 883 7.03 21.28 9.61
CA SER A 883 5.60 21.17 9.86
C SER A 883 5.30 20.84 11.33
N ILE A 884 4.79 21.80 12.08
CA ILE A 884 4.47 21.59 13.49
C ILE A 884 2.95 21.57 13.61
N ASN A 885 2.36 20.37 13.80
CA ASN A 885 0.91 20.18 13.86
C ASN A 885 0.27 20.79 12.57
N SER A 886 -0.44 21.92 12.62
CA SER A 886 -1.07 22.53 11.44
C SER A 886 -0.39 23.84 11.06
N THR A 887 0.94 23.88 11.18
CA THR A 887 1.69 25.10 10.95
C THR A 887 2.91 24.79 10.10
N VAL A 888 3.07 25.50 8.98
CA VAL A 888 4.20 25.29 8.08
C VAL A 888 5.18 26.45 8.31
N ARG A 889 6.23 26.20 9.13
CA ARG A 889 7.20 27.20 9.54
C ARG A 889 8.50 27.13 8.75
N LEU A 890 9.07 28.29 8.40
CA LEU A 890 10.33 28.37 7.67
C LEU A 890 11.36 29.00 8.61
N TYR A 891 12.46 28.28 8.89
CA TYR A 891 13.53 28.73 9.77
C TYR A 891 14.75 29.21 8.98
N GLU A 892 15.50 30.15 9.57
CA GLU A 892 16.74 30.66 8.99
C GLU A 892 17.89 30.27 9.91
N TRP A 893 18.97 29.73 9.34
CA TRP A 893 20.15 29.31 10.10
C TRP A 893 21.08 30.51 10.29
N THR A 894 21.12 31.06 11.51
CA THR A 894 21.90 32.25 11.83
C THR A 894 23.42 31.97 11.92
N THR A 895 24.24 33.05 11.95
CA THR A 895 25.70 32.93 12.07
C THR A 895 26.13 32.34 13.42
N GLU A 896 25.30 32.46 14.48
CA GLU A 896 25.62 31.85 15.77
C GLU A 896 25.00 30.43 15.87
N LYS A 897 24.88 29.72 14.72
CA LYS A 897 24.34 28.37 14.60
C LYS A 897 23.07 28.14 15.40
N GLU A 898 21.97 28.75 14.94
CA GLU A 898 20.66 28.65 15.59
C GLU A 898 19.54 28.82 14.55
N LEU A 899 18.36 28.29 14.85
CA LEU A 899 17.21 28.35 13.95
C LEU A 899 16.21 29.42 14.38
N ARG A 900 16.25 30.60 13.75
CA ARG A 900 15.29 31.66 14.07
C ARG A 900 14.06 31.51 13.15
N THR A 901 12.87 31.81 13.67
CA THR A 901 11.63 31.70 12.88
C THR A 901 11.54 32.87 11.92
N GLU A 902 11.59 32.59 10.62
CA GLU A 902 11.52 33.64 9.60
C GLU A 902 10.06 33.96 9.25
N CYS A 903 9.25 32.93 8.93
CA CYS A 903 7.84 33.14 8.59
C CYS A 903 6.97 31.94 9.00
N ASN A 904 5.65 32.15 9.09
CA ASN A 904 4.69 31.13 9.49
C ASN A 904 3.46 31.14 8.58
N HIS A 905 2.84 29.96 8.37
CA HIS A 905 1.61 29.82 7.61
C HIS A 905 0.75 28.81 8.35
N TYR A 906 -0.36 29.27 8.95
CA TYR A 906 -1.25 28.45 9.75
C TYR A 906 -2.37 27.94 8.87
N ASN A 907 -2.47 26.62 8.69
CA ASN A 907 -3.49 25.99 7.84
C ASN A 907 -4.54 25.25 8.63
N ASN A 908 -5.74 25.11 8.06
CA ASN A 908 -6.82 24.37 8.71
C ASN A 908 -6.77 22.89 8.31
N ILE A 909 -5.55 22.31 8.16
CA ILE A 909 -5.33 20.89 7.83
C ILE A 909 -3.98 20.44 8.41
N MET A 910 -3.89 19.21 8.94
CA MET A 910 -2.62 18.72 9.49
C MET A 910 -1.58 18.58 8.39
N ALA A 911 -0.33 18.88 8.73
CA ALA A 911 0.74 18.88 7.77
C ALA A 911 1.57 17.62 7.86
N LEU A 912 1.23 16.63 7.06
CA LEU A 912 1.95 15.37 7.07
C LEU A 912 2.96 15.27 5.96
N TYR A 913 2.61 15.79 4.80
CA TYR A 913 3.49 15.70 3.66
C TYR A 913 4.00 17.07 3.26
N LEU A 914 5.28 17.15 2.91
CA LEU A 914 5.92 18.38 2.50
C LEU A 914 6.86 18.07 1.36
N LYS A 915 6.66 18.70 0.20
CA LYS A 915 7.51 18.51 -0.99
C LYS A 915 7.70 19.88 -1.65
N THR A 916 8.90 20.15 -2.22
CA THR A 916 9.17 21.45 -2.84
C THR A 916 9.88 21.33 -4.19
N LYS A 917 9.71 22.34 -5.05
CA LYS A 917 10.39 22.46 -6.34
C LYS A 917 10.61 23.96 -6.59
N GLY A 918 11.85 24.43 -6.44
CA GLY A 918 12.17 25.84 -6.61
C GLY A 918 11.60 26.64 -5.45
N ASP A 919 10.61 27.50 -5.73
CA ASP A 919 9.92 28.29 -4.71
C ASP A 919 8.47 27.80 -4.45
N PHE A 920 8.11 26.59 -4.92
CA PHE A 920 6.77 26.01 -4.74
C PHE A 920 6.78 25.03 -3.58
N ILE A 921 5.67 24.96 -2.81
CA ILE A 921 5.55 24.08 -1.65
C ILE A 921 4.23 23.32 -1.70
N LEU A 922 4.27 22.01 -1.97
CA LEU A 922 3.07 21.18 -1.98
C LEU A 922 2.94 20.48 -0.62
N VAL A 923 1.92 20.87 0.15
CA VAL A 923 1.66 20.26 1.48
C VAL A 923 0.49 19.28 1.27
N GLY A 924 0.38 18.31 2.16
CA GLY A 924 -0.66 17.30 2.07
C GLY A 924 -1.07 16.79 3.43
N ASP A 925 -2.16 16.05 3.47
CA ASP A 925 -2.74 15.51 4.70
C ASP A 925 -3.15 14.06 4.50
N LEU A 926 -3.36 13.32 5.59
CA LEU A 926 -3.79 11.92 5.53
C LEU A 926 -5.20 11.79 4.89
N MET A 927 -5.98 12.89 4.82
CA MET A 927 -7.31 12.91 4.24
C MET A 927 -7.30 13.64 2.89
N ARG A 928 -6.33 13.30 2.02
CA ARG A 928 -6.15 13.81 0.66
C ARG A 928 -6.23 15.34 0.48
N SER A 929 -5.96 16.13 1.53
CA SER A 929 -6.02 17.58 1.42
C SER A 929 -4.77 18.15 0.77
N VAL A 930 -4.73 18.13 -0.57
CA VAL A 930 -3.60 18.64 -1.33
C VAL A 930 -3.71 20.17 -1.33
N LEU A 931 -2.62 20.85 -0.96
CA LEU A 931 -2.59 22.31 -0.85
C LEU A 931 -1.27 22.85 -1.38
N LEU A 932 -1.31 23.66 -2.45
CA LEU A 932 -0.10 24.23 -3.05
C LEU A 932 0.12 25.66 -2.57
N LEU A 933 1.19 25.87 -1.78
CA LEU A 933 1.60 27.17 -1.26
C LEU A 933 2.87 27.65 -2.01
N ALA A 934 3.22 28.94 -1.88
CA ALA A 934 4.41 29.49 -2.55
C ALA A 934 5.03 30.59 -1.71
N TYR A 935 6.37 30.58 -1.57
CA TYR A 935 7.10 31.57 -0.80
C TYR A 935 7.56 32.69 -1.72
N LYS A 936 6.97 33.90 -1.60
CA LYS A 936 7.37 35.06 -2.39
C LYS A 936 8.55 35.71 -1.66
N PRO A 937 9.79 35.72 -2.22
CA PRO A 937 10.92 36.28 -1.46
C PRO A 937 10.84 37.76 -1.11
N MET A 938 10.30 38.59 -2.02
CA MET A 938 10.15 40.02 -1.75
C MET A 938 9.14 40.25 -0.62
N GLU A 939 8.09 39.42 -0.53
CA GLU A 939 7.09 39.52 0.53
C GLU A 939 7.65 39.01 1.86
N GLY A 940 8.42 37.91 1.82
CA GLY A 940 9.02 37.32 3.00
C GLY A 940 8.12 36.36 3.76
N ASN A 941 7.05 35.86 3.11
CA ASN A 941 6.10 34.93 3.72
C ASN A 941 5.37 34.08 2.64
N PHE A 942 4.64 33.04 3.07
CA PHE A 942 3.92 32.15 2.15
C PHE A 942 2.59 32.73 1.66
N GLU A 943 2.13 32.24 0.49
CA GLU A 943 0.87 32.65 -0.13
C GLU A 943 0.26 31.42 -0.80
N GLU A 944 -1.03 31.16 -0.56
CA GLU A 944 -1.71 30.01 -1.15
C GLU A 944 -1.95 30.25 -2.64
N ILE A 945 -1.69 29.22 -3.47
CA ILE A 945 -1.88 29.28 -4.92
C ILE A 945 -3.16 28.52 -5.29
N ALA A 946 -3.29 27.25 -4.82
CA ALA A 946 -4.46 26.41 -5.14
C ALA A 946 -4.63 25.28 -4.10
N ARG A 947 -5.81 24.62 -4.08
CA ARG A 947 -6.10 23.51 -3.17
C ARG A 947 -7.22 22.60 -3.72
N ASP A 948 -7.27 21.35 -3.25
CA ASP A 948 -8.31 20.39 -3.62
C ASP A 948 -8.53 19.43 -2.45
N PHE A 949 -9.50 19.76 -1.58
CA PHE A 949 -9.79 18.98 -0.38
C PHE A 949 -10.91 17.98 -0.60
N ASN A 950 -10.59 16.85 -1.24
CA ASN A 950 -11.53 15.75 -1.47
C ASN A 950 -11.36 14.76 -0.30
N PRO A 951 -12.39 14.36 0.48
CA PRO A 951 -12.14 13.41 1.57
C PRO A 951 -11.81 11.98 1.10
N ASN A 952 -10.53 11.61 1.21
CA ASN A 952 -10.03 10.29 0.82
C ASN A 952 -8.71 9.99 1.51
N TRP A 953 -8.43 8.73 1.90
CA TRP A 953 -7.16 8.42 2.56
C TRP A 953 -5.98 8.64 1.60
N MET A 954 -4.84 9.12 2.14
CA MET A 954 -3.65 9.42 1.35
C MET A 954 -2.41 8.89 2.05
N SER A 955 -1.51 8.25 1.29
CA SER A 955 -0.29 7.66 1.85
C SER A 955 1.00 8.36 1.42
N ALA A 956 1.06 8.94 0.20
CA ALA A 956 2.26 9.61 -0.28
C ALA A 956 1.96 10.66 -1.36
N VAL A 957 2.90 11.61 -1.57
CA VAL A 957 2.74 12.69 -2.57
C VAL A 957 4.12 13.09 -3.14
N GLU A 958 4.14 13.61 -4.38
CA GLU A 958 5.36 14.02 -5.05
C GLU A 958 5.06 15.06 -6.14
N ILE A 959 6.02 15.97 -6.39
CA ILE A 959 5.90 16.99 -7.43
C ILE A 959 6.61 16.48 -8.68
N LEU A 960 5.91 16.29 -9.80
CA LEU A 960 6.56 15.87 -11.05
C LEU A 960 7.20 17.12 -11.66
N ASP A 961 6.41 18.19 -11.81
CA ASP A 961 6.86 19.50 -12.28
C ASP A 961 6.00 20.60 -11.59
N ASP A 962 6.29 21.88 -11.83
CA ASP A 962 5.56 22.97 -11.19
C ASP A 962 4.03 22.95 -11.36
N ASP A 963 3.49 22.17 -12.33
CA ASP A 963 2.06 22.06 -12.57
C ASP A 963 1.50 20.68 -12.19
N ASN A 964 2.17 19.60 -12.60
CA ASN A 964 1.73 18.24 -12.30
C ASN A 964 2.15 17.78 -10.90
N PHE A 965 1.22 17.17 -10.13
CA PHE A 965 1.50 16.67 -8.77
C PHE A 965 0.95 15.25 -8.58
N LEU A 966 1.84 14.25 -8.60
CA LEU A 966 1.47 12.84 -8.43
C LEU A 966 1.23 12.50 -6.96
N GLY A 967 0.30 11.58 -6.70
CA GLY A 967 -0.01 11.13 -5.36
C GLY A 967 -0.69 9.78 -5.32
N ALA A 968 -0.65 9.12 -4.15
CA ALA A 968 -1.25 7.81 -3.93
C ALA A 968 -2.44 7.96 -2.99
N GLU A 969 -3.60 7.38 -3.33
CA GLU A 969 -4.81 7.51 -2.51
C GLU A 969 -5.57 6.18 -2.30
N ASN A 970 -6.51 6.19 -1.33
CA ASN A 970 -7.38 5.09 -0.89
C ASN A 970 -7.68 4.02 -1.93
N ALA A 971 -7.72 2.76 -1.45
CA ALA A 971 -7.98 1.56 -2.24
C ALA A 971 -6.99 1.36 -3.40
N PHE A 972 -5.69 1.53 -3.09
CA PHE A 972 -4.56 1.26 -3.98
C PHE A 972 -4.60 1.98 -5.32
N ASN A 973 -4.82 3.29 -5.30
CA ASN A 973 -4.93 4.11 -6.51
C ASN A 973 -3.85 5.19 -6.58
N LEU A 974 -3.61 5.72 -7.81
CA LEU A 974 -2.67 6.80 -8.09
C LEU A 974 -3.43 7.93 -8.79
N PHE A 975 -3.10 9.19 -8.48
CA PHE A 975 -3.75 10.34 -9.10
C PHE A 975 -2.76 11.47 -9.39
N VAL A 976 -3.13 12.36 -10.33
CA VAL A 976 -2.31 13.51 -10.73
C VAL A 976 -3.17 14.78 -10.64
N CYS A 977 -2.60 15.89 -10.18
CA CYS A 977 -3.27 17.18 -10.05
C CYS A 977 -2.52 18.20 -10.89
N GLN A 978 -3.16 18.76 -11.93
CA GLN A 978 -2.55 19.76 -12.82
C GLN A 978 -2.95 21.18 -12.39
N LYS A 979 -2.13 22.16 -12.79
CA LYS A 979 -2.36 23.57 -12.51
C LYS A 979 -2.63 24.31 -13.82
N ASP A 980 -3.77 25.00 -13.92
CA ASP A 980 -4.12 25.77 -15.13
C ASP A 980 -3.77 27.25 -14.93
N SER A 981 -2.46 27.55 -14.91
CA SER A 981 -1.95 28.91 -14.71
C SER A 981 -2.16 29.77 -15.95
N GLU A 987 -8.19 34.72 -14.17
CA GLU A 987 -8.94 33.50 -14.48
C GLU A 987 -8.91 32.49 -13.29
N GLU A 988 -9.63 31.35 -13.41
CA GLU A 988 -9.69 30.32 -12.38
C GLU A 988 -8.34 29.61 -12.19
N ARG A 989 -7.60 29.98 -11.13
CA ARG A 989 -6.29 29.40 -10.78
C ARG A 989 -6.24 28.86 -9.32
N GLN A 990 -7.19 29.26 -8.45
CA GLN A 990 -7.20 28.87 -7.04
C GLN A 990 -7.70 27.43 -6.73
N HIS A 991 -7.75 26.53 -7.73
CA HIS A 991 -8.16 25.14 -7.51
C HIS A 991 -7.39 24.20 -8.44
N LEU A 992 -6.97 23.04 -7.93
CA LEU A 992 -6.21 22.07 -8.73
C LEU A 992 -7.13 21.12 -9.47
N GLN A 993 -6.89 20.93 -10.78
CA GLN A 993 -7.69 20.04 -11.62
C GLN A 993 -7.14 18.62 -11.56
N GLU A 994 -7.96 17.64 -11.15
CA GLU A 994 -7.53 16.24 -11.10
C GLU A 994 -7.52 15.74 -12.54
N VAL A 995 -6.36 15.26 -12.99
CA VAL A 995 -6.12 14.84 -14.39
C VAL A 995 -5.59 13.42 -14.53
N GLY A 996 -5.73 12.60 -13.49
CA GLY A 996 -5.19 11.25 -13.53
C GLY A 996 -5.86 10.33 -12.54
N LEU A 997 -6.22 9.14 -12.98
CA LEU A 997 -6.87 8.14 -12.14
C LEU A 997 -6.38 6.77 -12.59
N PHE A 998 -5.86 5.94 -11.67
CA PHE A 998 -5.31 4.65 -12.06
C PHE A 998 -5.25 3.69 -10.88
N HIS A 999 -5.91 2.53 -10.99
CA HIS A 999 -5.88 1.53 -9.94
C HIS A 999 -4.57 0.73 -10.04
N LEU A 1000 -3.60 1.06 -9.17
CA LEU A 1000 -2.30 0.40 -9.17
C LEU A 1000 -2.37 -1.01 -8.59
N GLY A 1001 -3.08 -1.17 -7.49
CA GLY A 1001 -3.19 -2.45 -6.80
C GLY A 1001 -2.16 -2.65 -5.69
N GLU A 1002 -1.34 -1.61 -5.40
CA GLU A 1002 -0.30 -1.65 -4.37
C GLU A 1002 -0.41 -0.37 -3.51
N PHE A 1003 -0.12 -0.46 -2.21
CA PHE A 1003 -0.18 0.70 -1.31
C PHE A 1003 1.18 1.41 -1.26
N VAL A 1004 1.29 2.58 -1.93
CA VAL A 1004 2.55 3.33 -2.00
C VAL A 1004 2.84 4.07 -0.69
N ASN A 1005 3.95 3.72 -0.02
CA ASN A 1005 4.35 4.40 1.22
C ASN A 1005 5.28 5.59 0.94
N VAL A 1006 6.04 5.56 -0.19
CA VAL A 1006 7.04 6.59 -0.49
C VAL A 1006 7.28 6.79 -2.00
N PHE A 1007 7.47 8.06 -2.41
CA PHE A 1007 7.82 8.45 -3.77
C PHE A 1007 9.24 9.04 -3.72
N CYS A 1008 10.05 8.78 -4.75
CA CYS A 1008 11.44 9.27 -4.75
C CYS A 1008 11.91 9.51 -6.18
N HIS A 1009 12.39 10.74 -6.48
CA HIS A 1009 12.88 11.07 -7.81
C HIS A 1009 14.23 10.39 -8.06
N GLY A 1010 14.40 9.84 -9.26
CA GLY A 1010 15.63 9.17 -9.66
C GLY A 1010 15.39 7.98 -10.57
N SER A 1011 16.47 7.30 -10.98
CA SER A 1011 16.39 6.13 -11.86
C SER A 1011 17.54 5.17 -11.60
N LEU A 1012 17.33 3.89 -11.91
CA LEU A 1012 18.35 2.86 -11.69
C LEU A 1012 18.98 2.44 -13.03
N VAL A 1013 19.18 3.41 -13.95
CA VAL A 1013 19.76 3.18 -15.27
C VAL A 1013 21.12 3.92 -15.34
N MET A 1014 22.09 3.35 -16.09
CA MET A 1014 23.43 3.95 -16.22
C MET A 1014 23.35 5.37 -16.79
N GLN A 1015 22.59 5.56 -17.89
CA GLN A 1015 22.38 6.84 -18.57
C GLN A 1015 23.70 7.44 -19.07
N ASN A 1016 24.21 6.91 -20.18
CA ASN A 1016 25.47 7.38 -20.77
C ASN A 1016 25.27 8.70 -21.52
N PRO A 1023 13.27 10.11 -24.81
CA PRO A 1023 12.18 9.12 -24.95
C PRO A 1023 10.99 9.39 -24.03
N THR A 1024 11.25 9.67 -22.74
CA THR A 1024 10.25 9.96 -21.71
C THR A 1024 10.76 11.11 -20.82
N GLN A 1025 9.86 11.97 -20.33
CA GLN A 1025 10.22 13.10 -19.46
C GLN A 1025 10.06 12.73 -17.99
N GLY A 1026 11.07 13.02 -17.16
CA GLY A 1026 11.01 12.76 -15.73
C GLY A 1026 11.16 11.30 -15.33
N SER A 1027 11.40 11.05 -14.03
CA SER A 1027 11.55 9.69 -13.49
C SER A 1027 11.30 9.67 -11.98
N VAL A 1028 10.22 8.97 -11.55
CA VAL A 1028 9.86 8.87 -10.13
C VAL A 1028 9.65 7.41 -9.73
N LEU A 1029 10.49 6.90 -8.82
CA LEU A 1029 10.34 5.54 -8.30
C LEU A 1029 9.40 5.56 -7.09
N PHE A 1030 8.75 4.42 -6.79
CA PHE A 1030 7.88 4.34 -5.62
C PHE A 1030 8.01 2.98 -4.93
N GLY A 1031 7.94 3.00 -3.60
CA GLY A 1031 8.04 1.80 -2.79
C GLY A 1031 6.72 1.49 -2.14
N THR A 1032 6.25 0.25 -2.27
CA THR A 1032 4.94 -0.16 -1.75
C THR A 1032 5.04 -1.11 -0.55
N VAL A 1033 3.93 -1.26 0.18
CA VAL A 1033 3.82 -2.12 1.36
C VAL A 1033 4.05 -3.61 1.01
N ASN A 1034 3.83 -4.02 -0.26
CA ASN A 1034 4.02 -5.40 -0.71
C ASN A 1034 5.41 -5.67 -1.32
N GLY A 1035 6.37 -4.77 -1.12
CA GLY A 1035 7.70 -4.92 -1.67
C GLY A 1035 7.85 -4.70 -3.16
N MET A 1036 6.85 -4.05 -3.78
CA MET A 1036 6.89 -3.76 -5.22
C MET A 1036 7.49 -2.38 -5.43
N ILE A 1037 8.49 -2.26 -6.32
CA ILE A 1037 9.09 -0.98 -6.65
C ILE A 1037 8.57 -0.65 -8.03
N GLY A 1038 7.92 0.49 -8.18
CA GLY A 1038 7.39 0.93 -9.45
C GLY A 1038 8.10 2.16 -9.98
N LEU A 1039 7.74 2.59 -11.19
CA LEU A 1039 8.35 3.74 -11.82
C LEU A 1039 7.29 4.50 -12.60
N VAL A 1040 7.25 5.83 -12.43
CA VAL A 1040 6.33 6.71 -13.13
C VAL A 1040 7.19 7.68 -13.92
N THR A 1041 6.95 7.77 -15.21
CA THR A 1041 7.64 8.73 -16.05
C THR A 1041 6.57 9.37 -16.90
N SER A 1042 6.65 10.67 -17.06
CA SER A 1042 5.64 11.41 -17.80
C SER A 1042 5.96 11.37 -19.28
N LEU A 1043 4.93 11.40 -20.15
CA LEU A 1043 5.16 11.30 -21.59
C LEU A 1043 4.34 12.30 -22.39
N SER A 1044 4.68 12.49 -23.67
CA SER A 1044 3.97 13.42 -24.55
C SER A 1044 2.54 12.94 -24.78
N GLU A 1045 1.70 13.81 -25.36
CA GLU A 1045 0.33 13.46 -25.67
C GLU A 1045 0.34 12.59 -26.90
N SER A 1046 1.07 12.97 -27.97
CA SER A 1046 1.14 12.11 -29.16
C SER A 1046 1.55 10.66 -28.80
N TRP A 1047 2.52 10.53 -27.88
CA TRP A 1047 2.96 9.22 -27.41
C TRP A 1047 1.89 8.55 -26.53
N TYR A 1048 1.16 9.33 -25.73
CA TYR A 1048 0.07 8.77 -24.92
C TYR A 1048 -1.04 8.29 -25.82
N ASN A 1049 -1.43 9.12 -26.80
CA ASN A 1049 -2.51 8.78 -27.72
C ASN A 1049 -2.19 7.49 -28.47
N LEU A 1050 -0.92 7.31 -28.88
CA LEU A 1050 -0.49 6.10 -29.55
C LEU A 1050 -0.58 4.91 -28.58
N LEU A 1051 0.04 5.03 -27.40
CA LEU A 1051 0.04 3.93 -26.42
C LEU A 1051 -1.34 3.62 -25.83
N LEU A 1052 -2.27 4.58 -25.81
CA LEU A 1052 -3.62 4.35 -25.33
C LEU A 1052 -4.36 3.42 -26.30
N ASP A 1053 -4.12 3.56 -27.61
CA ASP A 1053 -4.71 2.69 -28.62
C ASP A 1053 -4.16 1.28 -28.44
N MET A 1054 -2.84 1.14 -28.16
CA MET A 1054 -2.20 -0.15 -27.90
C MET A 1054 -2.86 -0.84 -26.73
N GLN A 1055 -3.22 -0.09 -25.67
CA GLN A 1055 -3.87 -0.68 -24.50
C GLN A 1055 -5.19 -1.36 -24.88
N ASN A 1056 -6.01 -0.71 -25.71
CA ASN A 1056 -7.29 -1.27 -26.15
C ASN A 1056 -7.11 -2.44 -27.11
N ARG A 1057 -6.08 -2.39 -27.97
CA ARG A 1057 -5.82 -3.45 -28.95
C ARG A 1057 -5.18 -4.70 -28.32
N LEU A 1058 -4.32 -4.54 -27.31
CA LEU A 1058 -3.67 -5.67 -26.63
C LEU A 1058 -4.68 -6.45 -25.77
N ASN A 1059 -5.67 -5.76 -25.18
CA ASN A 1059 -6.71 -6.40 -24.37
C ASN A 1059 -7.54 -7.40 -25.19
N LYS A 1060 -7.69 -7.16 -26.49
CA LYS A 1060 -8.45 -8.03 -27.38
C LYS A 1060 -7.74 -9.37 -27.62
N VAL A 1061 -6.39 -9.39 -27.57
CA VAL A 1061 -5.61 -10.60 -27.87
C VAL A 1061 -5.02 -11.31 -26.62
N ILE A 1062 -4.62 -10.58 -25.57
CA ILE A 1062 -3.99 -11.22 -24.40
C ILE A 1062 -5.05 -11.99 -23.62
N LYS A 1063 -4.81 -13.29 -23.42
CA LYS A 1063 -5.73 -14.15 -22.67
C LYS A 1063 -5.52 -13.90 -21.18
N SER A 1064 -6.40 -13.09 -20.58
CA SER A 1064 -6.32 -12.75 -19.16
C SER A 1064 -6.70 -13.94 -18.27
N VAL A 1065 -6.03 -14.07 -17.11
CA VAL A 1065 -6.32 -15.15 -16.18
C VAL A 1065 -7.64 -14.80 -15.50
N GLY A 1066 -8.61 -15.71 -15.58
CA GLY A 1066 -9.94 -15.49 -15.02
C GLY A 1066 -10.81 -14.58 -15.87
N LYS A 1067 -10.41 -14.31 -17.14
CA LYS A 1067 -11.14 -13.46 -18.10
C LYS A 1067 -11.52 -12.07 -17.55
N ILE A 1068 -10.65 -11.45 -16.74
CA ILE A 1068 -10.91 -10.12 -16.19
C ILE A 1068 -10.35 -9.12 -17.20
N GLU A 1069 -11.19 -8.26 -17.79
CA GLU A 1069 -10.71 -7.28 -18.77
C GLU A 1069 -9.83 -6.23 -18.10
N HIS A 1070 -8.76 -5.82 -18.80
CA HIS A 1070 -7.78 -4.85 -18.30
C HIS A 1070 -8.42 -3.52 -17.92
N SER A 1071 -9.39 -3.05 -18.71
CA SER A 1071 -10.09 -1.80 -18.47
C SER A 1071 -10.70 -1.76 -17.07
N PHE A 1072 -11.42 -2.82 -16.65
CA PHE A 1072 -12.05 -2.87 -15.33
C PHE A 1072 -11.00 -2.95 -14.21
N TRP A 1073 -9.99 -3.81 -14.36
CA TRP A 1073 -8.97 -4.00 -13.32
C TRP A 1073 -8.20 -2.68 -13.02
N ARG A 1074 -7.62 -2.05 -14.04
CA ARG A 1074 -6.86 -0.82 -13.83
C ARG A 1074 -7.74 0.44 -13.65
N SER A 1075 -9.08 0.33 -13.72
CA SER A 1075 -9.96 1.48 -13.52
C SER A 1075 -10.03 1.85 -12.05
N PHE A 1076 -10.22 3.15 -11.77
CA PHE A 1076 -10.31 3.69 -10.41
C PHE A 1076 -11.42 3.02 -9.62
N HIS A 1077 -11.17 2.77 -8.33
CA HIS A 1077 -12.16 2.12 -7.47
C HIS A 1077 -11.95 2.54 -6.02
N THR A 1078 -12.95 3.21 -5.41
CA THR A 1078 -12.96 3.60 -4.00
C THR A 1078 -14.36 3.30 -3.39
N GLU A 1079 -15.01 2.19 -3.84
CA GLU A 1079 -16.34 1.73 -3.43
C GLU A 1079 -17.47 2.68 -3.92
N ARG A 1080 -17.49 3.95 -3.48
CA ARG A 1080 -18.52 4.91 -3.91
C ARG A 1080 -18.27 5.42 -5.34
N LYS A 1081 -16.99 5.61 -5.71
CA LYS A 1081 -16.59 6.10 -7.03
C LYS A 1081 -15.82 5.00 -7.76
N THR A 1082 -16.23 4.67 -8.98
CA THR A 1082 -15.59 3.65 -9.81
C THR A 1082 -15.56 4.22 -11.24
N GLU A 1083 -14.54 5.06 -11.52
CA GLU A 1083 -14.36 5.75 -12.80
C GLU A 1083 -13.31 5.02 -13.69
N PRO A 1084 -13.30 5.16 -15.03
CA PRO A 1084 -12.27 4.45 -15.83
C PRO A 1084 -10.88 5.06 -15.71
N ALA A 1085 -9.85 4.28 -16.13
CA ALA A 1085 -8.46 4.72 -16.06
C ALA A 1085 -8.17 5.81 -17.08
N THR A 1086 -7.66 6.94 -16.61
CA THR A 1086 -7.37 8.11 -17.45
C THR A 1086 -6.03 8.72 -17.06
N GLY A 1087 -5.36 9.32 -18.03
CA GLY A 1087 -4.10 10.01 -17.79
C GLY A 1087 -2.98 9.10 -17.33
N PHE A 1088 -3.07 7.81 -17.65
CA PHE A 1088 -2.12 6.80 -17.20
C PHE A 1088 -2.08 5.65 -18.19
N ILE A 1089 -0.89 5.05 -18.34
CA ILE A 1089 -0.67 3.92 -19.25
C ILE A 1089 -0.03 2.80 -18.45
N ASP A 1090 -0.67 1.62 -18.42
CA ASP A 1090 -0.12 0.47 -17.73
C ASP A 1090 1.05 -0.07 -18.56
N GLY A 1091 2.26 0.30 -18.16
CA GLY A 1091 3.49 -0.11 -18.84
C GLY A 1091 3.72 -1.61 -18.92
N ASP A 1092 3.23 -2.37 -17.93
CA ASP A 1092 3.37 -3.83 -17.94
C ASP A 1092 2.54 -4.44 -19.08
N LEU A 1093 1.36 -3.85 -19.38
CA LEU A 1093 0.52 -4.29 -20.48
C LEU A 1093 1.23 -4.03 -21.80
N ILE A 1094 1.86 -2.85 -21.95
CA ILE A 1094 2.61 -2.47 -23.14
C ILE A 1094 3.81 -3.41 -23.34
N GLU A 1095 4.56 -3.68 -22.26
CA GLU A 1095 5.74 -4.55 -22.33
C GLU A 1095 5.41 -5.99 -22.74
N SER A 1096 4.18 -6.47 -22.46
CA SER A 1096 3.78 -7.82 -22.87
C SER A 1096 3.56 -7.96 -24.39
N PHE A 1097 3.65 -6.86 -25.18
CA PHE A 1097 3.54 -6.91 -26.64
C PHE A 1097 4.66 -7.77 -27.25
N LEU A 1098 5.85 -7.79 -26.63
CA LEU A 1098 6.96 -8.60 -27.11
C LEU A 1098 6.76 -10.09 -26.73
N ASP A 1099 6.07 -10.38 -25.62
CA ASP A 1099 5.79 -11.74 -25.17
C ASP A 1099 4.79 -12.49 -26.05
N ILE A 1100 3.86 -11.78 -26.70
CA ILE A 1100 2.85 -12.44 -27.56
C ILE A 1100 3.51 -13.01 -28.83
N SER A 1101 2.83 -13.98 -29.48
CA SER A 1101 3.35 -14.63 -30.68
C SER A 1101 3.43 -13.67 -31.87
N ARG A 1102 4.27 -14.00 -32.87
CA ARG A 1102 4.44 -13.18 -34.06
C ARG A 1102 3.11 -12.95 -34.85
N PRO A 1103 2.22 -13.96 -35.10
CA PRO A 1103 0.96 -13.64 -35.81
C PRO A 1103 0.02 -12.72 -35.03
N LYS A 1104 0.06 -12.78 -33.68
CA LYS A 1104 -0.77 -11.92 -32.85
C LYS A 1104 -0.38 -10.45 -33.00
N MET A 1105 0.92 -10.17 -33.24
CA MET A 1105 1.38 -8.78 -33.42
C MET A 1105 0.76 -8.16 -34.67
N GLN A 1106 0.60 -8.94 -35.76
CA GLN A 1106 -0.04 -8.44 -36.98
C GLN A 1106 -1.51 -8.10 -36.74
N GLU A 1107 -2.22 -8.87 -35.90
CA GLU A 1107 -3.62 -8.60 -35.58
C GLU A 1107 -3.73 -7.34 -34.71
N VAL A 1108 -2.81 -7.15 -33.74
CA VAL A 1108 -2.80 -5.98 -32.86
C VAL A 1108 -2.55 -4.73 -33.72
N VAL A 1109 -1.47 -4.75 -34.49
CA VAL A 1109 -1.08 -3.64 -35.36
C VAL A 1109 -1.89 -3.76 -36.65
N ALA A 1110 -3.16 -3.34 -36.61
CA ALA A 1110 -4.06 -3.47 -37.75
C ALA A 1110 -4.07 -2.21 -38.66
N ASN A 1111 -4.29 -1.01 -38.08
CA ASN A 1111 -4.36 0.25 -38.84
C ASN A 1111 -3.63 1.39 -38.12
N LYS A 1121 2.08 12.38 -41.58
CA LYS A 1121 1.77 11.00 -41.95
C LYS A 1121 2.40 10.00 -40.99
N ARG A 1122 1.75 8.85 -40.78
CA ARG A 1122 2.23 7.80 -39.88
C ARG A 1122 1.58 6.45 -40.23
N GLU A 1123 2.39 5.42 -40.54
CA GLU A 1123 1.89 4.09 -40.88
C GLU A 1123 2.14 3.14 -39.69
N ALA A 1124 1.19 2.24 -39.42
CA ALA A 1124 1.21 1.33 -38.27
C ALA A 1124 2.38 0.31 -38.17
N THR A 1125 2.76 -0.41 -39.26
CA THR A 1125 3.79 -1.48 -39.31
C THR A 1125 4.14 -2.15 -37.97
N ALA A 1126 4.08 -3.49 -37.95
CA ALA A 1126 4.34 -4.26 -36.74
C ALA A 1126 5.73 -4.04 -36.17
N ASP A 1127 6.73 -4.04 -37.05
CA ASP A 1127 8.12 -3.85 -36.64
C ASP A 1127 8.36 -2.46 -36.07
N ASP A 1128 7.64 -1.46 -36.57
CA ASP A 1128 7.79 -0.10 -36.07
C ASP A 1128 7.42 -0.02 -34.59
N LEU A 1129 6.32 -0.67 -34.21
CA LEU A 1129 5.87 -0.64 -32.82
C LEU A 1129 6.76 -1.51 -31.92
N ILE A 1130 7.54 -2.44 -32.52
CA ILE A 1130 8.48 -3.25 -31.76
C ILE A 1130 9.57 -2.32 -31.19
N LYS A 1131 10.11 -1.41 -32.01
CA LYS A 1131 11.16 -0.48 -31.56
C LYS A 1131 10.67 0.52 -30.49
N VAL A 1132 9.39 0.95 -30.57
CA VAL A 1132 8.82 1.88 -29.60
C VAL A 1132 8.65 1.18 -28.24
N VAL A 1133 8.13 -0.05 -28.23
CA VAL A 1133 7.94 -0.82 -27.00
C VAL A 1133 9.33 -1.16 -26.41
N GLU A 1134 10.30 -1.54 -27.26
CA GLU A 1134 11.66 -1.85 -26.81
C GLU A 1134 12.35 -0.62 -26.19
N GLU A 1135 12.04 0.58 -26.71
CA GLU A 1135 12.62 1.81 -26.17
C GLU A 1135 12.09 2.07 -24.75
N LEU A 1136 10.79 1.77 -24.51
CA LEU A 1136 10.19 1.95 -23.18
C LEU A 1136 10.72 0.97 -22.13
N THR A 1137 11.22 -0.21 -22.54
CA THR A 1137 11.81 -1.16 -21.58
C THR A 1137 13.16 -0.69 -21.03
N ARG A 1138 13.85 0.23 -21.74
CA ARG A 1138 15.16 0.74 -21.35
C ARG A 1138 15.11 1.73 -20.17
N ILE A 1139 13.92 2.26 -19.82
CA ILE A 1139 13.81 3.23 -18.72
C ILE A 1139 13.87 2.60 -17.32
N HIS A 1140 13.72 1.27 -17.20
CA HIS A 1140 13.73 0.59 -15.90
C HIS A 1140 14.68 -0.61 -15.89
N SER B 77 -28.62 14.42 -6.95
CA SER B 77 -30.03 14.72 -7.23
C SER B 77 -30.32 16.22 -7.07
N CYS B 78 -31.38 16.71 -7.72
CA CYS B 78 -31.80 18.10 -7.66
C CYS B 78 -33.29 18.20 -7.35
N GLN B 79 -33.68 19.16 -6.49
CA GLN B 79 -35.08 19.37 -6.10
C GLN B 79 -35.33 20.85 -5.81
N VAL B 80 -36.45 21.41 -6.30
CA VAL B 80 -36.83 22.80 -6.01
C VAL B 80 -37.70 22.69 -4.75
N ILE B 81 -37.08 22.83 -3.59
CA ILE B 81 -37.72 22.66 -2.27
C ILE B 81 -38.08 24.06 -1.68
N PRO B 82 -39.27 24.24 -1.05
CA PRO B 82 -39.63 25.58 -0.52
C PRO B 82 -38.87 26.01 0.73
N VAL B 83 -38.89 27.32 1.05
CA VAL B 83 -38.17 27.90 2.20
C VAL B 83 -39.14 28.72 3.06
N LEU B 84 -39.11 28.55 4.41
CA LEU B 84 -39.97 29.33 5.30
C LEU B 84 -39.34 30.73 5.53
N PRO B 85 -40.14 31.82 5.61
CA PRO B 85 -39.52 33.16 5.81
C PRO B 85 -39.07 33.49 7.23
N GLN B 86 -39.84 33.07 8.24
CA GLN B 86 -39.53 33.36 9.64
C GLN B 86 -38.31 32.61 10.20
N VAL B 87 -37.84 31.55 9.51
CA VAL B 87 -36.71 30.77 10.01
C VAL B 87 -35.39 31.57 9.89
N MET B 88 -34.66 31.71 11.02
CA MET B 88 -33.36 32.38 11.08
C MET B 88 -32.25 31.46 11.67
N MET B 89 -32.53 30.17 11.88
CA MET B 89 -31.61 29.19 12.46
C MET B 89 -30.75 28.51 11.39
N ILE B 90 -29.59 27.97 11.78
CA ILE B 90 -28.70 27.19 10.92
C ILE B 90 -28.95 25.76 11.39
N LEU B 91 -29.77 25.00 10.65
CA LEU B 91 -30.13 23.65 11.06
C LEU B 91 -29.16 22.59 10.57
N ILE B 92 -28.83 21.64 11.47
CA ILE B 92 -27.90 20.53 11.25
C ILE B 92 -28.70 19.23 11.14
N PRO B 93 -28.39 18.25 10.23
CA PRO B 93 -29.18 17.00 10.21
C PRO B 93 -29.30 16.32 11.58
N GLY B 94 -30.51 15.90 11.93
CA GLY B 94 -30.78 15.30 13.23
C GLY B 94 -31.26 16.32 14.26
N GLN B 95 -30.84 17.59 14.13
CA GLN B 95 -31.25 18.66 15.06
C GLN B 95 -32.71 19.04 14.84
N THR B 96 -33.42 19.34 15.93
CA THR B 96 -34.84 19.74 15.87
C THR B 96 -34.99 21.26 15.73
N LEU B 97 -35.89 21.70 14.83
CA LEU B 97 -36.18 23.11 14.58
C LEU B 97 -37.56 23.42 15.17
N PRO B 98 -37.66 24.00 16.40
CA PRO B 98 -38.99 24.35 16.92
C PRO B 98 -39.58 25.58 16.22
N LEU B 99 -40.90 25.65 16.13
CA LEU B 99 -41.57 26.75 15.44
C LEU B 99 -42.91 27.09 16.09
N GLN B 100 -43.31 28.36 15.96
CA GLN B 100 -44.58 28.85 16.48
C GLN B 100 -45.04 29.94 15.51
N LEU B 101 -45.97 29.59 14.61
CA LEU B 101 -46.40 30.50 13.55
C LEU B 101 -47.71 31.22 13.83
N PHE B 102 -47.69 32.55 13.71
CA PHE B 102 -48.83 33.43 13.93
C PHE B 102 -49.47 33.84 12.59
N HIS B 103 -48.65 34.03 11.54
CA HIS B 103 -49.14 34.45 10.22
C HIS B 103 -49.90 33.30 9.56
N PRO B 104 -51.12 33.50 9.00
CA PRO B 104 -51.84 32.38 8.37
C PRO B 104 -51.28 31.90 7.03
N GLN B 105 -50.40 32.69 6.40
CA GLN B 105 -49.80 32.33 5.12
C GLN B 105 -48.80 31.18 5.29
N GLU B 106 -47.98 31.23 6.35
CA GLU B 106 -47.01 30.16 6.63
C GLU B 106 -47.64 28.96 7.34
N VAL B 107 -48.80 29.16 8.02
CA VAL B 107 -49.52 28.05 8.68
C VAL B 107 -50.07 27.14 7.57
N SER B 108 -50.71 27.74 6.57
CA SER B 108 -51.26 26.99 5.43
C SER B 108 -50.15 26.28 4.65
N MET B 109 -48.97 26.90 4.53
CA MET B 109 -47.82 26.31 3.85
C MET B 109 -47.34 25.07 4.60
N VAL B 110 -47.28 25.15 5.94
CA VAL B 110 -46.90 24.05 6.85
C VAL B 110 -47.86 22.87 6.63
N ARG B 111 -49.18 23.15 6.62
CA ARG B 111 -50.18 22.11 6.48
C ARG B 111 -50.10 21.40 5.12
N ASN B 112 -49.72 22.12 4.04
CA ASN B 112 -49.54 21.51 2.73
C ASN B 112 -48.35 20.55 2.75
N LEU B 113 -47.27 20.91 3.47
CA LEU B 113 -46.10 20.06 3.64
C LEU B 113 -46.43 18.75 4.38
N ILE B 114 -47.52 18.73 5.18
CA ILE B 114 -47.95 17.54 5.90
C ILE B 114 -48.57 16.56 4.87
N GLN B 115 -49.61 16.99 4.12
CA GLN B 115 -50.35 16.16 3.16
C GLN B 115 -49.50 15.63 2.02
N LYS B 116 -48.71 16.51 1.39
CA LYS B 116 -47.85 16.10 0.29
C LYS B 116 -46.59 15.35 0.76
N ASP B 117 -46.32 15.29 2.10
CA ASP B 117 -45.17 14.62 2.70
C ASP B 117 -43.85 15.09 2.07
N ARG B 118 -43.75 16.40 1.81
CA ARG B 118 -42.56 16.99 1.21
C ARG B 118 -41.72 17.64 2.33
N THR B 119 -40.45 17.89 2.05
CA THR B 119 -39.54 18.52 3.02
C THR B 119 -39.27 19.96 2.63
N PHE B 120 -39.18 20.87 3.62
CA PHE B 120 -38.85 22.28 3.37
C PHE B 120 -37.32 22.50 3.57
N ALA B 121 -36.81 23.70 3.24
CA ALA B 121 -35.39 24.01 3.35
C ALA B 121 -35.10 25.06 4.39
N VAL B 122 -33.92 24.96 5.02
CA VAL B 122 -33.46 25.91 6.03
C VAL B 122 -32.16 26.48 5.50
N LEU B 123 -32.22 27.69 4.93
CA LEU B 123 -31.03 28.32 4.35
C LEU B 123 -30.11 28.86 5.43
N ALA B 124 -28.83 28.43 5.42
CA ALA B 124 -27.85 28.91 6.39
C ALA B 124 -27.29 30.23 5.88
N TYR B 125 -27.83 31.35 6.38
CA TYR B 125 -27.44 32.68 5.90
C TYR B 125 -26.06 33.16 6.36
N SER B 126 -25.21 33.53 5.39
CA SER B 126 -23.89 34.10 5.65
C SER B 126 -24.10 35.57 6.04
N ASN B 127 -24.92 36.30 5.26
CA ASN B 127 -25.30 37.70 5.52
C ASN B 127 -26.83 37.71 5.62
N VAL B 128 -27.34 37.49 6.85
CA VAL B 128 -28.79 37.42 7.11
C VAL B 128 -29.53 38.75 6.85
N GLN B 129 -28.82 39.90 6.78
CA GLN B 129 -29.46 41.19 6.52
C GLN B 129 -30.10 41.25 5.12
N GLU B 130 -29.31 40.92 4.07
CA GLU B 130 -29.82 40.92 2.69
C GLU B 130 -30.20 39.50 2.20
N ARG B 131 -30.44 38.55 3.13
CA ARG B 131 -30.82 37.16 2.84
C ARG B 131 -29.91 36.51 1.78
N GLU B 132 -28.69 36.14 2.18
CA GLU B 132 -27.70 35.51 1.31
C GLU B 132 -27.30 34.15 1.90
N ALA B 133 -27.52 33.05 1.16
CA ALA B 133 -27.18 31.71 1.63
C ALA B 133 -26.59 30.85 0.52
N GLN B 134 -25.63 29.99 0.88
CA GLN B 134 -24.92 29.11 -0.05
C GLN B 134 -25.12 27.62 0.28
N PHE B 135 -25.46 27.29 1.54
CA PHE B 135 -25.67 25.91 2.01
C PHE B 135 -26.93 25.82 2.91
N GLY B 136 -27.36 24.60 3.23
CA GLY B 136 -28.52 24.41 4.09
C GLY B 136 -28.82 22.96 4.40
N THR B 137 -30.02 22.69 4.99
CA THR B 137 -30.46 21.34 5.34
C THR B 137 -31.96 21.19 5.03
N THR B 138 -32.40 20.02 4.52
CA THR B 138 -33.81 19.77 4.22
C THR B 138 -34.53 19.29 5.49
N ALA B 139 -35.37 20.13 6.07
CA ALA B 139 -36.11 19.79 7.27
C ALA B 139 -37.47 19.18 6.94
N GLU B 140 -37.82 18.08 7.63
CA GLU B 140 -39.10 17.40 7.44
C GLU B 140 -39.95 17.67 8.69
N ILE B 141 -41.20 18.11 8.53
CA ILE B 141 -42.06 18.38 9.68
C ILE B 141 -42.47 17.06 10.31
N TYR B 142 -42.11 16.85 11.59
CA TYR B 142 -42.46 15.63 12.31
C TYR B 142 -43.48 15.84 13.43
N ALA B 143 -43.89 17.10 13.72
CA ALA B 143 -44.89 17.36 14.76
C ALA B 143 -45.67 18.64 14.46
N TYR B 144 -46.98 18.62 14.73
CA TYR B 144 -47.89 19.74 14.50
C TYR B 144 -48.91 19.75 15.65
N ARG B 145 -49.14 20.92 16.26
CA ARG B 145 -50.08 21.02 17.39
C ARG B 145 -50.92 22.30 17.28
N GLU B 146 -52.09 22.17 16.63
CA GLU B 146 -53.02 23.29 16.48
C GLU B 146 -53.68 23.55 17.83
N GLU B 147 -53.54 24.78 18.36
CA GLU B 147 -54.16 25.16 19.62
C GLU B 147 -55.13 26.30 19.36
N GLN B 148 -56.39 25.95 19.03
CA GLN B 148 -57.42 26.91 18.69
C GLN B 148 -57.88 27.70 19.93
N ASP B 149 -57.20 28.85 20.17
CA ASP B 149 -57.48 29.73 21.30
C ASP B 149 -58.40 30.90 20.95
N PHE B 150 -58.96 31.57 21.98
CA PHE B 150 -59.83 32.73 21.85
C PHE B 150 -59.28 33.82 20.92
N GLY B 151 -57.98 34.11 21.05
CA GLY B 151 -57.33 35.12 20.23
C GLY B 151 -57.19 34.70 18.78
N ILE B 152 -56.27 33.76 18.51
CA ILE B 152 -56.03 33.26 17.15
C ILE B 152 -55.58 31.79 17.19
N GLU B 153 -55.79 31.07 16.09
CA GLU B 153 -55.39 29.68 15.93
C GLU B 153 -53.85 29.63 15.85
N ILE B 154 -53.20 29.51 17.03
CA ILE B 154 -51.74 29.49 17.13
C ILE B 154 -51.26 28.05 16.92
N VAL B 155 -50.22 27.85 16.11
CA VAL B 155 -49.70 26.50 15.83
C VAL B 155 -48.25 26.36 16.32
N LYS B 156 -47.88 25.14 16.74
CA LYS B 156 -46.54 24.80 17.21
C LYS B 156 -46.08 23.62 16.37
N VAL B 157 -44.91 23.75 15.71
CA VAL B 157 -44.40 22.73 14.79
C VAL B 157 -42.96 22.38 15.09
N LYS B 158 -42.63 21.08 15.13
CA LYS B 158 -41.25 20.64 15.30
C LYS B 158 -40.84 19.96 13.99
N ALA B 159 -39.67 20.32 13.47
CA ALA B 159 -39.13 19.73 12.23
C ALA B 159 -37.72 19.17 12.48
N ILE B 160 -37.21 18.32 11.58
CA ILE B 160 -35.90 17.69 11.77
C ILE B 160 -35.08 17.72 10.47
N GLY B 161 -33.83 18.16 10.57
CA GLY B 161 -32.94 18.22 9.43
C GLY B 161 -32.61 16.83 8.95
N ARG B 162 -32.57 16.60 7.62
CA ARG B 162 -32.31 15.28 7.08
C ARG B 162 -31.08 15.25 6.15
N GLN B 163 -31.08 16.06 5.06
CA GLN B 163 -29.99 16.07 4.09
C GLN B 163 -29.37 17.44 3.91
N ARG B 164 -28.03 17.51 3.85
CA ARG B 164 -27.33 18.78 3.61
C ARG B 164 -27.44 19.15 2.13
N PHE B 165 -27.38 20.46 1.81
CA PHE B 165 -27.49 20.88 0.43
C PHE B 165 -26.70 22.15 0.07
N LYS B 166 -26.54 22.40 -1.25
CA LYS B 166 -25.91 23.58 -1.84
C LYS B 166 -27.02 24.39 -2.52
N VAL B 167 -26.99 25.71 -2.38
CA VAL B 167 -27.99 26.60 -2.98
C VAL B 167 -27.56 26.94 -4.40
N LEU B 168 -28.46 26.78 -5.39
CA LEU B 168 -28.16 27.09 -6.79
C LEU B 168 -28.92 28.32 -7.29
N GLU B 169 -30.18 28.50 -6.84
CA GLU B 169 -31.03 29.62 -7.24
C GLU B 169 -32.08 29.91 -6.15
N LEU B 170 -32.47 31.19 -5.98
CA LEU B 170 -33.48 31.59 -4.98
C LEU B 170 -34.68 32.19 -5.73
N ARG B 171 -35.58 31.33 -6.22
CA ARG B 171 -36.76 31.77 -6.96
C ARG B 171 -37.81 32.40 -6.05
N THR B 172 -37.82 33.74 -5.93
CA THR B 172 -38.79 34.44 -5.11
C THR B 172 -40.14 34.49 -5.83
N GLN B 173 -41.14 33.78 -5.29
CA GLN B 173 -42.49 33.75 -5.89
C GLN B 173 -43.28 35.03 -5.57
N SER B 174 -44.41 35.27 -6.26
CA SER B 174 -45.23 36.45 -6.02
C SER B 174 -45.84 36.50 -4.61
N ASP B 175 -45.91 35.35 -3.90
CA ASP B 175 -46.45 35.28 -2.53
C ASP B 175 -45.43 35.66 -1.43
N GLY B 176 -44.24 36.13 -1.81
CA GLY B 176 -43.21 36.51 -0.84
C GLY B 176 -42.49 35.35 -0.19
N ILE B 177 -42.59 34.13 -0.78
CA ILE B 177 -41.96 32.91 -0.29
C ILE B 177 -41.02 32.43 -1.38
N GLN B 178 -39.76 32.08 -1.05
CA GLN B 178 -38.78 31.67 -2.05
C GLN B 178 -38.62 30.15 -2.17
N GLN B 179 -38.47 29.67 -3.41
CA GLN B 179 -38.30 28.25 -3.77
C GLN B 179 -36.85 28.04 -4.20
N ALA B 180 -36.00 27.57 -3.29
CA ALA B 180 -34.59 27.38 -3.58
C ALA B 180 -34.31 26.14 -4.43
N LYS B 181 -33.58 26.30 -5.55
CA LYS B 181 -33.18 25.19 -6.40
C LYS B 181 -32.04 24.53 -5.63
N VAL B 182 -32.27 23.32 -5.14
CA VAL B 182 -31.38 22.58 -4.24
C VAL B 182 -30.63 21.44 -4.93
N GLN B 183 -29.34 21.24 -4.54
CA GLN B 183 -28.48 20.14 -4.97
C GLN B 183 -28.12 19.44 -3.68
N ILE B 184 -28.56 18.20 -3.48
CA ILE B 184 -28.29 17.48 -2.24
C ILE B 184 -26.83 17.06 -2.20
N LEU B 185 -26.09 17.49 -1.16
CA LEU B 185 -24.68 17.13 -1.03
C LEU B 185 -24.59 15.69 -0.51
N PRO B 186 -23.71 14.84 -1.07
CA PRO B 186 -23.64 13.44 -0.59
C PRO B 186 -22.97 13.28 0.77
N GLU B 187 -23.48 12.34 1.58
CA GLU B 187 -22.90 12.05 2.89
C GLU B 187 -21.65 11.21 2.66
N CYS B 188 -20.47 11.85 2.64
CA CYS B 188 -19.22 11.13 2.39
C CYS B 188 -18.83 10.29 3.60
N VAL B 189 -18.61 8.99 3.37
CA VAL B 189 -18.22 8.02 4.42
C VAL B 189 -16.88 7.39 3.99
N LEU B 190 -16.02 7.01 4.95
CA LEU B 190 -14.73 6.39 4.65
C LEU B 190 -14.51 5.13 5.49
N PRO B 191 -13.89 4.07 4.94
CA PRO B 191 -13.66 2.86 5.76
C PRO B 191 -12.51 3.03 6.77
N SER B 192 -12.24 2.01 7.60
CA SER B 192 -11.16 2.04 8.59
C SER B 192 -9.82 2.34 7.90
N THR B 193 -9.04 3.28 8.44
CA THR B 193 -7.74 3.65 7.86
C THR B 193 -6.78 2.45 7.73
N MET B 194 -6.95 1.42 8.56
CA MET B 194 -6.11 0.22 8.51
C MET B 194 -6.52 -0.74 7.39
N SER B 195 -7.82 -0.77 7.02
CA SER B 195 -8.30 -1.63 5.94
C SER B 195 -7.75 -1.22 4.58
N ALA B 196 -7.49 0.09 4.37
CA ALA B 196 -6.92 0.58 3.12
C ALA B 196 -5.44 0.22 2.94
N VAL B 197 -4.75 -0.26 4.01
CA VAL B 197 -3.34 -0.62 3.98
C VAL B 197 -3.16 -2.06 3.49
N GLN B 198 -3.88 -3.02 4.10
CA GLN B 198 -3.82 -4.44 3.74
C GLN B 198 -5.22 -5.06 3.69
N LEU B 199 -5.36 -6.23 3.04
CA LEU B 199 -6.65 -6.90 2.90
C LEU B 199 -6.93 -7.95 4.00
N GLU B 200 -6.03 -8.94 4.18
CA GLU B 200 -6.22 -10.05 5.12
C GLU B 200 -5.38 -10.00 6.39
N SER B 201 -4.34 -9.16 6.45
CA SER B 201 -3.50 -9.07 7.65
C SER B 201 -4.25 -8.35 8.77
N LEU B 202 -4.24 -8.93 9.98
CA LEU B 202 -4.88 -8.37 11.18
C LEU B 202 -6.40 -8.15 11.03
N ASN B 203 -7.09 -9.06 10.31
CA ASN B 203 -8.54 -8.96 10.15
C ASN B 203 -9.21 -9.58 11.38
N LYS B 204 -8.78 -10.80 11.77
CA LYS B 204 -9.32 -11.50 12.95
C LYS B 204 -9.26 -10.64 14.22
N CYS B 205 -8.17 -9.89 14.41
CA CYS B 205 -7.99 -8.99 15.55
C CYS B 205 -8.35 -7.56 15.10
N GLN B 206 -9.59 -7.12 15.36
CA GLN B 206 -10.02 -5.78 14.96
C GLN B 206 -11.07 -5.17 15.94
N ILE B 207 -12.20 -5.87 16.19
CA ILE B 207 -13.25 -5.39 17.10
C ILE B 207 -13.26 -6.28 18.35
N PHE B 208 -13.35 -5.67 19.57
CA PHE B 208 -13.31 -6.41 20.83
C PHE B 208 -14.40 -5.93 21.82
N PRO B 209 -14.96 -6.81 22.69
CA PRO B 209 -16.03 -6.35 23.59
C PRO B 209 -15.54 -5.61 24.84
N SER B 210 -16.48 -4.96 25.56
CA SER B 210 -16.24 -4.20 26.79
C SER B 210 -15.16 -3.13 26.63
N GLN B 218 -9.16 -5.71 35.28
CA GLN B 218 -9.41 -4.98 34.04
C GLN B 218 -9.74 -3.52 34.36
N CYS B 219 -9.15 -2.58 33.59
CA CYS B 219 -9.36 -1.14 33.78
C CYS B 219 -9.33 -0.40 32.42
N SER B 220 -9.80 0.87 32.41
CA SER B 220 -9.85 1.67 31.17
C SER B 220 -8.47 1.89 30.55
N TYR B 221 -7.46 2.25 31.36
CA TYR B 221 -6.11 2.48 30.84
C TYR B 221 -5.54 1.24 30.13
N LYS B 222 -5.68 0.06 30.74
CA LYS B 222 -5.19 -1.20 30.15
C LYS B 222 -5.96 -1.57 28.89
N TRP B 223 -7.25 -1.24 28.83
CA TRP B 223 -8.07 -1.55 27.65
C TRP B 223 -7.67 -0.64 26.48
N TRP B 224 -7.46 0.67 26.71
CA TRP B 224 -7.07 1.58 25.63
C TRP B 224 -5.65 1.39 25.12
N GLN B 225 -4.70 1.03 25.99
CA GLN B 225 -3.32 0.80 25.58
C GLN B 225 -3.23 -0.44 24.67
N LYS B 226 -3.90 -1.54 25.04
CA LYS B 226 -3.91 -2.76 24.25
C LYS B 226 -4.82 -2.65 23.02
N TYR B 227 -5.91 -1.86 23.10
CA TYR B 227 -6.82 -1.67 21.96
C TYR B 227 -6.09 -0.95 20.83
N GLN B 228 -5.32 0.10 21.15
CA GLN B 228 -4.57 0.85 20.15
C GLN B 228 -3.46 -0.03 19.55
N LYS B 229 -2.71 -0.76 20.39
CA LYS B 229 -1.63 -1.61 19.91
C LYS B 229 -2.14 -2.80 19.07
N ARG B 230 -3.35 -3.31 19.36
CA ARG B 230 -3.90 -4.45 18.63
C ARG B 230 -4.66 -4.04 17.36
N LYS B 231 -5.36 -2.88 17.38
CA LYS B 231 -6.09 -2.41 16.20
C LYS B 231 -5.14 -1.78 15.18
N PHE B 232 -4.21 -0.93 15.65
CA PHE B 232 -3.26 -0.25 14.77
C PHE B 232 -1.91 -0.96 14.68
N HIS B 233 -1.91 -2.31 14.62
CA HIS B 233 -0.67 -3.05 14.44
C HIS B 233 -0.17 -2.89 12.99
N CYS B 234 -1.09 -2.64 12.01
CA CYS B 234 -0.71 -2.40 10.62
C CYS B 234 -0.05 -1.04 10.41
N ALA B 235 -0.21 -0.08 11.35
CA ALA B 235 0.39 1.25 11.22
C ALA B 235 1.89 1.24 11.00
N ASN B 236 2.63 0.30 11.64
CA ASN B 236 4.08 0.23 11.45
C ASN B 236 4.47 -0.15 10.00
N LEU B 237 3.57 -0.79 9.24
CA LEU B 237 3.82 -1.09 7.83
C LEU B 237 3.80 0.17 6.92
N THR B 238 3.29 1.29 7.43
CA THR B 238 3.18 2.56 6.71
C THR B 238 4.23 3.58 7.24
N SER B 239 4.33 4.76 6.60
CA SER B 239 5.28 5.78 7.01
C SER B 239 4.79 6.63 8.20
N TRP B 240 3.88 6.11 9.06
CA TRP B 240 3.35 6.88 10.19
C TRP B 240 3.17 6.03 11.46
N PRO B 241 3.22 6.61 12.68
CA PRO B 241 3.07 5.80 13.90
C PRO B 241 1.64 5.42 14.27
N ARG B 242 1.48 4.53 15.27
CA ARG B 242 0.18 4.07 15.75
C ARG B 242 -0.70 5.23 16.20
N TRP B 243 -0.16 6.12 17.06
CA TRP B 243 -0.89 7.27 17.60
C TRP B 243 -1.39 8.25 16.54
N LEU B 244 -0.72 8.33 15.38
CA LEU B 244 -1.15 9.25 14.33
C LEU B 244 -2.49 8.80 13.76
N TYR B 245 -2.63 7.50 13.48
CA TYR B 245 -3.89 6.97 12.94
C TYR B 245 -5.03 7.03 13.95
N SER B 246 -4.72 7.02 15.26
CA SER B 246 -5.74 7.20 16.30
C SER B 246 -6.42 8.58 16.19
N LEU B 247 -5.69 9.59 15.67
CA LEU B 247 -6.24 10.93 15.47
C LEU B 247 -7.21 11.01 14.27
N TYR B 248 -7.32 9.93 13.46
CA TYR B 248 -8.22 9.85 12.30
C TYR B 248 -9.19 8.65 12.37
N ASP B 249 -9.11 7.80 13.42
CA ASP B 249 -10.03 6.66 13.57
C ASP B 249 -11.34 7.18 14.13
N ALA B 250 -12.47 6.82 13.51
CA ALA B 250 -13.79 7.26 13.95
C ALA B 250 -14.13 6.84 15.37
N GLU B 251 -13.80 5.59 15.74
CA GLU B 251 -14.11 5.06 17.07
C GLU B 251 -13.34 5.79 18.16
N THR B 252 -12.04 6.05 17.94
CA THR B 252 -11.21 6.76 18.91
C THR B 252 -11.65 8.22 19.02
N LEU B 253 -11.99 8.86 17.88
CA LEU B 253 -12.44 10.25 17.89
C LEU B 253 -13.78 10.36 18.63
N MET B 254 -14.70 9.40 18.41
CA MET B 254 -15.99 9.39 19.09
C MET B 254 -15.78 9.23 20.60
N ASP B 255 -14.90 8.32 21.02
CA ASP B 255 -14.62 8.10 22.42
C ASP B 255 -13.98 9.33 23.08
N ARG B 256 -13.07 10.00 22.35
CA ARG B 256 -12.43 11.23 22.83
C ARG B 256 -13.49 12.31 23.11
N ILE B 257 -14.51 12.40 22.24
CA ILE B 257 -15.60 13.37 22.42
C ILE B 257 -16.46 12.93 23.61
N LYS B 258 -16.80 11.63 23.69
CA LYS B 258 -17.60 11.11 24.81
C LYS B 258 -16.98 11.42 26.17
N LYS B 259 -15.64 11.40 26.29
CA LYS B 259 -14.98 11.73 27.56
C LYS B 259 -15.19 13.21 27.94
N GLN B 260 -15.23 14.10 26.94
CA GLN B 260 -15.50 15.52 27.15
C GLN B 260 -16.98 15.74 27.50
N LEU B 261 -17.87 15.01 26.81
CA LEU B 261 -19.32 15.12 27.04
C LEU B 261 -19.72 14.60 28.41
N ARG B 262 -19.09 13.51 28.89
CA ARG B 262 -19.42 12.95 30.21
C ARG B 262 -19.04 13.88 31.36
N GLU B 263 -18.03 14.74 31.17
CA GLU B 263 -17.67 15.72 32.20
C GLU B 263 -18.83 16.73 32.37
N TRP B 264 -19.46 17.13 31.24
CA TRP B 264 -20.59 18.07 31.29
C TRP B 264 -21.89 17.36 31.72
N ASP B 265 -22.31 16.30 31.00
CA ASP B 265 -23.56 15.57 31.24
C ASP B 265 -23.30 14.22 31.92
N GLU B 266 -24.17 13.85 32.87
CA GLU B 266 -24.06 12.57 33.58
C GLU B 266 -25.04 11.56 32.97
N ASN B 267 -24.94 11.35 31.64
CA ASN B 267 -25.79 10.43 30.88
C ASN B 267 -24.94 9.38 30.15
N LEU B 268 -25.48 8.16 29.99
CA LEU B 268 -24.78 7.05 29.34
C LEU B 268 -24.92 7.10 27.82
N LYS B 269 -23.89 6.63 27.09
CA LYS B 269 -23.91 6.61 25.63
C LYS B 269 -24.79 5.47 25.09
N ASP B 270 -24.93 4.36 25.86
CA ASP B 270 -25.68 3.13 25.54
C ASP B 270 -26.83 3.31 24.54
N ASP B 271 -27.76 4.23 24.81
CA ASP B 271 -28.89 4.50 23.93
C ASP B 271 -29.06 6.00 23.63
N SER B 272 -28.62 6.91 24.52
CA SER B 272 -28.76 8.35 24.31
C SER B 272 -27.92 8.84 23.13
N LEU B 273 -26.60 8.57 23.12
CA LEU B 273 -25.73 8.99 22.02
C LEU B 273 -25.62 7.83 21.01
N PRO B 274 -25.70 8.08 19.68
CA PRO B 274 -25.65 6.96 18.72
C PRO B 274 -24.26 6.37 18.50
N SER B 275 -24.23 5.13 17.99
CA SER B 275 -22.98 4.42 17.69
C SER B 275 -22.44 4.73 16.28
N ASN B 276 -23.33 5.13 15.35
CA ASN B 276 -22.93 5.45 13.96
C ASN B 276 -22.08 6.73 13.95
N PRO B 277 -20.84 6.75 13.39
CA PRO B 277 -20.07 8.02 13.37
C PRO B 277 -20.77 9.20 12.72
N ILE B 278 -21.57 8.96 11.66
CA ILE B 278 -22.29 10.03 10.97
C ILE B 278 -23.30 10.67 11.94
N ASP B 279 -24.18 9.86 12.54
CA ASP B 279 -25.19 10.37 13.47
C ASP B 279 -24.53 11.00 14.70
N PHE B 280 -23.44 10.39 15.20
CA PHE B 280 -22.72 10.89 16.36
C PHE B 280 -22.17 12.30 16.07
N SER B 281 -21.53 12.49 14.91
CA SER B 281 -20.97 13.79 14.54
C SER B 281 -22.06 14.87 14.48
N TYR B 282 -23.20 14.58 13.84
CA TYR B 282 -24.28 15.56 13.76
C TYR B 282 -24.93 15.83 15.12
N ARG B 283 -25.02 14.81 15.98
CA ARG B 283 -25.57 14.98 17.33
C ARG B 283 -24.67 15.92 18.13
N VAL B 284 -23.34 15.76 18.01
CA VAL B 284 -22.39 16.62 18.72
C VAL B 284 -22.50 18.05 18.19
N ALA B 285 -22.48 18.20 16.85
CA ALA B 285 -22.60 19.51 16.18
C ALA B 285 -23.81 20.32 16.66
N ALA B 286 -24.95 19.66 16.87
CA ALA B 286 -26.17 20.33 17.33
C ALA B 286 -26.11 20.81 18.77
N CYS B 287 -25.49 20.03 19.67
CA CYS B 287 -25.42 20.37 21.09
C CYS B 287 -24.16 21.15 21.50
N LEU B 288 -23.28 21.54 20.54
CA LEU B 288 -22.10 22.32 20.90
C LEU B 288 -22.42 23.82 20.93
N PRO B 289 -22.00 24.58 21.98
CA PRO B 289 -22.28 26.02 21.96
C PRO B 289 -21.33 26.77 21.03
N ILE B 290 -21.74 26.91 19.74
CA ILE B 290 -20.93 27.56 18.71
C ILE B 290 -21.72 28.61 17.94
N ASP B 291 -21.02 29.62 17.39
CA ASP B 291 -21.66 30.71 16.63
C ASP B 291 -22.11 30.26 15.21
N ASP B 292 -22.87 31.13 14.52
CA ASP B 292 -23.39 30.84 13.18
C ASP B 292 -22.30 30.45 12.17
N VAL B 293 -21.18 31.20 12.12
CA VAL B 293 -20.10 30.94 11.15
C VAL B 293 -19.44 29.56 11.40
N LEU B 294 -19.32 29.12 12.66
CA LEU B 294 -18.74 27.79 12.94
C LEU B 294 -19.70 26.71 12.47
N ARG B 295 -21.02 26.89 12.68
CA ARG B 295 -22.03 25.94 12.22
C ARG B 295 -22.07 25.86 10.71
N ILE B 296 -21.87 26.99 10.02
CA ILE B 296 -21.85 27.04 8.55
C ILE B 296 -20.65 26.21 8.04
N GLN B 297 -19.45 26.46 8.60
CA GLN B 297 -18.24 25.72 8.20
C GLN B 297 -18.33 24.24 8.61
N LEU B 298 -19.03 23.93 9.70
CA LEU B 298 -19.24 22.56 10.16
C LEU B 298 -20.21 21.83 9.23
N LEU B 299 -21.24 22.54 8.71
CA LEU B 299 -22.19 21.99 7.75
C LEU B 299 -21.53 21.80 6.39
N LYS B 300 -20.56 22.68 6.01
CA LYS B 300 -19.83 22.54 4.76
C LYS B 300 -18.95 21.27 4.71
N ILE B 301 -18.61 20.68 5.88
CA ILE B 301 -17.79 19.47 5.96
C ILE B 301 -18.60 18.28 5.43
N GLY B 302 -18.00 17.48 4.56
CA GLY B 302 -18.65 16.31 3.95
C GLY B 302 -18.38 15.00 4.68
N SER B 303 -17.12 14.73 5.02
CA SER B 303 -16.76 13.49 5.69
C SER B 303 -17.05 13.53 7.18
N ALA B 304 -17.69 12.48 7.72
CA ALA B 304 -17.95 12.38 9.15
C ALA B 304 -16.65 12.33 9.98
N ILE B 305 -15.56 11.81 9.39
CA ILE B 305 -14.26 11.72 10.06
C ILE B 305 -13.74 13.14 10.30
N GLN B 306 -13.80 13.99 9.26
CA GLN B 306 -13.35 15.39 9.34
C GLN B 306 -14.21 16.18 10.32
N ARG B 307 -15.52 15.91 10.35
CA ARG B 307 -16.44 16.62 11.23
C ARG B 307 -16.12 16.31 12.69
N LEU B 308 -15.81 15.05 13.02
CA LEU B 308 -15.46 14.66 14.40
C LEU B 308 -14.16 15.37 14.83
N ARG B 309 -13.17 15.45 13.93
CA ARG B 309 -11.90 16.11 14.22
C ARG B 309 -12.09 17.60 14.44
N CYS B 310 -12.93 18.26 13.61
CA CYS B 310 -13.20 19.68 13.75
C CYS B 310 -13.92 19.98 15.07
N GLU B 311 -14.85 19.10 15.47
CA GLU B 311 -15.57 19.25 16.72
C GLU B 311 -14.62 19.20 17.92
N LEU B 312 -13.64 18.28 17.90
CA LEU B 312 -12.64 18.18 18.98
C LEU B 312 -11.74 19.41 19.00
N ASP B 313 -11.42 19.99 17.84
CA ASP B 313 -10.63 21.20 17.78
C ASP B 313 -11.35 22.35 18.49
N ILE B 314 -12.67 22.45 18.30
CA ILE B 314 -13.45 23.50 18.96
C ILE B 314 -13.44 23.26 20.47
N MET B 315 -13.74 22.03 20.92
CA MET B 315 -13.75 21.71 22.34
C MET B 315 -12.40 22.00 23.02
N ASN B 316 -11.29 21.56 22.41
CA ASN B 316 -9.96 21.74 23.00
C ASN B 316 -9.38 23.16 22.87
N LYS B 317 -9.62 23.85 21.74
CA LYS B 317 -9.07 25.20 21.54
C LYS B 317 -9.97 26.31 22.10
N CYS B 318 -11.28 26.31 21.75
CA CYS B 318 -12.21 27.33 22.21
C CYS B 318 -12.74 27.01 23.62
N THR B 319 -11.87 27.16 24.64
CA THR B 319 -12.24 26.92 26.03
C THR B 319 -12.77 28.20 26.71
N SER B 320 -13.42 29.08 25.94
CA SER B 320 -13.95 30.34 26.45
C SER B 320 -15.08 30.84 25.55
N LEU B 321 -16.18 31.32 26.15
CA LEU B 321 -17.32 31.84 25.41
C LEU B 321 -17.46 33.31 25.76
N CYS B 322 -17.50 34.18 24.75
CA CYS B 322 -17.56 35.64 24.91
C CYS B 322 -18.83 36.25 24.30
N CYS B 323 -19.06 37.56 24.47
CA CYS B 323 -20.21 38.23 23.88
C CYS B 323 -19.98 38.36 22.36
N LYS B 324 -21.03 38.16 21.56
CA LYS B 324 -20.92 38.29 20.09
C LYS B 324 -20.70 39.74 19.67
N GLN B 325 -21.38 40.70 20.34
CA GLN B 325 -21.25 42.12 20.00
C GLN B 325 -19.81 42.60 20.32
N CYS B 326 -19.44 42.84 21.60
CA CYS B 326 -18.05 43.21 21.94
C CYS B 326 -17.32 41.87 22.03
N GLN B 327 -16.35 41.64 21.14
CA GLN B 327 -15.69 40.33 21.05
C GLN B 327 -14.58 40.07 22.09
N GLU B 328 -14.48 40.88 23.16
CA GLU B 328 -13.46 40.67 24.20
C GLU B 328 -14.09 40.75 25.61
N THR B 329 -15.24 40.08 25.81
CA THR B 329 -15.93 40.05 27.10
C THR B 329 -16.14 38.59 27.52
N GLU B 330 -15.20 38.03 28.29
CA GLU B 330 -15.28 36.64 28.73
C GLU B 330 -16.49 36.42 29.64
N ILE B 331 -17.40 35.51 29.24
CA ILE B 331 -18.61 35.23 30.01
C ILE B 331 -18.45 33.92 30.81
N THR B 332 -18.03 32.82 30.13
CA THR B 332 -17.90 31.52 30.77
C THR B 332 -16.79 30.67 30.10
N THR B 333 -16.37 29.58 30.78
CA THR B 333 -15.34 28.66 30.27
C THR B 333 -15.91 27.23 30.09
N LYS B 334 -15.17 26.38 29.37
CA LYS B 334 -15.57 25.00 29.10
C LYS B 334 -15.80 24.20 30.40
N ASN B 335 -14.87 24.28 31.35
CA ASN B 335 -14.94 23.54 32.62
C ASN B 335 -16.17 23.85 33.50
N GLU B 336 -16.99 24.87 33.15
CA GLU B 336 -18.20 25.18 33.91
C GLU B 336 -19.50 24.70 33.25
N ILE B 337 -19.42 23.95 32.12
CA ILE B 337 -20.62 23.47 31.43
C ILE B 337 -21.13 22.22 32.15
N PHE B 338 -22.46 22.14 32.36
CA PHE B 338 -23.11 21.00 33.01
C PHE B 338 -24.53 20.79 32.42
N SER B 339 -25.21 19.69 32.81
CA SER B 339 -26.57 19.41 32.33
C SER B 339 -27.55 19.20 33.47
N LEU B 340 -28.35 20.23 33.81
CA LEU B 340 -29.39 20.09 34.83
C LEU B 340 -30.51 19.23 34.22
N SER B 341 -30.94 19.57 32.99
CA SER B 341 -31.94 18.80 32.26
C SER B 341 -31.25 17.57 31.68
N LEU B 342 -31.88 16.38 31.79
CA LEU B 342 -31.28 15.16 31.23
C LEU B 342 -31.61 15.03 29.73
N CYS B 343 -31.23 16.07 28.97
CA CYS B 343 -31.43 16.14 27.52
C CYS B 343 -30.32 16.99 26.89
N GLY B 344 -29.07 16.64 27.22
CA GLY B 344 -27.89 17.34 26.73
C GLY B 344 -27.61 18.64 27.47
N PRO B 345 -26.42 19.26 27.28
CA PRO B 345 -26.13 20.53 27.98
C PRO B 345 -26.83 21.75 27.39
N MET B 346 -26.94 21.81 26.05
CA MET B 346 -27.58 22.91 25.34
C MET B 346 -28.77 22.39 24.55
N ALA B 347 -30.00 22.62 25.06
CA ALA B 347 -31.24 22.19 24.41
C ALA B 347 -31.97 23.39 23.76
N ALA B 348 -32.91 23.12 22.84
CA ALA B 348 -33.67 24.17 22.17
C ALA B 348 -34.94 24.48 22.95
N TYR B 349 -35.07 25.72 23.46
CA TYR B 349 -36.24 26.19 24.21
C TYR B 349 -36.92 27.32 23.44
N VAL B 350 -38.21 27.58 23.72
CA VAL B 350 -38.96 28.64 23.05
C VAL B 350 -39.74 29.48 24.07
N ASN B 351 -39.70 30.81 23.92
CA ASN B 351 -40.43 31.73 24.80
C ASN B 351 -41.92 31.85 24.35
N PRO B 352 -42.87 32.39 25.16
CA PRO B 352 -44.25 32.48 24.69
C PRO B 352 -44.50 33.32 23.44
N HIS B 353 -43.50 34.10 22.98
CA HIS B 353 -43.62 34.93 21.78
C HIS B 353 -43.15 34.25 20.48
N GLY B 354 -42.85 32.95 20.52
CA GLY B 354 -42.42 32.21 19.34
C GLY B 354 -41.02 32.52 18.85
N TYR B 355 -40.03 32.48 19.75
CA TYR B 355 -38.62 32.75 19.43
C TYR B 355 -37.77 31.59 19.95
N VAL B 356 -36.77 31.15 19.16
CA VAL B 356 -35.91 30.02 19.52
C VAL B 356 -34.68 30.47 20.29
N HIS B 357 -34.46 29.89 21.48
CA HIS B 357 -33.32 30.16 22.36
C HIS B 357 -32.61 28.84 22.68
N GLU B 358 -31.43 28.61 22.10
CA GLU B 358 -30.67 27.40 22.38
C GLU B 358 -29.89 27.68 23.67
N THR B 359 -30.50 27.32 24.80
CA THR B 359 -29.96 27.60 26.13
C THR B 359 -28.91 26.60 26.60
N LEU B 360 -27.70 27.11 26.94
CA LEU B 360 -26.60 26.32 27.48
C LEU B 360 -26.56 26.55 28.99
N THR B 361 -26.53 25.47 29.78
CA THR B 361 -26.50 25.57 31.24
C THR B 361 -25.05 25.54 31.74
N VAL B 362 -24.64 26.58 32.50
CA VAL B 362 -23.29 26.69 33.07
C VAL B 362 -23.42 27.03 34.56
N TYR B 363 -22.53 26.50 35.41
CA TYR B 363 -22.58 26.75 36.85
C TYR B 363 -22.33 28.23 37.18
N LYS B 364 -21.28 28.83 36.59
CA LYS B 364 -20.93 30.24 36.83
C LYS B 364 -20.82 30.99 35.51
N ALA B 365 -21.06 32.32 35.54
CA ALA B 365 -20.99 33.17 34.36
C ALA B 365 -20.67 34.62 34.76
N CYS B 366 -19.38 34.97 34.70
CA CYS B 366 -18.90 36.30 35.07
C CYS B 366 -19.20 37.36 33.98
N ASN B 367 -19.06 38.65 34.34
CA ASN B 367 -19.27 39.81 33.47
C ASN B 367 -20.69 39.91 32.90
N LEU B 368 -21.71 39.77 33.76
CA LEU B 368 -23.11 39.88 33.34
C LEU B 368 -23.89 40.68 34.37
N ASN B 369 -24.66 41.67 33.91
CA ASN B 369 -25.50 42.50 34.78
C ASN B 369 -26.90 41.89 34.85
N LEU B 370 -27.51 41.87 36.04
CA LEU B 370 -28.85 41.32 36.23
C LEU B 370 -29.86 42.47 36.19
N ILE B 371 -30.90 42.34 35.35
CA ILE B 371 -31.90 43.38 35.18
C ILE B 371 -33.23 42.92 35.80
N GLY B 372 -33.90 43.81 36.52
CA GLY B 372 -35.20 43.52 37.12
C GLY B 372 -35.18 42.57 38.28
N ARG B 373 -36.38 42.11 38.67
CA ARG B 373 -36.60 41.19 39.79
C ARG B 373 -36.64 39.72 39.31
N PRO B 374 -36.31 38.71 40.15
CA PRO B 374 -36.38 37.31 39.67
C PRO B 374 -37.80 36.82 39.44
N SER B 375 -38.11 36.42 38.19
CA SER B 375 -39.45 35.94 37.81
C SER B 375 -39.47 34.42 37.57
N THR B 376 -40.67 33.82 37.68
CA THR B 376 -40.93 32.39 37.44
C THR B 376 -42.01 32.15 36.35
N GLU B 377 -42.37 33.20 35.57
CA GLU B 377 -43.39 33.11 34.52
C GLU B 377 -42.83 32.32 33.33
N HIS B 378 -43.49 31.20 32.96
CA HIS B 378 -43.07 30.33 31.86
C HIS B 378 -41.60 29.88 32.04
N SER B 379 -41.26 29.48 33.27
CA SER B 379 -39.89 29.09 33.61
C SER B 379 -39.53 27.78 32.92
N TRP B 380 -38.47 27.79 32.08
CA TRP B 380 -38.03 26.58 31.39
C TRP B 380 -37.49 25.52 32.35
N PHE B 381 -36.93 25.95 33.49
CA PHE B 381 -36.41 25.07 34.54
C PHE B 381 -37.30 25.26 35.77
N PRO B 382 -38.46 24.56 35.88
CA PRO B 382 -39.35 24.79 37.04
C PRO B 382 -38.69 24.73 38.40
N GLY B 383 -39.16 25.58 39.30
CA GLY B 383 -38.61 25.68 40.64
C GLY B 383 -37.54 26.77 40.72
N TYR B 384 -36.67 26.84 39.70
CA TYR B 384 -35.62 27.86 39.62
C TYR B 384 -36.20 29.15 39.06
N ALA B 385 -35.77 30.30 39.60
CA ALA B 385 -36.22 31.63 39.19
C ALA B 385 -35.25 32.29 38.21
N TRP B 386 -35.74 32.75 37.06
CA TRP B 386 -34.92 33.40 36.04
C TRP B 386 -34.84 34.92 36.23
N THR B 387 -33.69 35.51 35.87
CA THR B 387 -33.45 36.97 35.95
C THR B 387 -32.64 37.35 34.71
N VAL B 388 -33.08 38.35 33.94
CA VAL B 388 -32.41 38.77 32.70
C VAL B 388 -30.93 39.10 32.94
N ALA B 389 -30.02 38.48 32.14
CA ALA B 389 -28.58 38.69 32.25
C ALA B 389 -28.03 39.32 30.96
N GLN B 390 -27.70 40.61 31.01
CA GLN B 390 -27.15 41.35 29.87
C GLN B 390 -25.62 41.51 30.00
N CYS B 391 -24.95 41.88 28.90
CA CYS B 391 -23.50 42.08 28.90
C CYS B 391 -23.09 43.26 29.77
N LYS B 392 -21.90 43.18 30.37
CA LYS B 392 -21.38 44.23 31.23
C LYS B 392 -21.00 45.48 30.42
N ILE B 393 -20.50 45.31 29.18
CA ILE B 393 -20.06 46.43 28.33
C ILE B 393 -21.18 46.92 27.35
N CYS B 394 -21.65 46.07 26.43
CA CYS B 394 -22.62 46.46 25.42
C CYS B 394 -24.09 46.27 25.83
N ALA B 395 -24.37 45.76 27.04
CA ALA B 395 -25.74 45.52 27.55
C ALA B 395 -26.64 44.70 26.61
N SER B 396 -26.05 43.84 25.76
CA SER B 396 -26.81 42.97 24.86
C SER B 396 -27.34 41.78 25.66
N HIS B 397 -28.53 41.28 25.32
CA HIS B 397 -29.11 40.14 26.02
C HIS B 397 -28.29 38.88 25.76
N ILE B 398 -27.71 38.29 26.81
CA ILE B 398 -26.88 37.09 26.71
C ILE B 398 -27.65 35.87 27.24
N GLY B 399 -28.31 36.00 28.38
CA GLY B 399 -29.05 34.89 28.95
C GLY B 399 -29.87 35.24 30.17
N TRP B 400 -29.83 34.36 31.19
CA TRP B 400 -30.57 34.54 32.44
C TRP B 400 -29.89 33.81 33.60
N LYS B 401 -30.06 34.32 34.83
CA LYS B 401 -29.53 33.70 36.04
C LYS B 401 -30.68 32.91 36.67
N PHE B 402 -30.46 31.63 36.95
CA PHE B 402 -31.46 30.73 37.52
C PHE B 402 -31.07 30.33 38.95
N THR B 403 -31.86 30.75 39.95
CA THR B 403 -31.61 30.46 41.35
C THR B 403 -32.76 29.67 41.97
N ALA B 404 -32.46 28.68 42.82
CA ALA B 404 -33.48 27.84 43.43
C ALA B 404 -34.28 28.55 44.52
N THR B 405 -35.58 28.23 44.62
CA THR B 405 -36.48 28.78 45.64
C THR B 405 -36.44 27.91 46.90
N LYS B 406 -36.40 26.58 46.74
CA LYS B 406 -36.35 25.62 47.83
C LYS B 406 -34.89 25.28 48.13
N LYS B 407 -34.52 25.14 49.42
CA LYS B 407 -33.15 24.79 49.80
C LYS B 407 -32.78 23.33 49.49
N ASP B 408 -33.77 22.44 49.30
CA ASP B 408 -33.49 21.03 48.98
C ASP B 408 -32.95 20.81 47.55
N MET B 409 -33.06 21.80 46.65
CA MET B 409 -32.58 21.65 45.27
C MET B 409 -31.06 21.64 45.20
N SER B 410 -30.51 21.00 44.15
CA SER B 410 -29.07 20.90 43.94
C SER B 410 -28.78 20.90 42.42
N PRO B 411 -28.02 21.87 41.84
CA PRO B 411 -27.36 23.04 42.46
C PRO B 411 -28.32 24.15 42.90
N GLN B 412 -27.80 25.16 43.62
CA GLN B 412 -28.61 26.29 44.07
C GLN B 412 -28.67 27.41 43.03
N LYS B 413 -27.67 27.51 42.13
CA LYS B 413 -27.63 28.56 41.12
C LYS B 413 -26.93 28.10 39.84
N PHE B 414 -27.38 28.63 38.69
CA PHE B 414 -26.79 28.35 37.37
C PHE B 414 -27.20 29.46 36.36
N TRP B 415 -26.59 29.49 35.16
CA TRP B 415 -26.89 30.51 34.16
C TRP B 415 -27.28 29.84 32.84
N GLY B 416 -28.42 30.24 32.29
CA GLY B 416 -28.90 29.74 31.01
C GLY B 416 -28.53 30.69 29.89
N LEU B 417 -27.35 30.48 29.28
CA LEU B 417 -26.84 31.37 28.25
C LEU B 417 -27.28 30.99 26.85
N THR B 418 -27.87 31.94 26.11
CA THR B 418 -28.37 31.72 24.76
C THR B 418 -27.22 31.66 23.76
N ARG B 419 -27.22 30.64 22.87
CA ARG B 419 -26.21 30.44 21.83
C ARG B 419 -26.11 31.66 20.89
N SER B 420 -27.25 32.24 20.51
CA SER B 420 -27.33 33.40 19.61
C SER B 420 -26.56 34.65 20.06
N ALA B 421 -25.97 34.65 21.27
CA ALA B 421 -25.18 35.78 21.77
C ALA B 421 -23.79 35.38 22.27
N LEU B 422 -23.33 34.14 22.00
CA LEU B 422 -22.02 33.68 22.46
C LEU B 422 -21.06 33.41 21.30
N LEU B 423 -19.81 33.86 21.44
CA LEU B 423 -18.74 33.70 20.47
C LEU B 423 -17.63 32.82 21.08
N PRO B 424 -17.44 31.55 20.65
CA PRO B 424 -16.33 30.77 21.23
C PRO B 424 -14.99 31.37 20.82
N THR B 425 -14.26 31.91 21.81
CA THR B 425 -12.98 32.58 21.59
C THR B 425 -11.83 31.71 22.06
N ILE B 426 -10.77 31.62 21.25
CA ILE B 426 -9.57 30.87 21.64
C ILE B 426 -8.81 31.82 22.59
N PRO B 427 -8.47 31.42 23.84
CA PRO B 427 -7.75 32.36 24.72
C PRO B 427 -6.33 32.73 24.26
N ASP B 428 -5.75 33.76 24.88
CA ASP B 428 -4.41 34.31 24.61
C ASP B 428 -4.53 35.42 23.49
N THR B 429 -4.07 35.21 22.22
CA THR B 429 -4.16 36.23 21.17
C THR B 429 -4.22 35.64 19.74
N GLU B 430 -4.71 34.39 19.58
CA GLU B 430 -4.81 33.71 18.28
C GLU B 430 -6.27 33.70 17.81
N ASP B 431 -6.50 33.88 16.49
CA ASP B 431 -7.84 33.89 15.90
C ASP B 431 -8.30 32.46 15.54
N GLU B 432 -9.59 32.28 15.16
CA GLU B 432 -10.19 30.99 14.83
C GLU B 432 -9.47 30.16 13.75
N ILE B 433 -9.01 28.95 14.13
CA ILE B 433 -8.34 27.98 13.24
C ILE B 433 -8.71 26.55 13.74
N SER B 434 -8.90 25.58 12.81
CA SER B 434 -9.28 24.23 13.20
C SER B 434 -8.87 23.14 12.19
N PRO B 435 -7.77 22.38 12.41
CA PRO B 435 -7.41 21.31 11.44
C PRO B 435 -8.55 20.33 11.13
N ASP B 436 -8.86 20.17 9.83
CA ASP B 436 -9.93 19.32 9.29
C ASP B 436 -11.34 19.78 9.74
N GLY C 5 -50.68 52.50 10.45
CA GLY C 5 -50.77 52.14 11.86
C GLY C 5 -49.89 53.02 12.73
N THR C 6 -50.50 53.97 13.45
CA THR C 6 -49.75 54.90 14.31
C THR C 6 -49.37 54.23 15.66
N ALA C 7 -50.35 53.91 16.53
CA ALA C 7 -50.15 53.28 17.85
C ALA C 7 -49.07 53.93 18.72
N LYS C 8 -49.49 54.74 19.71
CA LYS C 8 -48.56 55.44 20.62
C LYS C 8 -48.20 54.61 21.84
N ALA C 9 -46.95 54.76 22.33
CA ALA C 9 -46.48 54.09 23.54
C ALA C 9 -46.92 54.92 24.74
N ARG C 10 -47.42 54.26 25.81
CA ARG C 10 -47.89 54.98 27.00
C ARG C 10 -47.12 54.66 28.28
N TYR C 11 -46.55 53.44 28.41
CA TYR C 11 -45.78 53.06 29.59
C TYR C 11 -44.45 52.41 29.19
N ASP C 12 -43.40 52.61 30.00
CA ASP C 12 -42.07 52.09 29.70
C ASP C 12 -42.01 50.58 29.92
N PHE C 13 -41.56 49.84 28.91
CA PHE C 13 -41.44 48.37 28.95
C PHE C 13 -40.03 47.96 28.49
N CYS C 14 -39.24 47.34 29.38
CA CYS C 14 -37.90 46.89 29.04
C CYS C 14 -37.96 45.49 28.44
N ALA C 15 -37.23 45.24 27.35
CA ALA C 15 -37.23 43.93 26.70
C ALA C 15 -36.46 42.91 27.52
N ARG C 16 -36.99 41.67 27.59
CA ARG C 16 -36.35 40.58 28.35
C ARG C 16 -35.48 39.65 27.48
N ASP C 17 -35.55 39.78 26.14
CA ASP C 17 -34.76 38.99 25.20
C ASP C 17 -34.64 39.73 23.84
N ARG C 18 -33.91 39.16 22.87
CA ARG C 18 -33.74 39.80 21.55
C ARG C 18 -35.05 39.87 20.72
N SER C 19 -36.10 39.11 21.09
CA SER C 19 -37.37 39.12 20.35
C SER C 19 -38.31 40.26 20.79
N GLU C 20 -38.25 40.70 22.06
CA GLU C 20 -39.12 41.78 22.56
C GLU C 20 -38.60 43.16 22.18
N LEU C 21 -39.50 44.15 22.14
CA LEU C 21 -39.18 45.54 21.77
C LEU C 21 -39.00 46.44 22.99
N SER C 22 -37.80 47.05 23.14
CA SER C 22 -37.53 47.97 24.24
C SER C 22 -38.32 49.24 23.97
N LEU C 23 -39.21 49.63 24.89
CA LEU C 23 -40.06 50.81 24.70
C LEU C 23 -39.94 51.89 25.76
N LYS C 24 -40.18 53.13 25.32
CA LYS C 24 -40.23 54.33 26.15
C LYS C 24 -41.47 55.12 25.67
N GLU C 25 -42.35 55.51 26.61
CA GLU C 25 -43.58 56.24 26.28
C GLU C 25 -43.38 57.45 25.36
N GLY C 26 -44.31 57.62 24.42
CA GLY C 26 -44.28 58.73 23.46
C GLY C 26 -44.23 58.34 22.00
N ASP C 27 -43.30 57.43 21.64
CA ASP C 27 -43.10 57.01 20.25
C ASP C 27 -44.26 56.23 19.63
N ILE C 28 -44.39 56.36 18.30
CA ILE C 28 -45.39 55.63 17.50
C ILE C 28 -44.68 54.41 16.89
N ILE C 29 -45.31 53.23 16.98
CA ILE C 29 -44.73 51.98 16.46
C ILE C 29 -45.58 51.51 15.28
N LYS C 30 -44.96 51.27 14.11
CA LYS C 30 -45.69 50.77 12.95
C LYS C 30 -46.08 49.31 13.26
N ILE C 31 -47.38 49.03 13.36
CA ILE C 31 -47.86 47.70 13.71
C ILE C 31 -47.71 46.75 12.50
N LEU C 32 -46.87 45.71 12.63
CA LEU C 32 -46.69 44.72 11.57
C LEU C 32 -47.72 43.60 11.76
N ASN C 33 -47.80 43.03 12.99
CA ASN C 33 -48.76 41.99 13.37
C ASN C 33 -49.52 42.44 14.62
N LYS C 34 -50.80 42.06 14.74
CA LYS C 34 -51.64 42.45 15.86
C LYS C 34 -52.50 41.27 16.32
N LYS C 35 -51.84 40.16 16.71
CA LYS C 35 -52.53 38.95 17.16
C LYS C 35 -51.65 38.24 18.21
N GLY C 36 -52.25 37.91 19.36
CA GLY C 36 -51.55 37.23 20.44
C GLY C 36 -52.24 37.37 21.79
N GLN C 37 -51.84 36.55 22.77
CA GLN C 37 -52.41 36.60 24.13
C GLN C 37 -52.00 37.88 24.87
N GLN C 38 -52.82 38.34 25.83
CA GLN C 38 -52.59 39.59 26.60
C GLN C 38 -52.22 40.79 25.68
N GLY C 39 -52.75 40.77 24.46
CA GLY C 39 -52.48 41.81 23.48
C GLY C 39 -51.02 41.98 23.06
N TRP C 40 -50.23 40.89 23.06
CA TRP C 40 -48.84 40.96 22.64
C TRP C 40 -48.81 41.10 21.13
N TRP C 41 -48.35 42.26 20.61
CA TRP C 41 -48.31 42.53 19.18
C TRP C 41 -46.90 42.85 18.69
N ARG C 42 -46.58 42.45 17.44
CA ARG C 42 -45.28 42.71 16.83
C ARG C 42 -45.28 44.11 16.21
N GLY C 43 -44.14 44.79 16.25
CA GLY C 43 -44.02 46.13 15.70
C GLY C 43 -42.59 46.54 15.43
N GLU C 44 -42.42 47.59 14.62
CA GLU C 44 -41.12 48.11 14.21
C GLU C 44 -41.12 49.64 14.30
N ILE C 45 -40.05 50.22 14.89
CA ILE C 45 -39.90 51.68 15.00
C ILE C 45 -38.75 52.05 14.05
N TYR C 46 -38.95 51.77 12.74
CA TYR C 46 -37.99 51.98 11.65
C TYR C 46 -36.85 50.92 11.65
N GLY C 47 -36.12 50.83 12.77
CA GLY C 47 -35.00 49.90 12.90
C GLY C 47 -35.31 48.63 13.67
N ARG C 48 -35.51 48.76 14.99
CA ARG C 48 -35.76 47.61 15.87
C ARG C 48 -37.16 47.03 15.67
N VAL C 49 -37.25 45.68 15.63
CA VAL C 49 -38.52 44.94 15.47
C VAL C 49 -38.69 44.05 16.71
N GLY C 50 -39.90 44.03 17.28
CA GLY C 50 -40.16 43.21 18.46
C GLY C 50 -41.57 43.27 18.98
N TRP C 51 -41.91 42.38 19.92
CA TRP C 51 -43.23 42.27 20.53
C TRP C 51 -43.39 43.14 21.79
N PHE C 52 -44.65 43.49 22.14
CA PHE C 52 -44.96 44.32 23.30
C PHE C 52 -46.42 44.12 23.76
N PRO C 53 -46.77 44.24 25.08
CA PRO C 53 -48.17 44.03 25.49
C PRO C 53 -49.08 45.24 25.25
N ALA C 54 -50.41 44.99 25.23
CA ALA C 54 -51.40 46.04 25.01
C ALA C 54 -51.69 46.87 26.25
N ASN C 55 -51.61 46.28 27.46
CA ASN C 55 -51.84 47.04 28.70
C ASN C 55 -50.74 48.09 28.99
N TYR C 56 -49.67 48.15 28.16
CA TYR C 56 -48.58 49.13 28.28
C TYR C 56 -48.73 50.23 27.21
N VAL C 57 -49.08 49.84 25.96
CA VAL C 57 -49.25 50.79 24.85
C VAL C 57 -50.73 50.95 24.46
N GLU C 58 -51.06 52.04 23.74
CA GLU C 58 -52.42 52.32 23.27
C GLU C 58 -52.43 52.59 21.76
N GLU C 59 -53.58 52.34 21.10
CA GLU C 59 -53.72 52.54 19.67
C GLU C 59 -53.78 54.04 19.33
#